data_5TE1
#
_entry.id   5TE1
#
_cell.length_a   98.770
_cell.length_b   73.320
_cell.length_c   131.370
_cell.angle_alpha   90.00
_cell.angle_beta   97.06
_cell.angle_gamma   90.00
#
_symmetry.space_group_name_H-M   'P 1 21 1'
#
loop_
_entity.id
_entity.type
_entity.pdbx_description
1 polymer 'ATP-citrate synthase'
2 non-polymer '3-C-carboxy-2-deoxy-L-threo-pentaric acid'
3 non-polymer 'PHOSPHATE ION'
4 non-polymer 'SODIUM ION'
5 water water
#
_entity_poly.entity_id   1
_entity_poly.type   'polypeptide(L)'
_entity_poly.pdbx_seq_one_letter_code
;MSAKAISEQTGKELLYKFISTTSAIQNRFKYARVTPDTDWARLLQDHPWLLSQNLVVKPDQLIKRRGKLGLVGVNLTLDG
VKSWLKPRLGQEATVGKATGFLKNFLIEPFVPHSQAEEFYVCIYATREGDYVLFHHEGGVDVGDVDAKAQKLLVGVDEKL
NPEDIKKHLLVHAPEDKKEILASFISGLFNFYEDLYFTYLEINPLVVTKDGVYVLDLAAKVDATADYICKVKWGDIEFPP
PFGREAYPEEAYIADLDAKSGASLKLTLLNPKGRIWTMVAGGGASVVYSDTIGDLGGVNELANYGEYSGAPSEQQTYDYA
KTILSLMTREKHPDGKILIIGGSIANFTNVAATFKGIVRAIRDYQGPLKEHEVTIFVRRGGPNYQEGLRVMGEVGKTTGI
PIHVFGTETHMTAIVGMALGHRPIPNQPPTAAHTANFLLNASGSTSTPAPSRTASFSESRADEVAPAKKAKPAMPQDSVP
SPRSLQGKSTTLFSRHTKAIVWGMQTRAVQGMLDFDYVCSRDEPSVAAMVYPFTGDHKQKFYWGHKEILIPVFKNMADAM
RKHPEVDVLINFASLRSAYDSTMETMNYAQIRTIAIIAEGIPEALTRKLIKKADQKGVTIIGPATVGGIKPGCFKIGNTG
GMLDNILASKLYRPGSVAYVSRSGGMSNELNNIISRTTDGVYEGVAIGGDRYPGSTFMDHVLRYQDTPGVKMIVVLGEIG
GTEEYKICRGIKEGRLTKPIVCWCIGTCATMFSSEVQFGHAGACANQASETAVAKNQALKEAGVFVPRSFDELGEIIQSV
YEDLVANGVIVPAQEVPAALEHHHHHHH
;
_entity_poly.pdbx_strand_id   A,B
#
loop_
_chem_comp.id
_chem_comp.type
_chem_comp.name
_chem_comp.formula
7A2 non-polymer '3-C-carboxy-2-deoxy-L-threo-pentaric acid' 'C6 H8 O8'
NA non-polymer 'SODIUM ION' 'Na 1'
PO4 non-polymer 'PHOSPHATE ION' 'O4 P -3'
#
# COMPACT_ATOMS: atom_id res chain seq x y z
N SER A 2 25.44 -10.82 -19.55
CA SER A 2 24.47 -11.80 -19.13
C SER A 2 24.50 -13.01 -20.05
N ALA A 3 24.04 -14.16 -19.56
CA ALA A 3 23.94 -15.35 -20.39
C ALA A 3 22.63 -15.31 -21.15
N LYS A 4 22.70 -15.62 -22.44
CA LYS A 4 21.55 -15.56 -23.32
C LYS A 4 21.42 -16.89 -24.05
N ALA A 5 20.18 -17.33 -24.22
CA ALA A 5 19.88 -18.52 -25.00
C ALA A 5 20.13 -18.29 -26.50
N ILE A 6 20.51 -19.38 -27.18
CA ILE A 6 20.65 -19.42 -28.62
C ILE A 6 19.72 -20.54 -29.09
N SER A 7 19.37 -20.49 -30.38
CA SER A 7 18.48 -21.49 -30.94
C SER A 7 19.22 -22.79 -31.08
N GLU A 8 18.44 -23.86 -31.22
CA GLU A 8 19.04 -25.15 -31.56
C GLU A 8 19.89 -25.05 -32.81
N GLN A 9 19.38 -24.40 -33.85
CA GLN A 9 20.17 -24.32 -35.06
C GLN A 9 21.51 -23.63 -34.82
N THR A 10 21.51 -22.50 -34.10
CA THR A 10 22.76 -21.80 -33.85
C THR A 10 23.71 -22.67 -33.06
N GLY A 11 23.20 -23.38 -32.06
CA GLY A 11 24.07 -24.23 -31.26
C GLY A 11 24.68 -25.34 -32.08
N LYS A 12 23.86 -25.99 -32.93
CA LYS A 12 24.35 -27.05 -33.79
C LYS A 12 25.33 -26.53 -34.82
N GLU A 13 25.13 -25.31 -35.31
CA GLU A 13 26.04 -24.72 -36.29
C GLU A 13 27.41 -24.48 -35.68
N LEU A 14 27.44 -23.98 -34.45
CA LEU A 14 28.70 -23.85 -33.73
C LEU A 14 29.31 -25.21 -33.47
N LEU A 15 28.49 -26.19 -33.11
CA LEU A 15 29.03 -27.49 -32.80
C LEU A 15 29.63 -28.14 -34.06
N TYR A 16 28.89 -28.09 -35.16
CA TYR A 16 29.38 -28.67 -36.42
C TYR A 16 30.63 -27.97 -36.95
N LYS A 17 30.80 -26.68 -36.66
CA LYS A 17 31.98 -25.97 -37.15
C LYS A 17 33.21 -26.21 -36.29
N PHE A 18 33.06 -26.33 -34.96
CA PHE A 18 34.18 -26.21 -34.04
C PHE A 18 34.42 -27.37 -33.12
N ILE A 19 33.51 -28.33 -32.94
CA ILE A 19 33.85 -29.45 -32.05
C ILE A 19 34.92 -30.30 -32.73
N SER A 20 35.85 -30.83 -31.95
CA SER A 20 36.95 -31.62 -32.53
C SER A 20 36.41 -32.76 -33.39
N THR A 21 37.00 -32.94 -34.58
CA THR A 21 36.55 -34.00 -35.48
C THR A 21 36.77 -35.41 -34.89
N THR A 22 37.57 -35.56 -33.82
CA THR A 22 37.88 -36.89 -33.28
C THR A 22 36.63 -37.63 -32.78
N SER A 23 35.68 -36.93 -32.20
CA SER A 23 34.39 -37.56 -31.99
C SER A 23 33.68 -37.78 -33.33
N ALA A 24 32.98 -38.91 -33.47
CA ALA A 24 32.48 -39.32 -34.78
C ALA A 24 31.08 -38.73 -35.05
N ILE A 25 31.04 -37.41 -35.24
CA ILE A 25 29.78 -36.70 -35.40
C ILE A 25 29.14 -37.03 -36.74
N GLN A 26 27.84 -37.34 -36.71
CA GLN A 26 27.06 -37.69 -37.89
C GLN A 26 26.05 -36.61 -38.23
N ASN A 27 25.68 -36.54 -39.52
CA ASN A 27 24.66 -35.65 -40.09
C ASN A 27 25.05 -34.20 -39.95
N ARG A 28 26.36 -34.00 -39.94
CA ARG A 28 26.95 -32.69 -39.92
C ARG A 28 26.32 -31.80 -40.99
N PHE A 29 25.77 -30.66 -40.55
CA PHE A 29 25.20 -29.60 -41.38
C PHE A 29 23.96 -30.01 -42.14
N LYS A 30 23.40 -31.17 -41.83
CA LYS A 30 22.13 -31.61 -42.41
C LYS A 30 21.01 -31.06 -41.55
N TYR A 31 20.73 -29.77 -41.73
CA TYR A 31 19.56 -29.13 -41.16
C TYR A 31 19.13 -28.07 -42.16
N ALA A 32 17.83 -27.74 -42.11
CA ALA A 32 17.24 -26.74 -42.98
C ALA A 32 16.22 -25.91 -42.19
N ARG A 33 16.40 -24.60 -42.20
CA ARG A 33 15.53 -23.67 -41.52
C ARG A 33 14.34 -23.32 -42.42
N VAL A 34 13.16 -23.31 -41.82
CA VAL A 34 11.93 -22.98 -42.53
C VAL A 34 11.21 -21.90 -41.74
N THR A 35 10.85 -20.83 -42.44
CA THR A 35 10.00 -19.75 -41.94
C THR A 35 8.94 -19.47 -42.99
N PRO A 36 7.97 -18.61 -42.69
CA PRO A 36 6.90 -18.38 -43.67
C PRO A 36 7.38 -17.93 -45.02
N ASP A 37 8.50 -17.20 -45.12
CA ASP A 37 8.99 -16.66 -46.37
C ASP A 37 10.02 -17.56 -47.03
N THR A 38 10.06 -18.85 -46.70
CA THR A 38 11.07 -19.75 -47.24
C THR A 38 10.79 -20.02 -48.71
N ASP A 39 11.86 -19.98 -49.53
CA ASP A 39 11.79 -20.38 -50.92
C ASP A 39 12.09 -21.86 -50.96
N TRP A 40 11.07 -22.68 -51.15
CA TRP A 40 11.28 -24.12 -51.04
C TRP A 40 12.14 -24.63 -52.16
N ALA A 41 12.11 -23.97 -53.32
CA ALA A 41 12.98 -24.38 -54.41
C ALA A 41 14.45 -24.18 -54.03
N ARG A 42 14.83 -22.98 -53.61
CA ARG A 42 16.21 -22.80 -53.15
C ARG A 42 16.51 -23.75 -52.00
N LEU A 43 15.53 -24.00 -51.11
CA LEU A 43 15.78 -24.87 -49.97
C LEU A 43 16.19 -26.25 -50.43
N LEU A 44 15.50 -26.80 -51.43
CA LEU A 44 15.85 -28.14 -51.88
C LEU A 44 17.19 -28.13 -52.61
N GLN A 45 17.53 -27.05 -53.31
CA GLN A 45 18.85 -26.92 -53.92
C GLN A 45 19.95 -26.90 -52.85
N ASP A 46 19.77 -26.07 -51.81
CA ASP A 46 20.80 -25.92 -50.78
C ASP A 46 20.92 -27.18 -49.92
N HIS A 47 19.81 -27.89 -49.68
CA HIS A 47 19.84 -29.11 -48.88
C HIS A 47 19.27 -30.31 -49.65
N PRO A 48 20.01 -30.83 -50.63
CA PRO A 48 19.48 -31.94 -51.44
C PRO A 48 19.15 -33.21 -50.66
N TRP A 49 19.74 -33.44 -49.48
CA TRP A 49 19.42 -34.60 -48.65
C TRP A 49 17.96 -34.61 -48.18
N LEU A 50 17.23 -33.49 -48.30
CA LEU A 50 15.80 -33.47 -47.97
C LEU A 50 14.97 -34.39 -48.85
N LEU A 51 15.42 -34.70 -50.04
CA LEU A 51 14.62 -35.49 -50.95
C LEU A 51 14.92 -36.98 -50.88
N SER A 52 15.95 -37.39 -50.12
CA SER A 52 16.47 -38.75 -50.18
C SER A 52 16.39 -39.53 -48.88
N GLN A 53 15.76 -38.99 -47.84
CA GLN A 53 15.64 -39.75 -46.60
C GLN A 53 14.50 -39.17 -45.79
N ASN A 54 13.99 -39.97 -44.87
CA ASN A 54 12.92 -39.49 -43.99
C ASN A 54 13.49 -38.46 -43.03
N LEU A 55 12.58 -37.67 -42.47
CA LEU A 55 12.89 -36.40 -41.86
C LEU A 55 12.21 -36.29 -40.51
N VAL A 56 12.71 -35.35 -39.72
CA VAL A 56 12.10 -34.90 -38.48
C VAL A 56 11.96 -33.39 -38.61
N VAL A 57 10.85 -32.84 -38.15
CA VAL A 57 10.63 -31.40 -38.20
C VAL A 57 10.04 -30.98 -36.85
N LYS A 58 10.42 -29.79 -36.38
CA LYS A 58 10.02 -29.26 -35.08
C LYS A 58 10.30 -27.77 -35.07
N PRO A 59 9.60 -26.99 -34.23
CA PRO A 59 9.91 -25.57 -34.11
C PRO A 59 11.19 -25.35 -33.31
N ASP A 60 11.90 -24.27 -33.67
CA ASP A 60 13.18 -23.90 -33.04
C ASP A 60 13.06 -22.46 -32.58
N GLN A 61 12.41 -22.28 -31.43
CA GLN A 61 12.07 -20.98 -30.88
C GLN A 61 12.14 -20.98 -29.36
N LEU A 62 13.07 -21.78 -28.81
CA LEU A 62 13.28 -21.85 -27.36
C LEU A 62 12.05 -22.35 -26.63
N ILE A 63 11.31 -23.23 -27.29
CA ILE A 63 10.27 -24.06 -26.67
C ILE A 63 10.94 -25.30 -26.11
N LYS A 64 10.65 -25.63 -24.86
CA LYS A 64 11.18 -26.83 -24.23
C LYS A 64 10.12 -27.94 -24.21
N ARG A 65 10.61 -29.19 -24.27
CA ARG A 65 9.73 -30.36 -24.28
C ARG A 65 8.75 -30.31 -25.45
N ARG A 66 9.30 -30.02 -26.64
CA ARG A 66 8.48 -29.98 -27.86
C ARG A 66 7.84 -31.34 -28.13
N GLY A 67 8.57 -32.42 -27.88
CA GLY A 67 8.08 -33.77 -28.05
C GLY A 67 6.80 -34.03 -27.28
N LYS A 68 6.84 -33.94 -25.95
CA LYS A 68 5.65 -34.24 -25.16
C LYS A 68 4.52 -33.21 -25.38
N LEU A 69 4.82 -32.05 -25.95
CA LEU A 69 3.77 -31.13 -26.40
C LEU A 69 3.19 -31.47 -27.78
N GLY A 70 3.77 -32.42 -28.50
CA GLY A 70 3.27 -32.78 -29.81
C GLY A 70 3.56 -31.77 -30.89
N LEU A 71 4.70 -31.08 -30.79
CA LEU A 71 5.14 -30.16 -31.83
C LEU A 71 6.29 -30.73 -32.62
N VAL A 72 6.34 -32.05 -32.77
CA VAL A 72 7.40 -32.73 -33.49
C VAL A 72 6.77 -33.69 -34.50
N GLY A 73 7.08 -33.50 -35.78
CA GLY A 73 6.73 -34.46 -36.80
C GLY A 73 7.91 -35.37 -37.09
N VAL A 74 7.68 -36.68 -36.94
CA VAL A 74 8.76 -37.66 -36.88
C VAL A 74 8.63 -38.68 -38.00
N ASN A 75 9.75 -38.98 -38.65
CA ASN A 75 9.86 -40.02 -39.66
C ASN A 75 8.88 -39.78 -40.82
N LEU A 76 8.95 -38.57 -41.39
CA LEU A 76 8.13 -38.15 -42.50
C LEU A 76 8.98 -38.02 -43.76
N THR A 77 8.36 -38.26 -44.91
CA THR A 77 8.96 -37.85 -46.17
C THR A 77 8.89 -36.34 -46.27
N LEU A 78 9.44 -35.79 -47.35
CA LEU A 78 9.45 -34.34 -47.49
C LEU A 78 8.02 -33.80 -47.67
N ASP A 79 7.18 -34.49 -48.44
CA ASP A 79 5.80 -34.03 -48.58
C ASP A 79 5.03 -34.23 -47.28
N GLY A 80 5.39 -35.24 -46.48
CA GLY A 80 4.82 -35.38 -45.15
C GLY A 80 5.19 -34.22 -44.25
N VAL A 81 6.38 -33.66 -44.45
CA VAL A 81 6.78 -32.48 -43.70
C VAL A 81 5.97 -31.26 -44.14
N LYS A 82 5.80 -31.08 -45.46
CA LYS A 82 5.02 -29.94 -45.99
C LYS A 82 3.55 -30.01 -45.55
N SER A 83 2.96 -31.21 -45.56
CA SER A 83 1.62 -31.32 -45.01
C SER A 83 1.61 -31.04 -43.52
N TRP A 84 2.58 -31.61 -42.79
CA TRP A 84 2.70 -31.36 -41.35
C TRP A 84 2.85 -29.87 -41.06
N LEU A 85 3.60 -29.15 -41.89
CA LEU A 85 3.76 -27.72 -41.63
C LEU A 85 2.49 -26.93 -41.95
N LYS A 86 1.69 -27.40 -42.90
CA LYS A 86 0.65 -26.55 -43.51
C LYS A 86 -0.35 -26.01 -42.49
N PRO A 87 -0.94 -26.81 -41.59
CA PRO A 87 -1.82 -26.26 -40.55
C PRO A 87 -1.11 -25.63 -39.36
N ARG A 88 0.22 -25.70 -39.31
CA ARG A 88 0.96 -25.24 -38.16
C ARG A 88 1.73 -23.97 -38.42
N LEU A 89 2.40 -23.87 -39.56
CA LEU A 89 3.22 -22.70 -39.81
C LEU A 89 2.34 -21.46 -39.88
N GLY A 90 2.73 -20.42 -39.15
CA GLY A 90 1.98 -19.18 -39.08
C GLY A 90 0.94 -19.12 -37.96
N GLN A 91 0.59 -20.25 -37.35
CA GLN A 91 -0.46 -20.32 -36.34
C GLN A 91 0.07 -20.16 -34.92
N GLU A 92 -0.75 -19.59 -34.03
CA GLU A 92 -0.33 -19.38 -32.65
C GLU A 92 -0.58 -20.65 -31.82
N ALA A 93 0.30 -20.86 -30.85
CA ALA A 93 0.28 -21.97 -29.93
C ALA A 93 0.47 -21.45 -28.51
N THR A 94 0.08 -22.26 -27.53
CA THR A 94 0.19 -21.91 -26.13
C THR A 94 1.18 -22.85 -25.44
N VAL A 95 2.14 -22.26 -24.73
CA VAL A 95 3.15 -23.00 -24.00
C VAL A 95 3.32 -22.31 -22.66
N GLY A 96 2.92 -22.97 -21.59
CA GLY A 96 2.92 -22.31 -20.28
C GLY A 96 1.98 -21.13 -20.26
N LYS A 97 2.42 -20.05 -19.60
CA LYS A 97 1.70 -18.78 -19.64
C LYS A 97 1.82 -18.08 -20.98
N ALA A 98 2.64 -18.58 -21.89
CA ALA A 98 3.06 -17.86 -23.09
C ALA A 98 2.36 -18.37 -24.35
N THR A 99 2.01 -17.43 -25.21
CA THR A 99 1.38 -17.71 -26.48
C THR A 99 2.13 -16.94 -27.57
N GLY A 100 2.41 -17.59 -28.69
CA GLY A 100 3.11 -16.91 -29.78
C GLY A 100 2.91 -17.67 -31.07
N PHE A 101 3.41 -17.08 -32.15
CA PHE A 101 3.26 -17.73 -33.45
C PHE A 101 4.43 -18.66 -33.73
N LEU A 102 4.12 -19.81 -34.28
CA LEU A 102 5.12 -20.78 -34.70
C LEU A 102 5.63 -20.36 -36.06
N LYS A 103 6.76 -19.63 -36.07
CA LYS A 103 7.32 -18.97 -37.24
C LYS A 103 8.67 -19.52 -37.71
N ASN A 104 9.28 -20.45 -36.95
CA ASN A 104 10.66 -20.86 -37.23
C ASN A 104 10.82 -22.35 -36.97
N PHE A 105 11.00 -23.11 -38.04
CA PHE A 105 11.08 -24.56 -37.91
C PHE A 105 12.41 -25.08 -38.43
N LEU A 106 12.74 -26.25 -37.93
CA LEU A 106 13.95 -26.97 -38.28
C LEU A 106 13.60 -28.35 -38.82
N ILE A 107 14.12 -28.68 -40.01
CA ILE A 107 14.06 -30.01 -40.60
C ILE A 107 15.44 -30.65 -40.46
N GLU A 108 15.50 -31.88 -39.95
CA GLU A 108 16.76 -32.61 -39.91
C GLU A 108 16.47 -34.01 -40.39
N PRO A 109 17.47 -34.86 -40.63
CA PRO A 109 17.18 -36.25 -40.99
C PRO A 109 16.60 -37.02 -39.81
N PHE A 110 15.78 -38.01 -40.14
CA PHE A 110 15.35 -38.97 -39.14
C PHE A 110 16.50 -39.93 -38.88
N VAL A 111 16.71 -40.24 -37.60
CA VAL A 111 17.75 -41.14 -37.15
C VAL A 111 17.08 -42.31 -36.44
N PRO A 112 16.94 -43.45 -37.12
CA PRO A 112 16.44 -44.65 -36.44
C PRO A 112 17.39 -45.08 -35.35
N HIS A 113 16.84 -45.49 -34.21
CA HIS A 113 17.65 -46.00 -33.11
C HIS A 113 16.72 -46.66 -32.09
N SER A 114 17.33 -47.25 -31.09
CA SER A 114 16.60 -47.87 -30.01
C SER A 114 16.75 -47.03 -28.74
N GLN A 115 15.90 -47.33 -27.76
CA GLN A 115 15.97 -46.66 -26.46
C GLN A 115 17.38 -46.72 -25.89
N ALA A 116 18.00 -47.90 -25.95
CA ALA A 116 19.32 -48.09 -25.36
C ALA A 116 20.41 -47.25 -25.99
N GLU A 117 20.15 -46.61 -27.13
CA GLU A 117 21.13 -45.76 -27.78
C GLU A 117 20.95 -44.28 -27.44
N GLU A 118 20.00 -43.97 -26.57
CA GLU A 118 19.75 -42.60 -26.14
C GLU A 118 20.50 -42.34 -24.84
N PHE A 119 21.12 -41.15 -24.77
CA PHE A 119 21.92 -40.69 -23.64
C PHE A 119 21.62 -39.23 -23.41
N TYR A 120 21.96 -38.77 -22.21
CA TYR A 120 21.77 -37.39 -21.80
C TYR A 120 23.12 -36.83 -21.40
N VAL A 121 23.45 -35.63 -21.89
CA VAL A 121 24.63 -34.89 -21.44
C VAL A 121 24.20 -33.46 -21.20
N CYS A 122 24.77 -32.85 -20.17
CA CYS A 122 24.55 -31.44 -19.86
C CYS A 122 25.79 -30.89 -19.21
N ILE A 123 26.14 -29.66 -19.58
CA ILE A 123 27.25 -28.94 -18.96
C ILE A 123 26.73 -27.58 -18.55
N TYR A 124 26.95 -27.19 -17.27
CA TYR A 124 26.48 -25.89 -16.82
C TYR A 124 27.44 -25.23 -15.84
N ALA A 125 27.42 -23.91 -15.85
CA ALA A 125 28.33 -23.12 -15.03
C ALA A 125 27.76 -22.77 -13.66
N THR A 126 28.64 -22.82 -12.68
CA THR A 126 28.46 -22.28 -11.35
C THR A 126 29.72 -21.50 -10.96
N ARG A 127 29.63 -20.80 -9.84
CA ARG A 127 30.76 -20.06 -9.27
C ARG A 127 31.98 -20.96 -9.11
N GLU A 128 31.79 -22.20 -8.73
CA GLU A 128 32.93 -23.02 -8.37
C GLU A 128 33.45 -23.84 -9.54
N GLY A 129 32.83 -23.71 -10.74
CA GLY A 129 33.23 -24.41 -11.95
C GLY A 129 32.03 -24.90 -12.73
N ASP A 130 32.29 -25.78 -13.70
CA ASP A 130 31.27 -26.28 -14.60
C ASP A 130 31.00 -27.75 -14.32
N TYR A 131 29.73 -28.10 -14.15
CA TYR A 131 29.33 -29.46 -13.89
C TYR A 131 28.98 -30.18 -15.17
N VAL A 132 29.33 -31.44 -15.23
CA VAL A 132 29.02 -32.30 -16.36
C VAL A 132 28.13 -33.40 -15.87
N LEU A 133 27.00 -33.57 -16.55
CA LEU A 133 25.99 -34.55 -16.22
C LEU A 133 25.89 -35.55 -17.34
N PHE A 134 25.80 -36.81 -16.97
CA PHE A 134 25.65 -37.91 -17.91
C PHE A 134 24.61 -38.87 -17.37
N HIS A 135 23.80 -39.41 -18.27
CA HIS A 135 22.80 -40.36 -17.84
C HIS A 135 22.41 -41.23 -19.03
N HIS A 136 22.39 -42.54 -18.81
CA HIS A 136 21.88 -43.47 -19.82
C HIS A 136 20.37 -43.57 -19.65
N GLU A 137 19.65 -43.34 -20.74
CA GLU A 137 18.19 -43.33 -20.67
C GLU A 137 17.62 -41.98 -21.08
N ALA A 149 21.44 -38.87 -12.13
CA ALA A 149 22.45 -38.74 -13.19
C ALA A 149 23.84 -38.65 -12.59
N GLN A 150 24.82 -39.17 -13.31
CA GLN A 150 26.18 -39.03 -12.83
C GLN A 150 26.62 -37.58 -13.03
N LYS A 151 27.45 -37.11 -12.11
CA LYS A 151 27.77 -35.71 -12.01
C LYS A 151 29.25 -35.56 -11.65
N LEU A 152 29.91 -34.65 -12.34
CA LEU A 152 31.33 -34.40 -12.23
C LEU A 152 31.51 -32.88 -12.21
N LEU A 153 32.28 -32.33 -11.28
CA LEU A 153 32.67 -30.92 -11.29
C LEU A 153 34.06 -30.72 -11.90
N VAL A 154 34.13 -29.92 -12.95
CA VAL A 154 35.42 -29.42 -13.44
C VAL A 154 35.64 -28.05 -12.81
N GLY A 155 36.63 -27.99 -11.91
CA GLY A 155 36.92 -26.78 -11.17
C GLY A 155 37.43 -25.67 -12.06
N VAL A 156 37.33 -24.46 -11.51
CA VAL A 156 37.74 -23.25 -12.21
C VAL A 156 39.19 -23.39 -12.64
N ASP A 157 39.43 -23.33 -13.95
CA ASP A 157 40.78 -23.36 -14.50
C ASP A 157 41.39 -24.74 -14.36
N GLU A 158 40.56 -25.78 -14.29
CA GLU A 158 41.02 -27.15 -14.31
C GLU A 158 40.70 -27.76 -15.68
N LYS A 159 41.19 -28.98 -15.90
CA LYS A 159 40.90 -29.72 -17.12
C LYS A 159 39.97 -30.89 -16.84
N LEU A 160 39.24 -31.30 -17.85
CA LEU A 160 38.46 -32.52 -17.72
C LEU A 160 39.38 -33.72 -17.97
N ASN A 161 39.60 -34.50 -16.92
CA ASN A 161 40.40 -35.72 -16.95
C ASN A 161 39.64 -36.85 -17.62
N PRO A 162 39.97 -37.23 -18.86
CA PRO A 162 39.19 -38.27 -19.53
C PRO A 162 39.16 -39.61 -18.79
N GLU A 163 39.94 -39.81 -17.74
CA GLU A 163 39.71 -41.00 -16.91
C GLU A 163 38.73 -40.74 -15.76
N ASP A 164 38.53 -39.48 -15.37
CA ASP A 164 37.37 -39.18 -14.52
C ASP A 164 36.05 -39.34 -15.30
N ILE A 165 36.04 -39.03 -16.60
CA ILE A 165 34.84 -39.29 -17.41
C ILE A 165 34.47 -40.78 -17.37
N LYS A 166 35.46 -41.65 -17.62
CA LYS A 166 35.20 -43.08 -17.73
C LYS A 166 34.93 -43.69 -16.38
N LYS A 167 35.64 -43.22 -15.34
CA LYS A 167 35.53 -43.81 -14.00
C LYS A 167 34.34 -43.25 -13.20
N HIS A 168 33.92 -42.00 -13.44
CA HIS A 168 32.81 -41.39 -12.71
C HIS A 168 31.55 -41.24 -13.54
N LEU A 169 31.60 -40.69 -14.77
CA LEU A 169 30.35 -40.48 -15.49
C LEU A 169 29.82 -41.76 -16.14
N LEU A 170 30.69 -42.60 -16.68
CA LEU A 170 30.30 -43.74 -17.50
C LEU A 170 30.28 -45.09 -16.73
N VAL A 171 30.17 -45.07 -15.39
CA VAL A 171 30.25 -46.30 -14.59
C VAL A 171 29.18 -47.32 -15.00
N HIS A 172 28.00 -46.86 -15.41
CA HIS A 172 26.90 -47.74 -15.78
C HIS A 172 26.73 -47.89 -17.29
N ALA A 173 27.71 -47.40 -18.10
CA ALA A 173 27.46 -47.41 -19.54
C ALA A 173 28.01 -48.67 -20.18
N PRO A 174 27.40 -49.13 -21.27
CA PRO A 174 27.90 -50.34 -21.92
C PRO A 174 29.35 -50.15 -22.35
N GLU A 175 30.19 -51.13 -22.00
CA GLU A 175 31.63 -50.97 -22.16
C GLU A 175 32.02 -50.69 -23.61
N ASP A 176 31.28 -51.22 -24.58
CA ASP A 176 31.60 -51.02 -26.00
C ASP A 176 31.29 -49.61 -26.49
N LYS A 177 30.61 -48.77 -25.71
CA LYS A 177 30.35 -47.39 -26.09
C LYS A 177 31.18 -46.40 -25.30
N LYS A 178 31.96 -46.85 -24.31
CA LYS A 178 32.64 -45.94 -23.39
C LYS A 178 33.66 -45.06 -24.09
N GLU A 179 34.41 -45.61 -25.04
CA GLU A 179 35.48 -44.83 -25.65
C GLU A 179 34.93 -43.72 -26.53
N ILE A 180 33.87 -43.99 -27.30
CA ILE A 180 33.26 -42.94 -28.10
C ILE A 180 32.51 -41.94 -27.21
N LEU A 181 31.88 -42.42 -26.14
CA LEU A 181 31.23 -41.49 -25.22
C LEU A 181 32.25 -40.56 -24.57
N ALA A 182 33.39 -41.10 -24.14
CA ALA A 182 34.40 -40.28 -23.46
C ALA A 182 35.00 -39.27 -24.39
N SER A 183 35.33 -39.69 -25.61
CA SER A 183 35.80 -38.77 -26.64
C SER A 183 34.76 -37.67 -26.91
N PHE A 184 33.51 -38.04 -27.12
CA PHE A 184 32.50 -37.00 -27.33
C PHE A 184 32.44 -36.05 -26.15
N ILE A 185 32.42 -36.57 -24.92
CA ILE A 185 32.27 -35.71 -23.75
C ILE A 185 33.47 -34.78 -23.58
N SER A 186 34.69 -35.32 -23.81
CA SER A 186 35.88 -34.48 -23.82
C SER A 186 35.78 -33.38 -24.86
N GLY A 187 35.46 -33.74 -26.10
CA GLY A 187 35.32 -32.74 -27.15
C GLY A 187 34.22 -31.72 -26.85
N LEU A 188 33.07 -32.19 -26.36
CA LEU A 188 31.99 -31.26 -25.99
C LEU A 188 32.44 -30.25 -24.92
N PHE A 189 33.24 -30.68 -23.93
CA PHE A 189 33.63 -29.77 -22.85
C PHE A 189 34.64 -28.74 -23.33
N ASN A 190 35.62 -29.16 -24.14
CA ASN A 190 36.51 -28.18 -24.75
C ASN A 190 35.74 -27.22 -25.65
N PHE A 191 34.75 -27.71 -26.35
CA PHE A 191 33.93 -26.82 -27.17
C PHE A 191 33.19 -25.82 -26.31
N TYR A 192 32.72 -26.26 -25.13
CA TYR A 192 31.93 -25.42 -24.22
C TYR A 192 32.75 -24.28 -23.64
N GLU A 193 34.00 -24.56 -23.24
CA GLU A 193 34.86 -23.54 -22.64
C GLU A 193 35.29 -22.55 -23.69
N ASP A 194 35.78 -23.05 -24.83
CA ASP A 194 36.37 -22.19 -25.85
C ASP A 194 35.36 -21.17 -26.40
N LEU A 195 34.10 -21.56 -26.55
CA LEU A 195 33.06 -20.65 -27.05
C LEU A 195 32.25 -19.99 -25.93
N TYR A 196 32.66 -20.12 -24.67
CA TYR A 196 32.08 -19.35 -23.58
C TYR A 196 30.59 -19.63 -23.41
N PHE A 197 30.24 -20.92 -23.43
CA PHE A 197 28.92 -21.37 -23.05
C PHE A 197 28.77 -21.33 -21.54
N THR A 198 27.54 -21.17 -21.06
CA THR A 198 27.21 -21.35 -19.64
C THR A 198 26.20 -22.46 -19.38
N TYR A 199 25.59 -22.98 -20.43
CA TYR A 199 24.61 -24.03 -20.30
C TYR A 199 24.58 -24.71 -21.66
N LEU A 200 24.64 -26.03 -21.65
CA LEU A 200 24.62 -26.82 -22.86
C LEU A 200 24.04 -28.19 -22.53
N GLU A 201 22.88 -28.50 -23.10
CA GLU A 201 22.19 -29.75 -22.83
C GLU A 201 21.86 -30.44 -24.14
N ILE A 202 22.22 -31.71 -24.22
CA ILE A 202 21.91 -32.56 -25.37
C ILE A 202 21.10 -33.74 -24.87
N ASN A 203 19.88 -33.86 -25.38
CA ASN A 203 18.87 -34.70 -24.78
C ASN A 203 17.77 -35.08 -25.79
N PRO A 204 17.93 -36.20 -26.49
CA PRO A 204 18.98 -37.20 -26.36
C PRO A 204 20.19 -36.98 -27.29
N LEU A 205 21.36 -37.38 -26.79
CA LEU A 205 22.48 -37.76 -27.62
C LEU A 205 22.25 -39.18 -28.08
N VAL A 206 22.26 -39.43 -29.39
CA VAL A 206 22.08 -40.79 -29.89
C VAL A 206 23.45 -41.33 -30.32
N VAL A 207 23.79 -42.52 -29.83
CA VAL A 207 25.05 -43.19 -30.19
C VAL A 207 24.68 -44.54 -30.80
N THR A 208 24.94 -44.69 -32.09
CA THR A 208 24.78 -45.98 -32.78
C THR A 208 26.14 -46.48 -33.29
N LYS A 209 26.10 -47.62 -33.99
CA LYS A 209 27.32 -48.12 -34.61
C LYS A 209 27.93 -47.09 -35.55
N ASP A 210 27.11 -46.24 -36.15
CA ASP A 210 27.59 -45.32 -37.18
C ASP A 210 28.13 -44.00 -36.64
N GLY A 211 28.13 -43.80 -35.31
CA GLY A 211 28.67 -42.60 -34.68
C GLY A 211 27.65 -41.90 -33.76
N VAL A 212 27.85 -40.60 -33.58
CA VAL A 212 27.12 -39.79 -32.61
C VAL A 212 26.18 -38.85 -33.37
N TYR A 213 24.91 -38.84 -32.98
CA TYR A 213 23.92 -37.90 -33.50
C TYR A 213 23.46 -36.97 -32.39
N VAL A 214 23.37 -35.68 -32.68
CA VAL A 214 22.91 -34.68 -31.71
C VAL A 214 21.45 -34.39 -32.05
N LEU A 215 20.51 -35.02 -31.32
CA LEU A 215 19.11 -34.89 -31.70
C LEU A 215 18.46 -33.65 -31.12
N ASP A 216 18.87 -33.20 -29.95
CA ASP A 216 18.29 -32.00 -29.39
C ASP A 216 19.37 -31.21 -28.68
N LEU A 217 19.32 -29.91 -28.83
CA LEU A 217 20.34 -29.03 -28.28
C LEU A 217 19.65 -27.80 -27.68
N ALA A 218 19.92 -27.53 -26.41
CA ALA A 218 19.57 -26.28 -25.76
C ALA A 218 20.84 -25.70 -25.16
N ALA A 219 21.02 -24.37 -25.27
CA ALA A 219 22.26 -23.77 -24.82
C ALA A 219 22.13 -22.28 -24.52
N LYS A 220 23.06 -21.79 -23.70
CA LYS A 220 23.23 -20.38 -23.39
C LYS A 220 24.72 -20.02 -23.43
N VAL A 221 25.03 -18.84 -23.97
CA VAL A 221 26.39 -18.32 -23.99
C VAL A 221 26.45 -17.01 -23.20
N ASP A 222 27.60 -16.75 -22.62
CA ASP A 222 27.91 -15.48 -21.97
C ASP A 222 28.12 -14.40 -23.03
N ALA A 223 27.10 -13.57 -23.25
CA ALA A 223 27.13 -12.59 -24.33
C ALA A 223 28.18 -11.52 -24.14
N THR A 224 28.62 -11.27 -22.91
CA THR A 224 29.70 -10.30 -22.64
C THR A 224 31.04 -10.74 -23.20
N ALA A 225 31.18 -11.99 -23.66
CA ALA A 225 32.46 -12.46 -24.21
C ALA A 225 32.59 -12.19 -25.71
N ASP A 226 31.75 -11.32 -26.27
CA ASP A 226 31.72 -11.11 -27.72
C ASP A 226 33.08 -10.66 -28.24
N TYR A 227 33.74 -9.74 -27.53
CA TYR A 227 35.09 -9.33 -27.91
C TYR A 227 36.10 -10.47 -27.89
N ILE A 228 35.76 -11.64 -27.32
CA ILE A 228 36.67 -12.78 -27.36
C ILE A 228 36.29 -13.76 -28.47
N CYS A 229 35.00 -13.94 -28.71
CA CYS A 229 34.47 -14.99 -29.56
C CYS A 229 33.93 -14.48 -30.89
N LYS A 230 34.02 -13.18 -31.17
CA LYS A 230 33.61 -12.63 -32.46
C LYS A 230 33.79 -13.63 -33.61
N VAL A 231 35.02 -14.08 -33.84
CA VAL A 231 35.31 -14.82 -35.06
C VAL A 231 34.45 -16.06 -35.16
N LYS A 232 34.41 -16.85 -34.09
CA LYS A 232 33.74 -18.14 -34.05
C LYS A 232 32.22 -18.00 -33.94
N TRP A 233 31.77 -17.02 -33.17
CA TRP A 233 30.33 -16.80 -33.07
C TRP A 233 29.80 -16.26 -34.38
N GLY A 234 30.56 -15.43 -35.07
CA GLY A 234 29.98 -14.80 -36.23
C GLY A 234 28.85 -13.87 -35.83
N ASP A 235 27.81 -13.87 -36.65
CA ASP A 235 26.70 -12.92 -36.49
C ASP A 235 25.59 -13.61 -35.71
N ILE A 236 25.87 -13.83 -34.42
CA ILE A 236 25.10 -14.76 -33.60
C ILE A 236 23.82 -14.07 -33.16
N GLU A 237 22.70 -14.78 -33.21
CA GLU A 237 21.38 -14.27 -32.83
C GLU A 237 20.97 -14.83 -31.47
N PHE A 238 20.42 -13.95 -30.64
CA PHE A 238 19.90 -14.28 -29.32
C PHE A 238 18.39 -14.17 -29.36
N PRO A 239 17.66 -15.26 -29.61
CA PRO A 239 16.22 -15.16 -29.79
C PRO A 239 15.53 -14.66 -28.54
N PRO A 240 14.38 -14.01 -28.68
CA PRO A 240 13.55 -13.72 -27.50
C PRO A 240 12.94 -15.00 -26.97
N PRO A 241 12.50 -14.99 -25.72
CA PRO A 241 11.81 -16.15 -25.16
C PRO A 241 10.51 -16.39 -25.93
N PHE A 242 10.04 -17.63 -25.91
CA PHE A 242 8.83 -17.90 -26.66
C PHE A 242 7.69 -17.08 -26.09
N GLY A 243 6.93 -16.44 -26.97
CA GLY A 243 5.84 -15.58 -26.56
C GLY A 243 6.15 -14.10 -26.66
N ARG A 244 7.40 -13.72 -26.91
CA ARG A 244 7.73 -12.36 -27.30
C ARG A 244 8.30 -12.35 -28.71
N GLU A 245 8.40 -11.15 -29.24
CA GLU A 245 8.96 -10.91 -30.55
C GLU A 245 10.22 -10.07 -30.41
N ALA A 246 11.10 -10.16 -31.41
CA ALA A 246 12.25 -9.29 -31.51
C ALA A 246 11.86 -8.03 -32.27
N TYR A 247 12.48 -6.92 -31.90
CA TYR A 247 12.08 -5.65 -32.46
C TYR A 247 13.32 -4.92 -32.94
N PRO A 248 13.25 -4.24 -34.09
CA PRO A 248 14.41 -3.53 -34.61
C PRO A 248 14.92 -2.47 -33.67
N GLU A 249 14.04 -1.89 -32.86
CA GLU A 249 14.50 -0.85 -31.94
C GLU A 249 15.34 -1.42 -30.82
N GLU A 250 15.09 -2.67 -30.45
CA GLU A 250 15.93 -3.33 -29.47
C GLU A 250 17.34 -3.50 -29.98
N ALA A 251 17.48 -3.88 -31.24
CA ALA A 251 18.81 -4.03 -31.84
C ALA A 251 19.53 -2.69 -31.95
N TYR A 252 18.81 -1.63 -32.28
CA TYR A 252 19.42 -0.31 -32.31
C TYR A 252 20.02 0.04 -30.95
N ILE A 253 19.24 -0.19 -29.89
CA ILE A 253 19.74 0.12 -28.57
C ILE A 253 20.92 -0.79 -28.24
N ALA A 254 20.82 -2.07 -28.60
CA ALA A 254 21.95 -2.98 -28.42
C ALA A 254 23.18 -2.47 -29.13
N ASP A 255 23.00 -1.98 -30.35
CA ASP A 255 24.08 -1.40 -31.12
C ASP A 255 24.69 -0.19 -30.40
N LEU A 256 23.85 0.70 -29.85
CA LEU A 256 24.39 1.80 -29.06
C LEU A 256 25.09 1.30 -27.81
N ASP A 257 24.62 0.20 -27.23
CA ASP A 257 25.28 -0.24 -26.01
C ASP A 257 26.68 -0.75 -26.34
N ALA A 258 26.85 -1.37 -27.51
CA ALA A 258 28.16 -1.91 -27.91
C ALA A 258 29.19 -0.79 -28.07
N LYS A 259 28.75 0.39 -28.44
CA LYS A 259 29.61 1.53 -28.68
C LYS A 259 29.74 2.41 -27.47
N SER A 260 29.50 1.88 -26.28
CA SER A 260 29.40 2.73 -25.08
C SER A 260 30.13 2.08 -23.93
N GLY A 261 30.87 2.90 -23.19
CA GLY A 261 31.29 2.49 -21.86
C GLY A 261 30.11 2.41 -20.92
N ALA A 262 29.10 3.24 -21.14
CA ALA A 262 27.85 3.20 -20.39
C ALA A 262 27.03 2.00 -20.82
N SER A 263 26.05 1.65 -19.99
CA SER A 263 25.11 0.56 -20.22
C SER A 263 23.76 1.08 -20.67
N LEU A 264 23.21 0.44 -21.71
CA LEU A 264 21.98 0.93 -22.37
C LEU A 264 21.17 -0.29 -22.82
N LYS A 265 20.00 -0.48 -22.21
CA LYS A 265 19.24 -1.70 -22.40
C LYS A 265 17.77 -1.39 -22.66
N LEU A 266 17.13 -2.25 -23.47
CA LEU A 266 15.72 -2.06 -23.79
C LEU A 266 15.12 -3.40 -24.19
N THR A 267 14.04 -3.75 -23.51
CA THR A 267 13.22 -4.89 -23.89
C THR A 267 11.77 -4.44 -24.01
N LEU A 268 11.14 -4.70 -25.15
CA LEU A 268 9.74 -4.37 -25.32
C LEU A 268 8.85 -5.51 -24.85
N LEU A 269 7.94 -5.19 -23.94
CA LEU A 269 6.99 -6.14 -23.37
C LEU A 269 5.63 -6.11 -24.08
N ASN A 270 5.03 -4.92 -24.21
CA ASN A 270 3.75 -4.74 -24.88
C ASN A 270 3.83 -3.42 -25.62
N PRO A 271 4.17 -3.42 -26.91
CA PRO A 271 4.31 -2.15 -27.65
C PRO A 271 3.09 -1.25 -27.60
N LYS A 272 1.94 -1.81 -27.31
CA LYS A 272 0.70 -1.04 -27.22
C LYS A 272 0.38 -0.58 -25.81
N GLY A 273 1.16 -0.98 -24.80
CA GLY A 273 0.92 -0.49 -23.45
C GLY A 273 0.96 1.03 -23.35
N ARG A 274 0.30 1.55 -22.35
CA ARG A 274 0.31 2.99 -22.18
C ARG A 274 1.28 3.47 -21.11
N ILE A 275 1.95 2.54 -20.39
CA ILE A 275 2.99 2.90 -19.42
C ILE A 275 4.36 2.59 -20.00
N TRP A 276 5.15 3.64 -20.14
CA TRP A 276 6.50 3.61 -20.64
C TRP A 276 7.40 4.15 -19.57
N THR A 277 8.61 3.57 -19.45
CA THR A 277 9.63 4.01 -18.49
C THR A 277 10.94 4.33 -19.19
N MET A 278 11.63 5.31 -18.64
CA MET A 278 12.98 5.67 -19.03
C MET A 278 13.72 5.94 -17.70
N VAL A 279 14.15 4.85 -17.07
CA VAL A 279 14.70 4.89 -15.72
C VAL A 279 16.20 4.62 -15.78
N ALA A 280 16.94 5.42 -15.01
CA ALA A 280 18.38 5.30 -14.85
C ALA A 280 18.72 4.26 -13.77
N GLY A 281 19.67 3.35 -14.05
CA GLY A 281 20.06 2.31 -13.12
C GLY A 281 19.39 0.96 -13.34
N GLY A 282 20.15 -0.13 -13.28
CA GLY A 282 19.56 -1.46 -13.39
C GLY A 282 18.71 -1.85 -12.18
N GLY A 283 19.08 -1.38 -10.99
CA GLY A 283 18.33 -1.63 -9.79
C GLY A 283 17.06 -0.80 -9.74
N ALA A 284 17.19 0.53 -9.85
CA ALA A 284 16.02 1.39 -9.80
C ALA A 284 14.98 0.98 -10.84
N SER A 285 15.42 0.55 -12.03
CA SER A 285 14.47 0.25 -13.09
C SER A 285 13.62 -0.95 -12.73
N VAL A 286 14.24 -1.93 -12.08
CA VAL A 286 13.48 -3.06 -11.55
C VAL A 286 12.52 -2.59 -10.45
N VAL A 287 12.95 -1.66 -9.59
CA VAL A 287 12.10 -1.17 -8.49
C VAL A 287 10.88 -0.40 -9.05
N TYR A 288 11.07 0.47 -10.04
CA TYR A 288 9.92 1.11 -10.64
C TYR A 288 9.01 0.06 -11.26
N SER A 289 9.57 -0.93 -11.93
CA SER A 289 8.71 -1.94 -12.55
C SER A 289 7.92 -2.69 -11.49
N ASP A 290 8.54 -2.95 -10.33
CA ASP A 290 7.87 -3.60 -9.20
C ASP A 290 6.69 -2.80 -8.70
N THR A 291 6.93 -1.53 -8.43
CA THR A 291 5.90 -0.60 -8.01
C THR A 291 4.78 -0.58 -9.03
N ILE A 292 5.12 -0.46 -10.33
CA ILE A 292 4.10 -0.49 -11.37
C ILE A 292 3.30 -1.79 -11.25
N GLY A 293 3.97 -2.91 -11.06
CA GLY A 293 3.25 -4.17 -10.94
C GLY A 293 2.37 -4.25 -9.69
N ASP A 294 2.76 -3.59 -8.60
CA ASP A 294 1.94 -3.65 -7.37
C ASP A 294 0.65 -2.84 -7.48
N LEU A 295 0.62 -1.87 -8.39
CA LEU A 295 -0.53 -1.01 -8.65
C LEU A 295 -1.36 -1.49 -9.85
N GLY A 296 -1.20 -2.75 -10.26
CA GLY A 296 -1.98 -3.34 -11.32
C GLY A 296 -1.60 -2.91 -12.73
N GLY A 297 -0.48 -2.21 -12.88
CA GLY A 297 -0.11 -1.70 -14.17
C GLY A 297 0.62 -2.66 -15.08
N VAL A 298 0.95 -3.89 -14.65
CA VAL A 298 1.87 -4.72 -15.42
C VAL A 298 1.35 -5.00 -16.85
N ASN A 299 0.05 -5.26 -17.01
CA ASN A 299 -0.49 -5.58 -18.32
C ASN A 299 -0.39 -4.41 -19.30
N GLU A 300 -0.29 -3.18 -18.79
CA GLU A 300 -0.12 -1.97 -19.59
C GLU A 300 1.33 -1.51 -19.66
N LEU A 301 2.25 -2.24 -19.03
CA LEU A 301 3.67 -1.84 -19.00
C LEU A 301 4.29 -2.21 -20.34
N ALA A 302 4.81 -1.20 -21.04
CA ALA A 302 5.29 -1.36 -22.40
C ALA A 302 6.74 -1.83 -22.51
N ASN A 303 7.61 -1.46 -21.57
CA ASN A 303 9.02 -1.80 -21.68
C ASN A 303 9.70 -2.03 -20.34
N TYR A 304 10.82 -2.73 -20.43
CA TYR A 304 11.83 -2.72 -19.38
C TYR A 304 13.14 -2.25 -19.99
N GLY A 305 13.86 -1.41 -19.28
CA GLY A 305 15.21 -1.11 -19.71
C GLY A 305 15.84 -0.11 -18.79
N GLU A 306 17.06 0.24 -19.12
CA GLU A 306 17.77 1.16 -18.25
C GLU A 306 18.93 1.77 -19.01
N TYR A 307 19.38 2.89 -18.49
CA TYR A 307 20.65 3.48 -18.83
C TYR A 307 21.39 3.79 -17.54
N SER A 308 22.72 3.66 -17.59
CA SER A 308 23.55 3.90 -16.42
C SER A 308 24.99 4.02 -16.86
N GLY A 309 25.88 4.31 -15.91
CA GLY A 309 27.29 4.39 -16.24
C GLY A 309 27.63 5.66 -16.99
N ALA A 310 26.85 6.70 -16.78
CA ALA A 310 27.18 8.01 -17.31
C ALA A 310 27.20 8.07 -18.82
N PRO A 311 26.11 7.74 -19.51
CA PRO A 311 26.08 7.97 -20.96
C PRO A 311 26.22 9.44 -21.27
N SER A 312 26.68 9.72 -22.47
CA SER A 312 26.84 11.10 -22.89
C SER A 312 25.48 11.71 -23.22
N GLU A 313 25.44 13.04 -23.40
CA GLU A 313 24.26 13.70 -23.95
C GLU A 313 23.72 13.01 -25.21
N GLN A 314 24.61 12.71 -26.15
CA GLN A 314 24.18 12.20 -27.45
C GLN A 314 23.64 10.78 -27.34
N GLN A 315 24.32 9.93 -26.58
CA GLN A 315 23.81 8.59 -26.32
C GLN A 315 22.42 8.64 -25.68
N THR A 316 22.24 9.53 -24.69
CA THR A 316 20.93 9.62 -24.04
C THR A 316 19.88 10.14 -25.01
N TYR A 317 20.24 11.14 -25.82
CA TYR A 317 19.33 11.59 -26.86
C TYR A 317 18.90 10.41 -27.73
N ASP A 318 19.84 9.59 -28.13
CA ASP A 318 19.54 8.50 -29.04
C ASP A 318 18.72 7.40 -28.38
N TYR A 319 18.97 7.14 -27.09
CA TYR A 319 18.12 6.23 -26.35
C TYR A 319 16.71 6.76 -26.24
N ALA A 320 16.58 8.01 -25.77
CA ALA A 320 15.28 8.62 -25.53
C ALA A 320 14.47 8.70 -26.81
N LYS A 321 15.09 9.09 -27.93
CA LYS A 321 14.26 9.23 -29.10
C LYS A 321 13.75 7.87 -29.55
N THR A 322 14.44 6.80 -29.19
CA THR A 322 13.90 5.48 -29.49
C THR A 322 12.60 5.24 -28.75
N ILE A 323 12.57 5.55 -27.44
CA ILE A 323 11.35 5.38 -26.64
C ILE A 323 10.22 6.25 -27.17
N LEU A 324 10.50 7.52 -27.47
CA LEU A 324 9.42 8.42 -27.86
C LEU A 324 8.83 7.98 -29.18
N SER A 325 9.68 7.54 -30.11
CA SER A 325 9.14 6.98 -31.34
C SER A 325 8.25 5.78 -31.05
N LEU A 326 8.71 4.85 -30.21
CA LEU A 326 7.91 3.65 -29.91
C LEU A 326 6.56 3.98 -29.23
N MET A 327 6.49 5.06 -28.47
CA MET A 327 5.27 5.30 -27.74
C MET A 327 4.29 6.16 -28.54
N THR A 328 4.65 6.59 -29.76
CA THR A 328 3.79 7.43 -30.59
C THR A 328 3.42 6.74 -31.90
N ARG A 329 3.30 5.41 -31.90
CA ARG A 329 2.87 4.67 -33.09
C ARG A 329 1.36 4.64 -33.21
N GLU A 330 0.65 4.45 -32.10
CA GLU A 330 -0.82 4.43 -32.10
C GLU A 330 -1.36 5.08 -30.82
N LYS A 331 -2.62 5.49 -30.88
CA LYS A 331 -3.22 6.24 -29.78
C LYS A 331 -3.83 5.34 -28.74
N HIS A 332 -3.79 5.80 -27.54
CA HIS A 332 -4.52 5.09 -26.54
C HIS A 332 -5.68 5.98 -26.13
N PRO A 333 -6.88 5.42 -25.90
CA PRO A 333 -7.99 6.28 -25.44
C PRO A 333 -7.64 7.13 -24.24
N ASP A 334 -6.76 6.64 -23.36
CA ASP A 334 -6.53 7.31 -22.09
C ASP A 334 -5.23 8.10 -22.08
N GLY A 335 -4.64 8.31 -23.23
CA GLY A 335 -3.34 8.92 -23.30
C GLY A 335 -2.32 7.92 -22.82
N LYS A 336 -1.08 8.41 -22.69
CA LYS A 336 0.01 7.59 -22.20
C LYS A 336 0.83 8.37 -21.18
N ILE A 337 1.61 7.65 -20.36
CA ILE A 337 2.48 8.29 -19.39
C ILE A 337 3.91 7.80 -19.63
N LEU A 338 4.87 8.71 -19.43
CA LEU A 338 6.28 8.38 -19.50
C LEU A 338 6.88 8.63 -18.12
N ILE A 339 7.40 7.58 -17.50
CA ILE A 339 8.03 7.64 -16.20
C ILE A 339 9.54 7.76 -16.42
N ILE A 340 10.07 8.94 -16.12
CA ILE A 340 11.49 9.27 -16.27
C ILE A 340 12.08 9.30 -14.86
N GLY A 341 12.60 8.15 -14.39
CA GLY A 341 12.98 7.95 -13.01
C GLY A 341 14.43 7.53 -12.81
N GLY A 342 14.75 7.33 -11.54
CA GLY A 342 16.05 6.86 -11.13
C GLY A 342 16.31 7.18 -9.68
N SER A 343 17.43 6.65 -9.20
CA SER A 343 17.94 6.97 -7.89
C SER A 343 18.64 8.31 -7.90
N ILE A 344 19.18 8.68 -6.74
CA ILE A 344 20.16 9.77 -6.69
C ILE A 344 21.46 9.22 -7.24
N ALA A 345 21.87 9.67 -8.43
CA ALA A 345 23.02 9.12 -9.08
C ALA A 345 24.31 9.36 -8.29
N ASN A 346 25.23 8.39 -8.37
CA ASN A 346 26.60 8.57 -7.88
C ASN A 346 27.45 9.36 -8.87
N PHE A 347 27.25 9.14 -10.17
CA PHE A 347 28.32 9.37 -11.11
C PHE A 347 27.75 9.92 -12.42
N THR A 348 26.67 9.35 -12.92
CA THR A 348 26.00 9.88 -14.09
C THR A 348 25.68 11.36 -13.97
N ASN A 349 25.93 12.11 -15.04
CA ASN A 349 25.70 13.54 -15.03
C ASN A 349 24.25 13.82 -15.40
N VAL A 350 23.45 14.32 -14.43
CA VAL A 350 22.02 14.50 -14.65
C VAL A 350 21.76 15.63 -15.65
N ALA A 351 22.58 16.68 -15.63
CA ALA A 351 22.37 17.76 -16.59
C ALA A 351 22.50 17.26 -18.02
N ALA A 352 23.61 16.59 -18.32
CA ALA A 352 23.92 16.16 -19.68
C ALA A 352 22.93 15.12 -20.18
N THR A 353 22.59 14.15 -19.35
CA THR A 353 21.63 13.14 -19.77
C THR A 353 20.23 13.75 -19.96
N PHE A 354 19.82 14.64 -19.05
CA PHE A 354 18.48 15.19 -19.13
C PHE A 354 18.38 16.20 -20.25
N LYS A 355 19.50 16.86 -20.58
CA LYS A 355 19.55 17.67 -21.79
C LYS A 355 19.38 16.80 -23.04
N GLY A 356 19.98 15.61 -23.04
CA GLY A 356 19.71 14.68 -24.13
C GLY A 356 18.24 14.32 -24.24
N ILE A 357 17.61 13.97 -23.11
CA ILE A 357 16.19 13.61 -23.13
C ILE A 357 15.34 14.80 -23.57
N VAL A 358 15.66 15.99 -23.08
CA VAL A 358 14.92 17.18 -23.42
C VAL A 358 14.99 17.44 -24.92
N ARG A 359 16.18 17.31 -25.52
CA ARG A 359 16.31 17.44 -26.96
C ARG A 359 15.45 16.42 -27.68
N ALA A 360 15.39 15.19 -27.17
CA ALA A 360 14.52 14.20 -27.81
C ALA A 360 13.04 14.59 -27.69
N ILE A 361 12.63 15.16 -26.55
CA ILE A 361 11.24 15.52 -26.37
C ILE A 361 10.85 16.66 -27.32
N ARG A 362 11.69 17.69 -27.41
CA ARG A 362 11.47 18.77 -28.38
C ARG A 362 11.33 18.21 -29.78
N ASP A 363 12.27 17.36 -30.21
CA ASP A 363 12.19 16.80 -31.55
C ASP A 363 10.96 15.92 -31.75
N TYR A 364 10.29 15.51 -30.67
CA TYR A 364 9.09 14.68 -30.80
C TYR A 364 7.85 15.35 -30.26
N GLN A 365 7.88 16.68 -30.11
CA GLN A 365 6.85 17.32 -29.35
C GLN A 365 5.49 17.19 -30.01
N GLY A 366 5.41 17.35 -31.34
CA GLY A 366 4.15 17.16 -32.02
C GLY A 366 3.51 15.80 -31.78
N PRO A 367 4.25 14.73 -32.05
CA PRO A 367 3.68 13.39 -31.80
C PRO A 367 3.25 13.14 -30.37
N LEU A 368 3.94 13.76 -29.39
CA LEU A 368 3.69 13.54 -27.97
C LEU A 368 2.41 14.25 -27.52
N LYS A 369 2.19 15.48 -27.99
CA LYS A 369 0.89 16.14 -27.80
C LYS A 369 -0.25 15.37 -28.46
N GLU A 370 -0.04 14.89 -29.69
CA GLU A 370 -1.05 14.16 -30.44
C GLU A 370 -1.44 12.84 -29.76
N HIS A 371 -0.50 12.19 -29.10
CA HIS A 371 -0.78 10.94 -28.40
C HIS A 371 -1.11 11.16 -26.92
N GLU A 372 -1.21 12.41 -26.46
CA GLU A 372 -1.75 12.69 -25.14
C GLU A 372 -0.85 12.05 -24.06
N VAL A 373 0.45 12.41 -24.12
CA VAL A 373 1.48 11.85 -23.22
C VAL A 373 1.69 12.80 -22.05
N THR A 374 1.60 12.25 -20.84
CA THR A 374 1.99 12.95 -19.63
C THR A 374 3.31 12.39 -19.14
N ILE A 375 4.19 13.24 -18.65
CA ILE A 375 5.54 12.86 -18.28
C ILE A 375 5.75 13.13 -16.79
N PHE A 376 6.38 12.18 -16.12
CA PHE A 376 6.63 12.23 -14.68
C PHE A 376 8.12 12.00 -14.46
N VAL A 377 8.75 12.92 -13.72
CA VAL A 377 10.20 12.95 -13.58
C VAL A 377 10.55 12.86 -12.10
N ARG A 378 11.50 12.00 -11.78
CA ARG A 378 12.09 12.00 -10.44
C ARG A 378 13.54 11.60 -10.59
N ARG A 379 14.43 12.50 -10.18
CA ARG A 379 15.84 12.19 -10.32
C ARG A 379 16.65 13.03 -9.34
N GLY A 380 17.75 12.42 -8.87
CA GLY A 380 18.85 13.17 -8.31
C GLY A 380 20.18 12.66 -8.85
N GLY A 381 21.23 13.36 -8.46
CA GLY A 381 22.55 13.03 -8.87
C GLY A 381 23.34 14.27 -9.17
N PRO A 382 24.54 14.09 -9.73
CA PRO A 382 25.40 15.23 -10.07
C PRO A 382 24.73 16.17 -11.06
N ASN A 383 24.67 17.44 -10.67
CA ASN A 383 24.08 18.50 -11.47
C ASN A 383 22.56 18.31 -11.64
N TYR A 384 21.91 17.69 -10.66
CA TYR A 384 20.50 17.35 -10.84
C TYR A 384 19.59 18.58 -10.81
N GLN A 385 20.05 19.72 -10.32
CA GLN A 385 19.18 20.89 -10.26
C GLN A 385 19.07 21.55 -11.63
N GLU A 386 20.17 21.64 -12.36
CA GLU A 386 20.09 22.07 -13.74
C GLU A 386 19.24 21.12 -14.57
N GLY A 387 19.50 19.83 -14.44
CA GLY A 387 18.70 18.83 -15.15
C GLY A 387 17.20 18.99 -14.96
N LEU A 388 16.76 19.15 -13.70
CA LEU A 388 15.33 19.32 -13.41
C LEU A 388 14.82 20.64 -13.92
N ARG A 389 15.67 21.66 -14.01
CA ARG A 389 15.23 22.94 -14.55
C ARG A 389 14.99 22.85 -16.05
N VAL A 390 15.91 22.24 -16.79
CA VAL A 390 15.67 22.17 -18.23
C VAL A 390 14.50 21.22 -18.52
N MET A 391 14.27 20.24 -17.65
CA MET A 391 13.13 19.36 -17.83
C MET A 391 11.80 20.13 -17.69
N GLY A 392 11.69 20.95 -16.65
CA GLY A 392 10.50 21.76 -16.50
C GLY A 392 10.37 22.83 -17.56
N GLU A 393 11.50 23.39 -18.00
CA GLU A 393 11.57 24.31 -19.15
C GLU A 393 10.90 23.73 -20.40
N VAL A 394 11.31 22.54 -20.84
CA VAL A 394 10.75 22.01 -22.08
C VAL A 394 9.28 21.70 -21.93
N GLY A 395 8.82 21.48 -20.70
CA GLY A 395 7.41 21.28 -20.49
C GLY A 395 6.65 22.58 -20.71
N LYS A 396 7.24 23.71 -20.32
CA LYS A 396 6.59 25.01 -20.50
C LYS A 396 6.59 25.41 -21.97
N THR A 397 7.73 25.27 -22.66
CA THR A 397 7.84 25.70 -24.05
C THR A 397 7.05 24.80 -25.01
N THR A 398 6.97 23.48 -24.76
CA THR A 398 6.16 22.60 -25.63
C THR A 398 4.68 22.53 -25.26
N GLY A 399 4.28 22.90 -24.07
CA GLY A 399 2.94 22.62 -23.64
C GLY A 399 2.65 21.17 -23.28
N ILE A 400 3.64 20.28 -23.33
CA ILE A 400 3.44 18.91 -22.84
C ILE A 400 3.43 18.93 -21.31
N PRO A 401 2.49 18.22 -20.64
CA PRO A 401 2.50 18.15 -19.16
C PRO A 401 3.66 17.32 -18.63
N ILE A 402 4.55 17.97 -17.88
CA ILE A 402 5.71 17.32 -17.27
C ILE A 402 5.73 17.68 -15.79
N HIS A 403 5.67 16.67 -14.93
CA HIS A 403 5.65 16.85 -13.48
C HIS A 403 6.95 16.33 -12.90
N VAL A 404 7.72 17.28 -12.35
CA VAL A 404 9.12 17.14 -12.01
C VAL A 404 9.28 17.12 -10.49
N PHE A 405 10.12 16.21 -10.01
CA PHE A 405 10.28 15.95 -8.60
C PHE A 405 11.76 15.61 -8.35
N GLY A 406 12.29 16.06 -7.22
CA GLY A 406 13.68 15.83 -6.87
C GLY A 406 13.89 14.83 -5.75
N THR A 407 14.99 15.00 -5.01
CA THR A 407 15.47 14.02 -4.02
C THR A 407 14.59 13.93 -2.77
N GLU A 408 13.92 15.02 -2.39
CA GLU A 408 12.99 14.98 -1.26
C GLU A 408 11.66 14.28 -1.58
N THR A 409 11.42 13.88 -2.82
CA THR A 409 10.29 13.00 -3.15
C THR A 409 10.81 11.58 -3.24
N HIS A 410 10.07 10.63 -2.65
CA HIS A 410 10.54 9.25 -2.62
C HIS A 410 10.65 8.65 -4.01
N MET A 411 11.70 7.86 -4.21
CA MET A 411 12.05 7.36 -5.53
C MET A 411 10.84 6.98 -6.36
N THR A 412 9.97 6.15 -5.80
CA THR A 412 8.91 5.53 -6.57
C THR A 412 7.57 6.28 -6.49
N ALA A 413 7.53 7.45 -5.82
CA ALA A 413 6.26 8.16 -5.61
C ALA A 413 5.66 8.64 -6.94
N ILE A 414 6.46 8.93 -7.96
CA ILE A 414 5.83 9.35 -9.22
C ILE A 414 4.98 8.22 -9.82
N VAL A 415 5.18 6.94 -9.43
CA VAL A 415 4.39 5.87 -10.04
C VAL A 415 2.93 5.94 -9.59
N GLY A 416 2.68 6.07 -8.29
CA GLY A 416 1.32 6.19 -7.83
C GLY A 416 0.65 7.48 -8.28
N MET A 417 1.41 8.57 -8.37
CA MET A 417 0.87 9.78 -8.95
C MET A 417 0.34 9.50 -10.35
N ALA A 418 1.11 8.76 -11.14
CA ALA A 418 0.81 8.56 -12.54
C ALA A 418 -0.23 7.48 -12.75
N LEU A 419 -0.32 6.51 -11.87
CA LEU A 419 -1.26 5.42 -12.07
C LEU A 419 -2.54 5.53 -11.26
N GLY A 420 -2.63 6.47 -10.31
CA GLY A 420 -3.80 6.56 -9.44
C GLY A 420 -5.05 7.10 -10.14
N HIS A 421 -4.87 7.80 -11.25
CA HIS A 421 -5.96 8.17 -12.13
C HIS A 421 -5.36 8.51 -13.49
N ARG A 422 -6.22 8.48 -14.47
CA ARG A 422 -5.90 8.93 -15.80
C ARG A 422 -5.75 10.45 -15.80
N PRO A 423 -4.61 11.01 -16.24
CA PRO A 423 -4.52 12.47 -16.30
C PRO A 423 -5.66 13.07 -17.10
N ILE A 424 -6.19 14.17 -16.59
CA ILE A 424 -7.38 14.78 -17.13
C ILE A 424 -7.08 15.41 -18.48
N PRO A 425 -7.69 14.94 -19.58
CA PRO A 425 -7.43 15.51 -20.90
C PRO A 425 -7.68 17.03 -21.03
N LEU A 485 34.51 -22.17 7.46
CA LEU A 485 35.53 -21.56 6.61
C LEU A 485 35.74 -20.08 6.98
N GLN A 486 37.00 -19.64 7.04
CA GLN A 486 37.39 -18.38 7.68
C GLN A 486 37.26 -17.21 6.72
N GLY A 487 36.60 -16.14 7.17
CA GLY A 487 36.43 -14.96 6.36
C GLY A 487 37.74 -14.18 6.22
N LYS A 488 37.76 -13.32 5.19
CA LYS A 488 39.02 -12.74 4.74
C LYS A 488 39.47 -11.63 5.68
N SER A 489 38.53 -10.89 6.25
CA SER A 489 38.87 -9.69 6.97
C SER A 489 37.60 -9.00 7.39
N THR A 490 37.57 -8.51 8.64
CA THR A 490 36.34 -7.91 9.13
C THR A 490 36.29 -6.42 8.78
N THR A 491 37.41 -5.73 8.89
CA THR A 491 37.50 -4.30 8.60
C THR A 491 38.32 -4.09 7.31
N LEU A 492 37.69 -3.47 6.30
CA LEU A 492 38.37 -3.19 5.04
C LEU A 492 38.97 -1.80 4.97
N PHE A 493 38.32 -0.80 5.54
CA PHE A 493 38.67 0.59 5.36
C PHE A 493 38.60 1.30 6.69
N SER A 494 39.35 2.39 6.79
CA SER A 494 39.47 3.24 7.96
C SER A 494 39.96 4.61 7.48
N ARG A 495 40.08 5.54 8.45
CA ARG A 495 40.65 6.87 8.24
C ARG A 495 42.12 6.83 7.85
N HIS A 496 42.78 5.69 7.99
CA HIS A 496 44.15 5.53 7.58
C HIS A 496 44.28 4.87 6.22
N THR A 497 43.18 4.48 5.58
CA THR A 497 43.31 3.76 4.33
C THR A 497 44.07 4.62 3.32
N LYS A 498 45.04 4.01 2.67
CA LYS A 498 45.67 4.63 1.50
C LYS A 498 45.43 3.71 0.31
N ALA A 499 45.06 4.32 -0.83
CA ALA A 499 44.72 3.59 -2.04
C ALA A 499 45.61 3.98 -3.22
N ILE A 500 45.77 3.03 -4.13
CA ILE A 500 46.21 3.29 -5.51
C ILE A 500 44.98 3.21 -6.41
N VAL A 501 44.89 4.13 -7.36
CA VAL A 501 43.84 4.10 -8.38
C VAL A 501 44.48 3.74 -9.72
N TRP A 502 44.00 2.65 -10.31
CA TRP A 502 44.37 2.25 -11.66
C TRP A 502 43.42 2.90 -12.66
N GLY A 503 43.96 3.69 -13.56
CA GLY A 503 43.22 4.32 -14.63
C GLY A 503 43.51 5.79 -14.68
N MET A 504 43.03 6.42 -15.77
CA MET A 504 43.04 7.88 -15.92
C MET A 504 41.71 8.43 -15.41
N GLN A 505 41.69 8.85 -14.14
CA GLN A 505 40.44 9.07 -13.41
C GLN A 505 40.54 10.26 -12.48
N THR A 506 41.03 11.38 -13.02
CA THR A 506 41.26 12.59 -12.24
C THR A 506 40.01 13.04 -11.50
N ARG A 507 38.86 12.97 -12.16
CA ARG A 507 37.62 13.47 -11.58
C ARG A 507 37.20 12.63 -10.37
N ALA A 508 37.29 11.31 -10.51
CA ALA A 508 36.90 10.42 -9.43
C ALA A 508 37.85 10.56 -8.25
N VAL A 509 39.14 10.74 -8.56
CA VAL A 509 40.13 10.93 -7.50
C VAL A 509 39.89 12.25 -6.79
N GLN A 510 39.59 13.31 -7.53
CA GLN A 510 39.26 14.58 -6.88
C GLN A 510 38.02 14.42 -6.01
N GLY A 511 37.03 13.65 -6.47
CA GLY A 511 35.85 13.40 -5.67
C GLY A 511 36.13 12.67 -4.37
N MET A 512 37.18 11.81 -4.34
CA MET A 512 37.60 11.16 -3.08
C MET A 512 38.32 12.13 -2.16
N LEU A 513 39.18 13.00 -2.72
CA LEU A 513 39.91 13.96 -1.88
C LEU A 513 38.95 14.96 -1.26
N ASP A 514 37.96 15.41 -2.05
CA ASP A 514 36.90 16.25 -1.50
C ASP A 514 36.23 15.57 -0.32
N PHE A 515 35.80 14.32 -0.49
CA PHE A 515 35.25 13.57 0.62
C PHE A 515 36.23 13.52 1.80
N ASP A 516 37.50 13.20 1.52
CA ASP A 516 38.49 13.08 2.59
C ASP A 516 38.62 14.38 3.37
N TYR A 517 38.63 15.51 2.67
CA TYR A 517 38.78 16.81 3.33
C TYR A 517 37.59 17.11 4.25
N VAL A 518 36.36 17.00 3.74
CA VAL A 518 35.19 17.29 4.56
C VAL A 518 35.00 16.27 5.66
N CYS A 519 35.55 15.07 5.52
CA CYS A 519 35.66 14.11 6.60
C CYS A 519 36.78 14.45 7.58
N SER A 520 37.48 15.56 7.38
CA SER A 520 38.54 15.94 8.30
C SER A 520 39.55 14.79 8.48
N ARG A 521 39.89 14.12 7.38
CA ARG A 521 41.03 13.22 7.39
C ARG A 521 42.32 14.02 7.45
N ASP A 522 43.35 13.43 8.04
CA ASP A 522 44.63 14.10 8.11
C ASP A 522 45.32 14.09 6.76
N GLU A 523 45.02 13.09 5.93
CA GLU A 523 45.76 12.83 4.72
C GLU A 523 44.82 12.39 3.61
N PRO A 524 45.11 12.77 2.36
CA PRO A 524 44.31 12.27 1.25
C PRO A 524 44.30 10.75 1.20
N SER A 525 43.22 10.19 0.68
CA SER A 525 43.08 8.75 0.67
C SER A 525 43.82 8.10 -0.50
N VAL A 526 44.18 8.87 -1.52
CA VAL A 526 44.84 8.34 -2.71
C VAL A 526 46.32 8.67 -2.64
N ALA A 527 47.15 7.63 -2.61
CA ALA A 527 48.59 7.82 -2.52
C ALA A 527 49.26 7.87 -3.88
N ALA A 528 48.72 7.19 -4.87
CA ALA A 528 49.36 7.11 -6.15
C ALA A 528 48.34 6.61 -7.16
N MET A 529 48.69 6.74 -8.43
CA MET A 529 47.88 6.16 -9.48
C MET A 529 48.78 5.38 -10.43
N VAL A 530 48.19 4.39 -11.08
CA VAL A 530 48.88 3.60 -12.09
C VAL A 530 48.13 3.72 -13.42
N TYR A 531 48.87 3.95 -14.50
CA TYR A 531 48.27 4.03 -15.84
C TYR A 531 49.35 3.65 -16.83
N PRO A 532 49.30 2.44 -17.39
CA PRO A 532 50.43 1.95 -18.18
C PRO A 532 50.57 2.62 -19.54
N PHE A 533 49.63 3.46 -19.99
CA PHE A 533 49.67 4.05 -21.31
C PHE A 533 50.24 5.46 -21.33
N THR A 534 50.78 5.91 -20.20
CA THR A 534 51.54 7.15 -20.14
C THR A 534 52.78 6.88 -19.30
N GLY A 535 53.77 7.76 -19.44
CA GLY A 535 54.95 7.66 -18.62
C GLY A 535 54.71 8.22 -17.22
N ASP A 536 55.68 8.00 -16.33
CA ASP A 536 55.57 8.57 -15.00
C ASP A 536 55.34 10.07 -15.09
N HIS A 537 54.58 10.59 -14.14
CA HIS A 537 54.42 12.03 -14.00
C HIS A 537 53.66 12.29 -12.71
N LYS A 538 53.61 13.56 -12.34
CA LYS A 538 52.83 14.03 -11.22
C LYS A 538 51.55 14.64 -11.77
N GLN A 539 50.49 14.55 -10.98
CA GLN A 539 49.17 15.05 -11.35
C GLN A 539 48.68 15.97 -10.24
N LYS A 540 48.21 17.15 -10.61
CA LYS A 540 47.72 18.14 -9.66
C LYS A 540 46.30 17.83 -9.21
N PHE A 541 46.06 17.99 -7.92
CA PHE A 541 44.74 17.87 -7.33
C PHE A 541 44.60 18.98 -6.31
N TYR A 542 43.38 19.21 -5.84
CA TYR A 542 43.17 20.14 -4.75
C TYR A 542 42.93 19.38 -3.46
N TRP A 543 43.55 19.86 -2.40
CA TRP A 543 43.38 19.32 -1.04
C TRP A 543 42.89 20.49 -0.18
N GLY A 544 41.59 20.54 0.04
CA GLY A 544 40.98 21.77 0.48
C GLY A 544 41.06 22.78 -0.64
N HIS A 545 41.85 23.83 -0.43
CA HIS A 545 42.13 24.81 -1.47
C HIS A 545 43.60 24.83 -1.84
N LYS A 546 44.40 24.03 -1.14
CA LYS A 546 45.82 23.88 -1.44
C LYS A 546 45.98 22.99 -2.67
N GLU A 547 46.90 23.36 -3.55
CA GLU A 547 47.30 22.47 -4.62
C GLU A 547 48.26 21.43 -4.07
N ILE A 548 48.09 20.18 -4.52
CA ILE A 548 48.96 19.07 -4.16
C ILE A 548 49.23 18.25 -5.41
N LEU A 549 50.21 17.34 -5.29
CA LEU A 549 50.65 16.47 -6.38
C LEU A 549 50.48 15.00 -5.97
N ILE A 550 50.05 14.18 -6.93
CA ILE A 550 49.91 12.75 -6.68
C ILE A 550 50.67 12.01 -7.77
N PRO A 551 51.56 11.10 -7.44
CA PRO A 551 52.37 10.45 -8.48
C PRO A 551 51.53 9.51 -9.31
N VAL A 552 51.83 9.48 -10.60
CA VAL A 552 51.27 8.54 -11.55
C VAL A 552 52.40 7.69 -12.09
N PHE A 553 52.22 6.38 -12.06
CA PHE A 553 53.24 5.43 -12.49
C PHE A 553 52.79 4.69 -13.75
N LYS A 554 53.71 4.55 -14.70
CA LYS A 554 53.46 3.67 -15.83
C LYS A 554 53.41 2.22 -15.38
N ASN A 555 54.25 1.85 -14.41
CA ASN A 555 54.42 0.47 -13.97
C ASN A 555 53.87 0.24 -12.57
N MET A 556 53.03 -0.79 -12.44
CA MET A 556 52.48 -1.14 -11.15
C MET A 556 53.57 -1.48 -10.14
N ALA A 557 54.64 -2.16 -10.56
CA ALA A 557 55.76 -2.47 -9.67
C ALA A 557 56.33 -1.24 -8.98
N ASP A 558 56.49 -0.13 -9.72
CA ASP A 558 57.02 1.10 -9.16
C ASP A 558 56.08 1.69 -8.12
N ALA A 559 54.77 1.70 -8.41
CA ALA A 559 53.83 2.29 -7.48
C ALA A 559 53.82 1.50 -6.16
N MET A 560 53.93 0.17 -6.23
CA MET A 560 53.89 -0.67 -5.02
C MET A 560 55.11 -0.47 -4.14
N ARG A 561 56.32 -0.57 -4.72
CA ARG A 561 57.54 -0.52 -3.90
C ARG A 561 57.76 0.88 -3.33
N LYS A 562 57.17 1.91 -3.91
CA LYS A 562 57.28 3.23 -3.34
C LYS A 562 56.12 3.57 -2.41
N HIS A 563 55.11 2.72 -2.25
CA HIS A 563 54.00 3.02 -1.36
C HIS A 563 53.58 1.76 -0.59
N PRO A 564 54.47 1.25 0.26
CA PRO A 564 54.11 0.10 1.09
C PRO A 564 52.95 0.37 2.00
N GLU A 565 52.69 1.64 2.32
CA GLU A 565 51.54 1.99 3.15
C GLU A 565 50.20 1.66 2.49
N VAL A 566 50.17 1.44 1.17
CA VAL A 566 48.89 1.31 0.46
C VAL A 566 48.36 -0.11 0.64
N ASP A 567 47.08 -0.24 1.00
CA ASP A 567 46.43 -1.55 1.13
C ASP A 567 45.18 -1.74 0.27
N VAL A 568 44.71 -0.70 -0.43
CA VAL A 568 43.57 -0.77 -1.34
C VAL A 568 43.97 -0.35 -2.76
N LEU A 569 43.50 -1.11 -3.77
CA LEU A 569 43.56 -0.67 -5.16
C LEU A 569 42.15 -0.55 -5.72
N ILE A 570 41.86 0.58 -6.35
CA ILE A 570 40.61 0.82 -7.08
C ILE A 570 40.91 0.75 -8.55
N ASN A 571 40.33 -0.23 -9.22
CA ASN A 571 40.67 -0.51 -10.60
C ASN A 571 39.57 0.00 -11.55
N PHE A 572 39.93 1.04 -12.30
CA PHE A 572 39.05 1.61 -13.31
C PHE A 572 39.40 1.11 -14.71
N ALA A 573 40.22 0.06 -14.85
CA ALA A 573 40.46 -0.53 -16.16
C ALA A 573 39.15 -0.78 -16.91
N SER A 574 39.21 -0.66 -18.24
CA SER A 574 38.08 -1.04 -19.09
C SER A 574 37.90 -2.55 -19.01
N LEU A 575 36.71 -3.02 -19.38
CA LEU A 575 36.39 -4.44 -19.31
C LEU A 575 37.43 -5.32 -19.97
N ARG A 576 38.04 -4.82 -21.06
CA ARG A 576 39.00 -5.60 -21.82
C ARG A 576 40.30 -5.77 -21.08
N SER A 577 40.66 -4.79 -20.27
CA SER A 577 41.93 -4.81 -19.56
C SER A 577 41.77 -5.14 -18.09
N ALA A 578 40.53 -5.30 -17.61
CA ALA A 578 40.29 -5.46 -16.18
C ALA A 578 40.82 -6.78 -15.62
N TYR A 579 40.76 -7.85 -16.40
CA TYR A 579 41.15 -9.15 -15.88
C TYR A 579 42.63 -9.19 -15.53
N ASP A 580 43.48 -8.81 -16.51
CA ASP A 580 44.93 -8.86 -16.33
C ASP A 580 45.39 -7.85 -15.30
N SER A 581 44.80 -6.64 -15.31
CA SER A 581 45.23 -5.66 -14.33
C SER A 581 44.88 -6.11 -12.92
N THR A 582 43.76 -6.82 -12.75
CA THR A 582 43.38 -7.29 -11.40
C THR A 582 44.22 -8.50 -10.97
N MET A 583 44.47 -9.43 -11.88
CA MET A 583 45.35 -10.55 -11.56
C MET A 583 46.75 -10.08 -11.22
N GLU A 584 47.21 -9.01 -11.88
CA GLU A 584 48.54 -8.45 -11.61
C GLU A 584 48.61 -7.83 -10.21
N THR A 585 47.58 -7.07 -9.83
CA THR A 585 47.49 -6.51 -8.48
C THR A 585 47.64 -7.57 -7.41
N MET A 586 47.10 -8.76 -7.65
CA MET A 586 47.05 -9.80 -6.64
C MET A 586 48.39 -10.54 -6.48
N ASN A 587 49.42 -10.19 -7.26
CA ASN A 587 50.81 -10.57 -6.97
C ASN A 587 51.47 -9.68 -5.91
N TYR A 588 50.81 -8.62 -5.44
CA TYR A 588 51.29 -7.69 -4.40
C TYR A 588 50.48 -7.90 -3.11
N ALA A 589 51.02 -8.74 -2.23
CA ALA A 589 50.41 -9.07 -0.95
C ALA A 589 50.08 -7.85 -0.10
N GLN A 590 50.73 -6.72 -0.34
CA GLN A 590 50.37 -5.54 0.41
C GLN A 590 48.93 -5.11 0.14
N ILE A 591 48.36 -5.43 -1.04
CA ILE A 591 46.99 -5.04 -1.35
C ILE A 591 46.03 -6.10 -0.83
N ARG A 592 45.13 -5.70 0.08
CA ARG A 592 44.17 -6.61 0.70
C ARG A 592 42.73 -6.43 0.15
N THR A 593 42.42 -5.29 -0.44
CA THR A 593 41.10 -5.05 -1.01
C THR A 593 41.23 -4.41 -2.37
N ILE A 594 40.51 -4.97 -3.35
CA ILE A 594 40.41 -4.46 -4.73
C ILE A 594 38.94 -4.17 -5.07
N ALA A 595 38.68 -2.95 -5.54
CA ALA A 595 37.39 -2.62 -6.14
C ALA A 595 37.51 -2.70 -7.65
N ILE A 596 36.68 -3.52 -8.28
CA ILE A 596 36.68 -3.69 -9.73
C ILE A 596 35.43 -3.00 -10.25
N ILE A 597 35.62 -1.91 -10.99
CA ILE A 597 34.52 -1.05 -11.39
C ILE A 597 33.84 -1.59 -12.62
N ALA A 598 34.61 -2.08 -13.56
CA ALA A 598 34.09 -2.31 -14.90
C ALA A 598 32.96 -3.32 -14.89
N GLU A 599 31.90 -2.96 -15.61
CA GLU A 599 30.87 -3.87 -16.06
C GLU A 599 31.28 -4.55 -17.37
N GLY A 600 30.83 -5.79 -17.53
CA GLY A 600 31.00 -6.50 -18.78
C GLY A 600 32.16 -7.46 -18.81
N ILE A 601 32.71 -7.83 -17.67
CA ILE A 601 33.73 -8.87 -17.68
C ILE A 601 33.06 -10.22 -17.85
N PRO A 602 33.49 -11.05 -18.80
CA PRO A 602 32.95 -12.40 -18.91
C PRO A 602 33.04 -13.16 -17.59
N GLU A 603 31.95 -13.89 -17.29
CA GLU A 603 31.79 -14.59 -16.01
C GLU A 603 32.90 -15.64 -15.80
N ALA A 604 33.34 -16.29 -16.87
CA ALA A 604 34.44 -17.24 -16.74
C ALA A 604 35.72 -16.53 -16.32
N LEU A 605 35.90 -15.26 -16.73
CA LEU A 605 37.08 -14.54 -16.28
C LEU A 605 36.94 -14.11 -14.83
N THR A 606 35.74 -13.70 -14.42
CA THR A 606 35.50 -13.34 -13.03
C THR A 606 35.70 -14.55 -12.10
N ARG A 607 35.31 -15.75 -12.53
CA ARG A 607 35.52 -16.94 -11.72
C ARG A 607 37.00 -17.16 -11.41
N LYS A 608 37.88 -17.03 -12.42
CA LYS A 608 39.34 -17.03 -12.23
C LYS A 608 39.82 -15.89 -11.32
N LEU A 609 39.20 -14.69 -11.39
CA LEU A 609 39.58 -13.65 -10.43
C LEU A 609 39.19 -14.09 -9.03
N ILE A 610 38.02 -14.73 -8.91
CA ILE A 610 37.55 -15.13 -7.60
C ILE A 610 38.46 -16.22 -7.04
N LYS A 611 38.96 -17.14 -7.88
CA LYS A 611 39.80 -18.22 -7.41
C LYS A 611 41.12 -17.67 -6.85
N LYS A 612 41.81 -16.80 -7.61
CA LYS A 612 43.06 -16.24 -7.11
C LYS A 612 42.83 -15.43 -5.83
N ALA A 613 41.76 -14.65 -5.78
CA ALA A 613 41.55 -13.79 -4.63
C ALA A 613 41.31 -14.62 -3.39
N ASP A 614 40.64 -15.75 -3.55
CA ASP A 614 40.39 -16.65 -2.44
C ASP A 614 41.70 -17.32 -1.99
N GLN A 615 42.54 -17.72 -2.94
CA GLN A 615 43.86 -18.28 -2.62
C GLN A 615 44.75 -17.27 -1.88
N LYS A 616 44.62 -15.98 -2.18
CA LYS A 616 45.45 -14.95 -1.56
C LYS A 616 44.80 -14.26 -0.38
N GLY A 617 43.54 -14.54 -0.07
CA GLY A 617 42.87 -13.78 0.98
C GLY A 617 42.54 -12.33 0.67
N VAL A 618 42.38 -11.95 -0.60
CA VAL A 618 42.17 -10.56 -1.00
C VAL A 618 40.66 -10.36 -1.15
N THR A 619 40.12 -9.31 -0.55
CA THR A 619 38.69 -9.02 -0.70
C THR A 619 38.44 -8.34 -2.05
N ILE A 620 37.60 -8.94 -2.90
CA ILE A 620 37.16 -8.29 -4.15
C ILE A 620 35.76 -7.72 -3.95
N ILE A 621 35.64 -6.41 -4.17
CA ILE A 621 34.37 -5.68 -4.31
C ILE A 621 34.17 -5.35 -5.80
N GLY A 622 33.11 -5.90 -6.39
CA GLY A 622 32.86 -5.81 -7.81
C GLY A 622 32.89 -7.24 -8.39
N PRO A 623 32.94 -7.38 -9.72
CA PRO A 623 32.90 -6.27 -10.67
C PRO A 623 31.56 -5.57 -10.86
N ALA A 624 31.49 -4.72 -11.89
CA ALA A 624 30.27 -3.99 -12.24
C ALA A 624 29.65 -3.29 -11.02
N THR A 625 30.43 -2.40 -10.41
CA THR A 625 29.93 -1.62 -9.29
C THR A 625 30.57 -0.26 -9.27
N VAL A 626 29.95 0.66 -8.53
CA VAL A 626 30.59 1.92 -8.18
C VAL A 626 31.47 1.76 -6.96
N GLY A 627 31.21 0.76 -6.13
CA GLY A 627 32.08 0.47 -5.03
C GLY A 627 31.39 0.49 -3.69
N GLY A 628 31.43 1.61 -2.99
CA GLY A 628 31.01 1.62 -1.60
C GLY A 628 31.61 2.80 -0.88
N ILE A 629 31.18 2.96 0.36
CA ILE A 629 31.50 4.19 1.08
C ILE A 629 31.55 3.87 2.57
N LYS A 630 32.46 4.51 3.28
CA LYS A 630 32.52 4.39 4.74
C LYS A 630 32.60 5.80 5.32
N PRO A 631 31.47 6.36 5.75
CA PRO A 631 31.47 7.75 6.24
C PRO A 631 32.52 8.00 7.32
N GLY A 632 33.22 9.13 7.19
CA GLY A 632 34.30 9.49 8.06
C GLY A 632 35.66 8.97 7.64
N CYS A 633 35.72 7.97 6.75
CA CYS A 633 36.92 7.18 6.56
C CYS A 633 37.40 7.11 5.11
N PHE A 634 36.59 6.58 4.20
CA PHE A 634 37.05 6.24 2.86
C PHE A 634 35.86 5.99 1.96
N LYS A 635 35.98 6.36 0.71
CA LYS A 635 34.96 5.98 -0.26
C LYS A 635 35.65 5.56 -1.55
N ILE A 636 35.04 4.61 -2.23
CA ILE A 636 35.57 4.04 -3.44
C ILE A 636 35.16 4.91 -4.64
N GLY A 637 36.11 5.61 -5.20
CA GLY A 637 35.90 6.23 -6.49
C GLY A 637 34.75 7.20 -6.48
N ASN A 638 33.79 6.98 -7.38
CA ASN A 638 32.66 7.88 -7.59
C ASN A 638 31.51 7.66 -6.60
N THR A 639 31.64 6.74 -5.63
CA THR A 639 30.53 6.43 -4.74
C THR A 639 30.09 7.69 -4.00
N GLY A 640 28.79 7.88 -3.86
CA GLY A 640 28.27 9.05 -3.17
C GLY A 640 28.36 10.37 -3.91
N GLY A 641 29.10 10.45 -5.01
CA GLY A 641 29.00 11.61 -5.89
C GLY A 641 29.70 12.86 -5.41
N MET A 642 29.05 13.99 -5.63
CA MET A 642 29.63 15.29 -5.34
C MET A 642 29.47 15.68 -3.87
N LEU A 643 30.05 16.82 -3.54
CA LEU A 643 30.06 17.32 -2.19
C LEU A 643 28.65 17.55 -1.65
N ASP A 644 27.74 18.05 -2.50
CA ASP A 644 26.42 18.44 -2.00
C ASP A 644 25.62 17.21 -1.59
N ASN A 645 25.77 16.10 -2.31
CA ASN A 645 25.12 14.86 -1.86
C ASN A 645 25.81 14.29 -0.62
N ILE A 646 27.15 14.39 -0.53
CA ILE A 646 27.85 13.93 0.69
C ILE A 646 27.33 14.69 1.91
N LEU A 647 27.17 16.00 1.79
CA LEU A 647 26.62 16.80 2.88
C LEU A 647 25.15 16.49 3.10
N ALA A 648 24.36 16.60 2.03
CA ALA A 648 22.93 16.29 2.10
C ALA A 648 22.67 15.00 2.86
N SER A 649 23.31 13.93 2.45
CA SER A 649 23.12 12.66 3.13
C SER A 649 24.06 12.46 4.32
N LYS A 650 24.77 13.51 4.74
CA LYS A 650 25.58 13.45 5.97
C LYS A 650 26.63 12.32 5.93
N LEU A 651 27.19 12.08 4.75
CA LEU A 651 28.14 10.98 4.67
C LEU A 651 29.52 11.35 5.13
N TYR A 652 29.68 12.50 5.77
CA TYR A 652 30.99 12.90 6.24
C TYR A 652 31.29 12.39 7.65
N ARG A 653 30.31 11.84 8.34
CA ARG A 653 30.58 11.24 9.64
C ARG A 653 29.73 9.99 9.78
N PRO A 654 30.10 9.08 10.67
CA PRO A 654 29.36 7.82 10.79
C PRO A 654 28.10 7.91 11.65
N GLY A 655 27.15 7.06 11.32
CA GLY A 655 26.08 6.69 12.21
C GLY A 655 26.24 5.21 12.49
N SER A 656 25.11 4.52 12.66
CA SER A 656 25.06 3.16 13.16
C SER A 656 24.51 2.11 12.18
N VAL A 657 24.14 2.47 10.96
CA VAL A 657 23.47 1.55 10.04
C VAL A 657 24.44 1.14 8.93
N ALA A 658 24.64 -0.17 8.79
CA ALA A 658 25.48 -0.72 7.75
C ALA A 658 24.54 -1.34 6.72
N TYR A 659 24.92 -1.27 5.44
CA TYR A 659 24.12 -1.86 4.37
C TYR A 659 24.98 -2.52 3.29
N VAL A 660 24.31 -3.35 2.49
CA VAL A 660 24.89 -3.96 1.31
C VAL A 660 23.80 -4.10 0.24
N SER A 661 24.12 -3.70 -0.99
CA SER A 661 23.23 -3.84 -2.13
C SER A 661 24.03 -4.41 -3.29
N ARG A 662 23.36 -5.05 -4.26
CA ARG A 662 24.01 -5.30 -5.55
C ARG A 662 24.20 -3.98 -6.29
N SER A 663 23.18 -3.13 -6.28
CA SER A 663 23.12 -2.00 -7.19
C SER A 663 23.86 -0.77 -6.64
N GLY A 664 24.62 -0.12 -7.51
CA GLY A 664 25.34 1.08 -7.11
C GLY A 664 24.44 2.29 -6.97
N GLY A 665 23.55 2.48 -7.93
CA GLY A 665 22.65 3.62 -7.87
C GLY A 665 21.76 3.57 -6.65
N MET A 666 21.18 2.39 -6.39
CA MET A 666 20.28 2.21 -5.26
C MET A 666 20.98 2.37 -3.92
N SER A 667 22.31 2.14 -3.84
CA SER A 667 23.05 2.36 -2.60
C SER A 667 23.15 3.84 -2.26
N ASN A 668 23.17 4.72 -3.27
CA ASN A 668 23.09 6.15 -2.99
C ASN A 668 21.68 6.56 -2.58
N GLU A 669 20.67 5.79 -3.00
CA GLU A 669 19.32 6.00 -2.51
C GLU A 669 19.19 5.51 -1.06
N LEU A 670 19.78 4.36 -0.77
CA LEU A 670 19.91 3.92 0.62
C LEU A 670 20.66 4.95 1.46
N ASN A 671 21.78 5.49 0.95
CA ASN A 671 22.44 6.59 1.66
C ASN A 671 21.43 7.67 2.04
N ASN A 672 20.60 8.08 1.07
CA ASN A 672 19.61 9.15 1.30
C ASN A 672 18.55 8.71 2.31
N ILE A 673 17.94 7.53 2.10
CA ILE A 673 16.89 7.00 2.96
C ILE A 673 17.42 6.81 4.39
N ILE A 674 18.60 6.19 4.51
CA ILE A 674 19.17 5.90 5.83
C ILE A 674 19.54 7.20 6.55
N SER A 675 20.02 8.19 5.81
CA SER A 675 20.40 9.45 6.47
C SER A 675 19.19 10.22 6.94
N ARG A 676 18.03 10.03 6.30
CA ARG A 676 16.86 10.76 6.75
C ARG A 676 16.24 10.11 7.97
N THR A 677 16.43 8.80 8.15
CA THR A 677 15.69 8.01 9.15
C THR A 677 16.53 7.47 10.31
N THR A 678 17.82 7.76 10.37
CA THR A 678 18.66 7.13 11.36
C THR A 678 19.77 8.10 11.77
N ASP A 679 20.68 7.66 12.64
CA ASP A 679 21.89 8.47 12.82
C ASP A 679 22.71 8.54 11.54
N GLY A 680 22.47 7.65 10.61
CA GLY A 680 23.13 7.68 9.30
C GLY A 680 23.93 6.43 9.05
N VAL A 681 24.64 6.44 7.92
CA VAL A 681 25.31 5.27 7.41
C VAL A 681 26.62 5.05 8.18
N TYR A 682 26.88 3.81 8.57
CA TYR A 682 28.20 3.44 9.07
C TYR A 682 29.10 2.88 7.96
N GLU A 683 28.58 1.97 7.18
CA GLU A 683 29.30 1.45 6.03
C GLU A 683 28.28 1.03 5.01
N GLY A 684 28.53 1.36 3.75
CA GLY A 684 27.82 0.74 2.64
C GLY A 684 28.74 0.16 1.60
N VAL A 685 28.34 -0.99 1.06
CA VAL A 685 28.97 -1.69 -0.04
C VAL A 685 27.93 -2.03 -1.12
N ALA A 686 28.31 -1.83 -2.37
CA ALA A 686 27.57 -2.35 -3.51
C ALA A 686 28.40 -3.47 -4.11
N ILE A 687 27.89 -4.70 -4.06
CA ILE A 687 28.67 -5.84 -4.51
C ILE A 687 28.63 -6.02 -6.02
N GLY A 688 27.81 -5.23 -6.72
CA GLY A 688 27.75 -5.21 -8.17
C GLY A 688 26.74 -6.18 -8.74
N GLY A 689 26.45 -6.01 -10.02
CA GLY A 689 25.36 -6.73 -10.65
C GLY A 689 25.72 -8.07 -11.27
N ASP A 690 27.00 -8.47 -11.26
CA ASP A 690 27.42 -9.60 -12.06
C ASP A 690 26.94 -10.92 -11.45
N ARG A 691 27.05 -12.00 -12.23
CA ARG A 691 26.49 -13.29 -11.80
C ARG A 691 27.27 -13.86 -10.62
N TYR A 692 28.57 -13.63 -10.60
CA TYR A 692 29.49 -14.14 -9.59
C TYR A 692 30.22 -12.94 -9.00
N PRO A 693 29.66 -12.30 -7.97
CA PRO A 693 30.35 -11.15 -7.38
C PRO A 693 31.59 -11.57 -6.60
N GLY A 694 32.56 -10.66 -6.52
CA GLY A 694 33.81 -10.96 -5.83
C GLY A 694 33.61 -11.17 -4.34
N SER A 695 32.65 -10.50 -3.73
CA SER A 695 32.29 -10.74 -2.34
C SER A 695 30.76 -10.74 -2.26
N THR A 696 30.22 -11.66 -1.49
CA THR A 696 28.79 -11.85 -1.45
C THR A 696 28.14 -11.05 -0.32
N PHE A 697 26.79 -11.04 -0.33
CA PHE A 697 25.98 -10.44 0.73
C PHE A 697 26.40 -10.96 2.09
N MET A 698 26.42 -12.28 2.23
CA MET A 698 26.83 -12.87 3.49
C MET A 698 28.23 -12.41 3.92
N ASP A 699 29.21 -12.35 3.01
CA ASP A 699 30.54 -11.91 3.44
C ASP A 699 30.43 -10.59 4.16
N HIS A 700 29.73 -9.65 3.57
CA HIS A 700 29.66 -8.32 4.16
C HIS A 700 28.79 -8.29 5.42
N VAL A 701 27.73 -9.08 5.44
CA VAL A 701 26.85 -9.10 6.61
C VAL A 701 27.63 -9.69 7.81
N LEU A 702 28.54 -10.64 7.55
CA LEU A 702 29.39 -11.17 8.61
C LEU A 702 30.30 -10.10 9.16
N ARG A 703 30.97 -9.35 8.28
CA ARG A 703 31.77 -8.21 8.75
C ARG A 703 30.94 -7.31 9.65
N TYR A 704 29.72 -7.01 9.22
CA TYR A 704 28.90 -6.07 9.96
C TYR A 704 28.46 -6.64 11.31
N GLN A 705 28.21 -7.96 11.36
CA GLN A 705 27.91 -8.63 12.63
C GLN A 705 29.07 -8.50 13.61
N ASP A 706 30.33 -8.62 13.13
CA ASP A 706 31.54 -8.58 13.96
C ASP A 706 32.11 -7.17 14.13
N THR A 707 31.37 -6.14 13.77
CA THR A 707 31.88 -4.77 13.85
C THR A 707 31.10 -4.05 14.94
N PRO A 708 31.73 -3.69 16.05
CA PRO A 708 30.95 -3.13 17.17
C PRO A 708 30.12 -1.90 16.84
N GLY A 709 30.66 -0.99 16.06
CA GLY A 709 29.96 0.24 15.79
C GLY A 709 28.73 0.09 14.91
N VAL A 710 28.54 -1.06 14.27
CA VAL A 710 27.30 -1.38 13.56
C VAL A 710 26.29 -1.91 14.56
N LYS A 711 25.08 -1.33 14.54
CA LYS A 711 23.97 -1.77 15.38
C LYS A 711 22.75 -2.32 14.60
N MET A 712 22.60 -2.01 13.32
CA MET A 712 21.57 -2.65 12.51
C MET A 712 22.13 -2.72 11.10
N ILE A 713 21.63 -3.70 10.36
CA ILE A 713 22.10 -4.05 9.04
C ILE A 713 20.93 -3.95 8.06
N VAL A 714 21.18 -3.37 6.90
CA VAL A 714 20.16 -3.23 5.84
C VAL A 714 20.70 -3.91 4.59
N VAL A 715 20.00 -4.93 4.12
CA VAL A 715 20.34 -5.63 2.91
C VAL A 715 19.27 -5.32 1.84
N LEU A 716 19.69 -4.86 0.66
CA LEU A 716 18.82 -4.70 -0.51
C LEU A 716 19.12 -5.81 -1.50
N GLY A 717 18.32 -6.87 -1.46
CA GLY A 717 18.53 -8.05 -2.27
C GLY A 717 17.78 -7.94 -3.58
N GLU A 718 17.73 -9.07 -4.29
CA GLU A 718 17.35 -9.06 -5.70
C GLU A 718 17.03 -10.48 -6.13
N ILE A 719 16.05 -10.58 -7.03
CA ILE A 719 15.72 -11.86 -7.65
C ILE A 719 16.98 -12.54 -8.15
N GLY A 720 17.00 -13.87 -8.06
CA GLY A 720 18.08 -14.65 -8.63
C GLY A 720 19.09 -15.20 -7.64
N GLY A 721 19.36 -16.49 -7.71
CA GLY A 721 20.31 -17.12 -6.81
C GLY A 721 19.69 -17.31 -5.46
N THR A 722 20.50 -17.86 -4.54
CA THR A 722 20.03 -18.19 -3.20
C THR A 722 20.90 -17.59 -2.11
N GLU A 723 21.63 -16.52 -2.40
CA GLU A 723 22.50 -15.94 -1.38
C GLU A 723 21.73 -15.58 -0.13
N GLU A 724 20.54 -14.98 -0.28
CA GLU A 724 19.81 -14.43 0.85
C GLU A 724 19.45 -15.50 1.88
N TYR A 725 19.25 -16.75 1.45
CA TYR A 725 18.96 -17.85 2.39
C TYR A 725 20.12 -18.15 3.35
N LYS A 726 21.35 -17.70 3.05
CA LYS A 726 22.48 -17.83 4.00
C LYS A 726 22.33 -16.90 5.18
N ILE A 727 21.72 -15.74 4.94
CA ILE A 727 21.31 -14.88 6.02
C ILE A 727 20.31 -15.62 6.91
N CYS A 728 19.26 -16.20 6.31
CA CYS A 728 18.32 -17.00 7.09
C CYS A 728 19.04 -18.05 7.95
N ARG A 729 19.97 -18.80 7.35
CA ARG A 729 20.68 -19.84 8.10
C ARG A 729 21.57 -19.21 9.18
N GLY A 730 22.30 -18.14 8.85
CA GLY A 730 23.09 -17.45 9.88
C GLY A 730 22.28 -17.07 11.10
N ILE A 731 21.05 -16.65 10.90
CA ILE A 731 20.19 -16.30 12.03
C ILE A 731 19.84 -17.55 12.82
N LYS A 732 19.41 -18.59 12.13
CA LYS A 732 18.97 -19.80 12.80
C LYS A 732 20.09 -20.45 13.57
N GLU A 733 21.32 -20.34 13.07
CA GLU A 733 22.48 -20.95 13.68
C GLU A 733 23.05 -20.13 14.82
N GLY A 734 22.50 -18.94 15.10
CA GLY A 734 23.07 -18.03 16.08
C GLY A 734 24.27 -17.21 15.65
N ARG A 735 24.66 -17.24 14.38
CA ARG A 735 25.79 -16.44 13.90
C ARG A 735 25.42 -14.96 13.70
N LEU A 736 24.24 -14.66 13.18
CA LEU A 736 23.78 -13.29 13.00
C LEU A 736 22.78 -12.91 14.07
N THR A 737 22.98 -11.76 14.69
CA THR A 737 22.17 -11.40 15.87
C THR A 737 21.75 -9.96 15.91
N LYS A 738 22.43 -9.07 15.23
CA LYS A 738 21.93 -7.73 15.15
C LYS A 738 20.63 -7.73 14.33
N PRO A 739 19.86 -6.65 14.38
CA PRO A 739 18.63 -6.58 13.57
C PRO A 739 19.00 -6.38 12.11
N ILE A 740 18.39 -7.17 11.23
CA ILE A 740 18.57 -7.07 9.79
C ILE A 740 17.24 -6.66 9.15
N VAL A 741 17.29 -5.66 8.29
CA VAL A 741 16.19 -5.27 7.41
C VAL A 741 16.55 -5.71 6.00
N CYS A 742 15.62 -6.36 5.31
CA CYS A 742 15.87 -6.83 3.96
C CYS A 742 14.64 -6.66 3.07
N TRP A 743 14.89 -6.19 1.85
CA TRP A 743 13.89 -6.17 0.78
C TRP A 743 14.57 -6.76 -0.45
N CYS A 744 13.96 -7.77 -1.06
CA CYS A 744 14.42 -8.31 -2.33
C CYS A 744 13.62 -7.74 -3.51
N ILE A 745 14.29 -7.06 -4.43
CA ILE A 745 13.62 -6.45 -5.58
C ILE A 745 13.42 -7.49 -6.69
N GLY A 746 12.52 -7.18 -7.62
CA GLY A 746 12.14 -8.06 -8.72
C GLY A 746 10.84 -8.82 -8.57
N THR A 747 9.95 -8.40 -7.67
CA THR A 747 8.70 -9.12 -7.46
C THR A 747 7.78 -9.09 -8.68
N CYS A 748 7.95 -8.15 -9.62
CA CYS A 748 7.13 -8.14 -10.82
C CYS A 748 7.43 -9.29 -11.77
N ALA A 749 8.62 -9.89 -11.68
CA ALA A 749 9.06 -10.89 -12.66
C ALA A 749 8.05 -12.03 -12.77
N THR A 750 7.37 -12.34 -11.69
CA THR A 750 6.41 -13.43 -11.67
C THR A 750 5.12 -13.07 -12.41
N MET A 751 4.82 -11.79 -12.57
CA MET A 751 3.62 -11.31 -13.26
C MET A 751 3.72 -11.34 -14.78
N PHE A 752 4.92 -11.51 -15.32
CA PHE A 752 5.07 -11.54 -16.75
C PHE A 752 4.73 -12.93 -17.30
N SER A 753 4.24 -12.96 -18.53
CA SER A 753 3.96 -14.23 -19.21
C SER A 753 5.23 -14.89 -19.76
N SER A 754 6.27 -14.11 -20.07
CA SER A 754 7.58 -14.63 -20.45
C SER A 754 8.62 -14.14 -19.46
N GLU A 755 9.69 -14.90 -19.28
CA GLU A 755 10.77 -14.40 -18.42
C GLU A 755 11.31 -13.10 -18.97
N VAL A 756 11.76 -12.23 -18.08
CA VAL A 756 12.33 -10.95 -18.47
C VAL A 756 13.73 -10.84 -17.86
N GLN A 757 14.73 -10.71 -18.72
CA GLN A 757 16.10 -10.56 -18.26
C GLN A 757 16.28 -9.09 -17.88
N PHE A 758 16.50 -8.84 -16.59
CA PHE A 758 16.72 -7.49 -16.10
C PHE A 758 18.14 -7.02 -16.42
N GLY A 759 18.47 -5.82 -15.94
CA GLY A 759 19.79 -5.26 -16.22
C GLY A 759 20.94 -6.08 -15.67
N HIS A 760 20.88 -6.43 -14.38
CA HIS A 760 22.02 -7.08 -13.75
C HIS A 760 22.17 -8.53 -14.24
N ALA A 761 23.39 -8.90 -14.57
CA ALA A 761 23.61 -10.25 -15.05
C ALA A 761 23.05 -11.30 -14.09
N GLY A 762 23.09 -11.02 -12.78
CA GLY A 762 22.65 -12.00 -11.81
C GLY A 762 21.16 -12.27 -11.77
N ALA A 763 20.34 -11.42 -12.38
CA ALA A 763 18.93 -11.36 -12.02
C ALA A 763 18.07 -12.40 -12.75
N CYS A 764 18.61 -13.58 -13.01
CA CYS A 764 17.86 -14.65 -13.67
C CYS A 764 17.50 -15.68 -12.63
N ALA A 765 16.19 -15.98 -12.53
CA ALA A 765 15.67 -16.92 -11.55
C ALA A 765 15.57 -18.32 -12.17
N ASN A 766 16.37 -19.25 -11.65
CA ASN A 766 16.47 -20.60 -12.18
C ASN A 766 15.55 -21.61 -11.51
N GLN A 767 15.03 -21.28 -10.33
CA GLN A 767 14.06 -22.13 -9.66
C GLN A 767 13.10 -21.24 -8.88
N ALA A 768 12.04 -21.86 -8.36
CA ALA A 768 11.00 -21.12 -7.66
C ALA A 768 11.55 -20.36 -6.46
N SER A 769 12.63 -20.86 -5.86
CA SER A 769 13.16 -20.29 -4.61
C SER A 769 13.97 -19.03 -4.84
N GLU A 770 14.40 -18.79 -6.08
CA GLU A 770 15.20 -17.64 -6.46
C GLU A 770 14.38 -16.39 -6.76
N THR A 771 13.05 -16.45 -6.67
CA THR A 771 12.22 -15.27 -6.90
C THR A 771 12.33 -14.33 -5.71
N ALA A 772 12.23 -13.02 -5.98
CA ALA A 772 12.16 -12.07 -4.87
C ALA A 772 11.04 -12.43 -3.90
N VAL A 773 9.89 -12.85 -4.40
CA VAL A 773 8.74 -13.09 -3.53
C VAL A 773 9.04 -14.22 -2.57
N ALA A 774 9.61 -15.32 -3.08
CA ALA A 774 9.95 -16.43 -2.20
C ALA A 774 11.00 -16.00 -1.18
N LYS A 775 11.99 -15.22 -1.61
CA LYS A 775 13.06 -14.81 -0.72
C LYS A 775 12.54 -13.88 0.37
N ASN A 776 11.78 -12.86 -0.02
CA ASN A 776 11.16 -12.03 1.00
C ASN A 776 10.33 -12.86 1.97
N GLN A 777 9.69 -13.95 1.51
CA GLN A 777 8.89 -14.76 2.43
C GLN A 777 9.77 -15.53 3.41
N ALA A 778 10.82 -16.19 2.92
CA ALA A 778 11.71 -16.97 3.78
C ALA A 778 12.42 -16.07 4.77
N LEU A 779 12.86 -14.90 4.32
CA LEU A 779 13.55 -13.97 5.20
C LEU A 779 12.67 -13.55 6.34
N LYS A 780 11.39 -13.25 6.05
CA LYS A 780 10.48 -12.78 7.09
C LYS A 780 10.19 -13.87 8.13
N GLU A 781 10.04 -15.12 7.68
CA GLU A 781 9.84 -16.23 8.62
C GLU A 781 11.05 -16.46 9.53
N ALA A 782 12.26 -16.20 9.04
CA ALA A 782 13.44 -16.34 9.88
C ALA A 782 13.66 -15.17 10.83
N GLY A 783 12.80 -14.16 10.86
CA GLY A 783 12.98 -13.04 11.78
C GLY A 783 13.67 -11.82 11.20
N VAL A 784 13.98 -11.82 9.90
CA VAL A 784 14.38 -10.61 9.25
C VAL A 784 13.18 -9.67 9.16
N PHE A 785 13.44 -8.38 9.30
CA PHE A 785 12.42 -7.35 9.15
C PHE A 785 12.28 -6.99 7.68
N VAL A 786 11.11 -7.27 7.11
CA VAL A 786 10.86 -7.16 5.67
C VAL A 786 9.69 -6.21 5.45
N PRO A 787 9.83 -5.12 4.69
CA PRO A 787 8.66 -4.28 4.39
C PRO A 787 7.76 -4.96 3.38
N ARG A 788 6.59 -4.38 3.18
CA ARG A 788 5.66 -4.96 2.22
C ARG A 788 6.13 -4.76 0.80
N SER A 789 6.92 -3.72 0.59
CA SER A 789 7.41 -3.32 -0.71
C SER A 789 8.52 -2.33 -0.44
N PHE A 790 9.28 -2.03 -1.47
CA PHE A 790 10.40 -1.11 -1.34
C PHE A 790 9.96 0.24 -0.81
N ASP A 791 8.79 0.73 -1.21
CA ASP A 791 8.47 2.10 -0.77
C ASP A 791 8.03 2.18 0.68
N GLU A 792 8.08 1.08 1.43
CA GLU A 792 7.93 1.07 2.89
C GLU A 792 9.22 0.62 3.59
N LEU A 793 10.30 0.47 2.84
CA LEU A 793 11.60 0.14 3.44
C LEU A 793 12.07 1.24 4.37
N GLY A 794 11.97 2.48 3.91
CA GLY A 794 12.37 3.61 4.72
C GLY A 794 11.61 3.69 6.03
N GLU A 795 10.31 3.35 6.00
CA GLU A 795 9.47 3.27 7.21
C GLU A 795 10.02 2.21 8.18
N ILE A 796 10.23 0.98 7.70
CA ILE A 796 10.67 -0.07 8.62
C ILE A 796 12.07 0.21 9.13
N ILE A 797 12.95 0.78 8.31
CA ILE A 797 14.28 1.14 8.82
C ILE A 797 14.15 2.13 9.97
N GLN A 798 13.25 3.11 9.81
CA GLN A 798 13.04 4.11 10.87
C GLN A 798 12.54 3.47 12.16
N SER A 799 11.62 2.53 12.06
CA SER A 799 11.01 2.06 13.29
C SER A 799 12.00 1.22 14.07
N VAL A 800 12.78 0.41 13.37
CA VAL A 800 13.78 -0.43 13.99
C VAL A 800 14.82 0.42 14.67
N TYR A 801 15.31 1.44 13.97
CA TYR A 801 16.24 2.37 14.58
C TYR A 801 15.66 2.96 15.86
N GLU A 802 14.36 3.28 15.83
CA GLU A 802 13.70 3.93 16.95
C GLU A 802 13.61 3.00 18.16
N ASP A 803 13.36 1.71 17.92
CA ASP A 803 13.38 0.71 18.99
C ASP A 803 14.76 0.64 19.61
N LEU A 804 15.79 0.65 18.75
CA LEU A 804 17.15 0.53 19.28
C LEU A 804 17.52 1.79 20.01
N VAL A 805 17.01 2.95 19.56
CA VAL A 805 17.17 4.14 20.40
C VAL A 805 16.40 3.94 21.72
N ALA A 806 15.16 3.44 21.64
CA ALA A 806 14.34 3.25 22.84
C ALA A 806 14.91 2.17 23.77
N ASN A 807 15.68 1.21 23.24
CA ASN A 807 16.28 0.19 24.09
C ASN A 807 17.67 0.56 24.57
N GLY A 808 18.18 1.74 24.24
CA GLY A 808 19.50 2.15 24.65
C GLY A 808 20.65 1.63 23.80
N VAL A 809 20.38 0.76 22.83
CA VAL A 809 21.45 0.19 22.00
C VAL A 809 22.13 1.27 21.17
N ILE A 810 21.39 2.27 20.72
CA ILE A 810 21.94 3.37 19.94
C ILE A 810 21.76 4.64 20.76
N VAL A 811 22.82 5.41 20.92
CA VAL A 811 22.75 6.68 21.65
C VAL A 811 23.17 7.79 20.70
N PRO A 812 22.21 8.48 20.08
CA PRO A 812 22.55 9.46 19.05
C PRO A 812 23.25 10.68 19.63
N ALA A 813 23.75 11.50 18.70
CA ALA A 813 24.54 12.68 19.03
C ALA A 813 23.74 13.93 18.69
N SER B 2 -27.58 6.86 18.43
CA SER B 2 -27.66 5.82 17.41
C SER B 2 -28.77 4.88 17.84
N ALA B 3 -29.35 4.15 16.88
CA ALA B 3 -30.36 3.16 17.18
C ALA B 3 -29.70 1.87 17.65
N LYS B 4 -30.22 1.29 18.72
CA LYS B 4 -29.63 0.10 19.29
C LYS B 4 -30.70 -0.98 19.40
N ALA B 5 -30.32 -2.20 19.06
CA ALA B 5 -31.21 -3.33 19.24
C ALA B 5 -31.52 -3.56 20.72
N ILE B 6 -32.73 -4.04 20.98
CA ILE B 6 -33.16 -4.51 22.28
C ILE B 6 -33.56 -5.96 22.10
N SER B 7 -33.54 -6.69 23.21
CA SER B 7 -33.88 -8.10 23.19
C SER B 7 -35.38 -8.29 22.98
N GLU B 8 -35.76 -9.50 22.54
CA GLU B 8 -37.18 -9.82 22.44
C GLU B 8 -37.90 -9.63 23.78
N GLN B 9 -37.31 -10.11 24.87
CA GLN B 9 -37.98 -9.92 26.15
C GLN B 9 -38.18 -8.44 26.48
N THR B 10 -37.16 -7.60 26.24
CA THR B 10 -37.33 -6.18 26.53
C THR B 10 -38.50 -5.61 25.70
N GLY B 11 -38.56 -5.96 24.43
CA GLY B 11 -39.59 -5.39 23.58
C GLY B 11 -40.98 -5.80 24.03
N LYS B 12 -41.15 -7.08 24.37
CA LYS B 12 -42.44 -7.57 24.83
C LYS B 12 -42.83 -6.92 26.15
N GLU B 13 -41.85 -6.70 27.03
CA GLU B 13 -42.11 -6.06 28.31
C GLU B 13 -42.59 -4.63 28.10
N LEU B 14 -41.95 -3.91 27.20
CA LEU B 14 -42.43 -2.57 26.90
C LEU B 14 -43.82 -2.61 26.25
N LEU B 15 -44.06 -3.59 25.38
CA LEU B 15 -45.35 -3.66 24.70
C LEU B 15 -46.44 -4.05 25.68
N TYR B 16 -46.18 -5.06 26.51
CA TYR B 16 -47.17 -5.46 27.50
C TYR B 16 -47.45 -4.34 28.51
N LYS B 17 -46.46 -3.49 28.80
CA LYS B 17 -46.68 -2.36 29.73
C LYS B 17 -47.43 -1.21 29.08
N PHE B 18 -47.20 -0.91 27.79
CA PHE B 18 -47.60 0.39 27.25
C PHE B 18 -48.50 0.38 26.04
N ILE B 19 -48.69 -0.76 25.34
CA ILE B 19 -49.58 -0.73 24.18
C ILE B 19 -51.00 -0.58 24.70
N SER B 20 -51.85 0.03 23.88
CA SER B 20 -53.26 0.21 24.24
C SER B 20 -53.97 -1.13 24.46
N THR B 21 -54.59 -1.28 25.63
CA THR B 21 -55.38 -2.46 25.95
C THR B 21 -56.52 -2.70 24.95
N THR B 22 -56.89 -1.71 24.10
CA THR B 22 -58.01 -1.91 23.17
C THR B 22 -57.73 -3.04 22.18
N SER B 23 -56.51 -3.17 21.70
CA SER B 23 -56.17 -4.40 21.01
C SER B 23 -56.12 -5.54 22.03
N ALA B 24 -56.62 -6.72 21.63
CA ALA B 24 -56.86 -7.81 22.59
C ALA B 24 -55.64 -8.73 22.73
N ILE B 25 -54.57 -8.20 23.33
CA ILE B 25 -53.31 -8.92 23.45
C ILE B 25 -53.46 -10.09 24.41
N GLN B 26 -52.98 -11.26 23.99
CA GLN B 26 -53.05 -12.47 24.77
C GLN B 26 -51.66 -12.84 25.28
N ASN B 27 -51.64 -13.62 26.36
CA ASN B 27 -50.43 -14.14 27.03
C ASN B 27 -49.60 -13.01 27.60
N ARG B 28 -50.28 -11.93 27.90
CA ARG B 28 -49.68 -10.77 28.52
C ARG B 28 -48.80 -11.17 29.70
N PHE B 29 -47.53 -10.79 29.64
CA PHE B 29 -46.53 -11.01 30.67
C PHE B 29 -46.22 -12.48 30.93
N LYS B 30 -46.68 -13.39 30.07
CA LYS B 30 -46.36 -14.81 30.20
C LYS B 30 -45.06 -15.11 29.46
N TYR B 31 -43.95 -14.81 30.12
CA TYR B 31 -42.63 -15.20 29.64
C TYR B 31 -41.75 -15.41 30.85
N ALA B 32 -40.70 -16.23 30.66
CA ALA B 32 -39.73 -16.54 31.70
C ALA B 32 -38.34 -16.56 31.07
N ARG B 33 -37.46 -15.81 31.67
CA ARG B 33 -36.08 -15.73 31.25
C ARG B 33 -35.29 -16.84 31.92
N VAL B 34 -34.44 -17.50 31.14
CA VAL B 34 -33.58 -18.59 31.61
C VAL B 34 -32.14 -18.32 31.22
N THR B 35 -31.23 -18.44 32.22
CA THR B 35 -29.78 -18.39 32.04
C THR B 35 -29.19 -19.53 32.84
N PRO B 36 -27.87 -19.74 32.77
CA PRO B 36 -27.26 -20.84 33.53
C PRO B 36 -27.46 -20.72 35.02
N ASP B 37 -27.52 -19.49 35.55
CA ASP B 37 -27.62 -19.22 36.99
C ASP B 37 -29.09 -19.14 37.44
N THR B 38 -30.02 -19.69 36.68
CA THR B 38 -31.45 -19.55 37.01
C THR B 38 -31.83 -20.39 38.21
N ASP B 39 -32.55 -19.79 39.15
CA ASP B 39 -33.12 -20.52 40.27
C ASP B 39 -34.48 -21.04 39.84
N TRP B 40 -34.52 -22.31 39.46
CA TRP B 40 -35.73 -22.83 38.85
C TRP B 40 -36.88 -22.89 39.85
N ALA B 41 -36.57 -23.08 41.13
CA ALA B 41 -37.66 -23.04 42.09
C ALA B 41 -38.30 -21.66 42.08
N ARG B 42 -37.48 -20.60 42.21
CA ARG B 42 -38.01 -19.24 42.11
C ARG B 42 -38.80 -19.03 40.82
N LEU B 43 -38.29 -19.57 39.70
CA LEU B 43 -38.90 -19.33 38.39
C LEU B 43 -40.32 -19.87 38.33
N LEU B 44 -40.52 -21.10 38.82
CA LEU B 44 -41.85 -21.71 38.80
C LEU B 44 -42.82 -21.01 39.74
N GLN B 45 -42.32 -20.52 40.87
CA GLN B 45 -43.16 -19.71 41.76
C GLN B 45 -43.59 -18.42 41.06
N ASP B 46 -42.63 -17.72 40.45
CA ASP B 46 -42.90 -16.45 39.79
C ASP B 46 -43.72 -16.63 38.52
N HIS B 47 -43.53 -17.75 37.81
CA HIS B 47 -44.27 -18.02 36.58
C HIS B 47 -45.01 -19.35 36.70
N PRO B 48 -46.09 -19.39 37.49
CA PRO B 48 -46.80 -20.66 37.70
C PRO B 48 -47.40 -21.28 36.47
N TRP B 49 -47.66 -20.49 35.43
CA TRP B 49 -48.23 -21.02 34.19
C TRP B 49 -47.30 -22.00 33.49
N LEU B 50 -46.01 -22.03 33.85
CA LEU B 50 -45.08 -22.98 33.23
C LEU B 50 -45.47 -24.45 33.50
N LEU B 51 -46.27 -24.75 34.53
CA LEU B 51 -46.59 -26.14 34.84
C LEU B 51 -47.91 -26.60 34.25
N SER B 52 -48.68 -25.71 33.63
CA SER B 52 -50.06 -25.97 33.31
C SER B 52 -50.40 -25.90 31.83
N GLN B 53 -49.42 -25.71 30.95
CA GLN B 53 -49.68 -25.65 29.52
C GLN B 53 -48.36 -25.89 28.81
N ASN B 54 -48.44 -26.32 27.56
CA ASN B 54 -47.22 -26.60 26.79
C ASN B 54 -46.52 -25.29 26.43
N LEU B 55 -45.24 -25.41 26.08
CA LEU B 55 -44.32 -24.29 26.07
C LEU B 55 -43.55 -24.23 24.76
N VAL B 56 -42.98 -23.06 24.52
CA VAL B 56 -42.00 -22.81 23.48
C VAL B 56 -40.79 -22.17 24.12
N VAL B 57 -39.59 -22.57 23.67
CA VAL B 57 -38.34 -22.07 24.24
C VAL B 57 -37.37 -21.75 23.10
N LYS B 58 -36.59 -20.70 23.29
CA LYS B 58 -35.66 -20.22 22.27
C LYS B 58 -34.66 -19.27 22.94
N PRO B 59 -33.49 -19.07 22.32
CA PRO B 59 -32.54 -18.09 22.85
C PRO B 59 -32.98 -16.68 22.50
N ASP B 60 -32.56 -15.72 23.34
CA ASP B 60 -32.90 -14.29 23.15
C ASP B 60 -31.60 -13.53 23.15
N GLN B 61 -30.90 -13.54 22.03
CA GLN B 61 -29.55 -12.96 21.97
C GLN B 61 -29.29 -12.28 20.64
N LEU B 62 -30.35 -11.75 20.02
CA LEU B 62 -30.24 -11.03 18.77
C LEU B 62 -29.72 -11.94 17.66
N ILE B 63 -30.08 -13.22 17.75
CA ILE B 63 -29.96 -14.15 16.66
C ILE B 63 -31.17 -13.96 15.75
N LYS B 64 -30.93 -13.81 14.46
CA LYS B 64 -32.04 -13.76 13.51
C LYS B 64 -32.20 -15.13 12.87
N ARG B 65 -33.43 -15.44 12.46
CA ARG B 65 -33.72 -16.73 11.84
C ARG B 65 -33.40 -17.87 12.80
N ARG B 66 -33.85 -17.72 14.05
CA ARG B 66 -33.64 -18.77 15.06
C ARG B 66 -34.35 -20.05 14.65
N GLY B 67 -35.56 -19.94 14.12
CA GLY B 67 -36.31 -21.08 13.65
C GLY B 67 -35.48 -21.83 12.65
N LYS B 68 -35.13 -21.15 11.54
CA LYS B 68 -34.37 -21.77 10.45
C LYS B 68 -32.96 -22.19 10.86
N LEU B 69 -32.44 -21.67 11.97
CA LEU B 69 -31.23 -22.23 12.55
C LEU B 69 -31.51 -23.42 13.46
N GLY B 70 -32.77 -23.72 13.74
CA GLY B 70 -33.14 -24.84 14.58
C GLY B 70 -32.88 -24.60 16.04
N LEU B 71 -32.99 -23.35 16.50
CA LEU B 71 -32.77 -23.00 17.90
C LEU B 71 -34.10 -22.75 18.61
N VAL B 72 -35.15 -23.49 18.25
CA VAL B 72 -36.49 -23.37 18.82
C VAL B 72 -36.99 -24.75 19.22
N GLY B 73 -37.35 -24.90 20.49
CA GLY B 73 -38.09 -26.05 20.98
C GLY B 73 -39.56 -25.73 21.07
N VAL B 74 -40.39 -26.53 20.40
CA VAL B 74 -41.77 -26.18 20.13
C VAL B 74 -42.71 -27.23 20.70
N ASN B 75 -43.74 -26.75 21.42
CA ASN B 75 -44.82 -27.58 21.94
C ASN B 75 -44.27 -28.63 22.88
N LEU B 76 -43.52 -28.16 23.88
CA LEU B 76 -42.94 -28.99 24.92
C LEU B 76 -43.60 -28.71 26.27
N THR B 77 -43.73 -29.74 27.08
CA THR B 77 -43.98 -29.57 28.50
C THR B 77 -42.75 -28.97 29.17
N LEU B 78 -42.87 -28.68 30.47
CA LEU B 78 -41.77 -28.05 31.20
C LEU B 78 -40.58 -28.99 31.27
N ASP B 79 -40.81 -30.29 31.42
CA ASP B 79 -39.70 -31.25 31.45
C ASP B 79 -39.06 -31.39 30.07
N GLY B 80 -39.85 -31.27 29.01
CA GLY B 80 -39.29 -31.23 27.66
C GLY B 80 -38.44 -30.00 27.42
N VAL B 81 -38.80 -28.88 28.04
CA VAL B 81 -38.00 -27.66 27.91
C VAL B 81 -36.65 -27.84 28.61
N LYS B 82 -36.67 -28.39 29.82
CA LYS B 82 -35.41 -28.59 30.56
C LYS B 82 -34.47 -29.57 29.85
N SER B 83 -35.01 -30.67 29.34
CA SER B 83 -34.16 -31.59 28.57
C SER B 83 -33.73 -30.93 27.27
N TRP B 84 -34.65 -30.23 26.60
CA TRP B 84 -34.24 -29.48 25.42
C TRP B 84 -33.13 -28.50 25.78
N LEU B 85 -33.19 -27.91 26.98
CA LEU B 85 -32.13 -26.98 27.38
C LEU B 85 -30.82 -27.70 27.72
N LYS B 86 -30.84 -28.96 28.15
CA LYS B 86 -29.62 -29.54 28.71
C LYS B 86 -28.41 -29.52 27.79
N PRO B 87 -28.48 -29.99 26.53
CA PRO B 87 -27.31 -29.94 25.64
C PRO B 87 -27.05 -28.59 25.02
N ARG B 88 -27.89 -27.59 25.29
CA ARG B 88 -27.77 -26.32 24.61
C ARG B 88 -27.30 -25.20 25.52
N LEU B 89 -27.79 -25.13 26.74
CA LEU B 89 -27.40 -24.05 27.63
C LEU B 89 -25.93 -24.21 28.02
N GLY B 90 -25.20 -23.11 27.94
CA GLY B 90 -23.79 -23.09 28.20
C GLY B 90 -22.95 -23.39 26.99
N GLN B 91 -23.56 -23.93 25.94
CA GLN B 91 -22.85 -24.42 24.77
C GLN B 91 -22.73 -23.33 23.71
N GLU B 92 -21.60 -23.35 22.99
CA GLU B 92 -21.36 -22.35 21.97
C GLU B 92 -21.97 -22.81 20.65
N ALA B 93 -22.46 -21.85 19.87
CA ALA B 93 -23.07 -22.11 18.58
C ALA B 93 -22.53 -21.10 17.56
N THR B 94 -22.62 -21.48 16.29
CA THR B 94 -22.14 -20.64 15.19
C THR B 94 -23.33 -20.22 14.35
N VAL B 95 -23.41 -18.94 14.04
CA VAL B 95 -24.45 -18.41 13.18
C VAL B 95 -23.78 -17.41 12.26
N GLY B 96 -23.73 -17.73 10.97
CA GLY B 96 -22.96 -16.90 10.07
C GLY B 96 -21.50 -16.94 10.45
N LYS B 97 -20.84 -15.78 10.35
CA LYS B 97 -19.47 -15.59 10.82
C LYS B 97 -19.35 -15.54 12.33
N ALA B 98 -20.46 -15.57 13.08
CA ALA B 98 -20.43 -15.33 14.52
C ALA B 98 -20.60 -16.63 15.29
N THR B 99 -19.81 -16.76 16.35
CA THR B 99 -19.92 -17.89 17.27
C THR B 99 -19.93 -17.34 18.69
N GLY B 100 -20.85 -17.83 19.52
CA GLY B 100 -20.94 -17.40 20.91
C GLY B 100 -21.65 -18.43 21.75
N PHE B 101 -21.72 -18.17 23.04
CA PHE B 101 -22.39 -19.08 23.97
C PHE B 101 -23.88 -18.78 24.07
N LEU B 102 -24.69 -19.84 24.10
CA LEU B 102 -26.12 -19.75 24.27
C LEU B 102 -26.41 -19.68 25.77
N LYS B 103 -26.51 -18.44 26.28
CA LYS B 103 -26.59 -18.14 27.70
C LYS B 103 -27.91 -17.53 28.14
N ASN B 104 -28.81 -17.18 27.22
CA ASN B 104 -30.02 -16.42 27.58
C ASN B 104 -31.23 -16.91 26.79
N PHE B 105 -32.18 -17.57 27.46
CA PHE B 105 -33.34 -18.14 26.78
C PHE B 105 -34.64 -17.55 27.26
N LEU B 106 -35.63 -17.70 26.43
CA LEU B 106 -36.96 -17.23 26.74
C LEU B 106 -37.93 -18.39 26.59
N ILE B 107 -38.71 -18.66 27.65
CA ILE B 107 -39.81 -19.61 27.61
C ILE B 107 -41.12 -18.84 27.59
N GLU B 108 -41.99 -19.18 26.66
CA GLU B 108 -43.33 -18.61 26.55
C GLU B 108 -44.28 -19.76 26.35
N PRO B 109 -45.58 -19.48 26.43
CA PRO B 109 -46.55 -20.53 26.13
C PRO B 109 -46.60 -20.85 24.65
N PHE B 110 -46.91 -22.10 24.36
CA PHE B 110 -47.23 -22.50 23.00
C PHE B 110 -48.63 -22.03 22.64
N VAL B 111 -48.77 -21.55 21.42
CA VAL B 111 -50.01 -21.02 20.88
C VAL B 111 -50.40 -21.90 19.70
N PRO B 112 -51.33 -22.83 19.89
CA PRO B 112 -51.80 -23.61 18.73
C PRO B 112 -52.47 -22.67 17.75
N HIS B 113 -52.16 -22.84 16.46
CA HIS B 113 -52.78 -22.01 15.45
C HIS B 113 -52.47 -22.60 14.08
N SER B 114 -53.09 -22.04 13.07
CA SER B 114 -52.88 -22.45 11.70
C SER B 114 -52.08 -21.41 10.95
N GLN B 115 -51.57 -21.83 9.80
CA GLN B 115 -50.86 -20.93 8.89
C GLN B 115 -51.69 -19.68 8.57
N ALA B 116 -52.99 -19.87 8.33
CA ALA B 116 -53.85 -18.76 7.94
C ALA B 116 -53.99 -17.70 9.00
N GLU B 117 -53.59 -18.01 10.24
CA GLU B 117 -53.63 -17.06 11.35
C GLU B 117 -52.28 -16.36 11.58
N GLU B 118 -51.31 -16.60 10.72
CA GLU B 118 -50.04 -15.94 10.85
C GLU B 118 -50.00 -14.71 9.97
N PHE B 119 -49.47 -13.63 10.52
CA PHE B 119 -49.36 -12.37 9.83
C PHE B 119 -48.02 -11.76 10.13
N TYR B 120 -47.60 -10.86 9.27
CA TYR B 120 -46.34 -10.15 9.41
C TYR B 120 -46.65 -8.67 9.54
N VAL B 121 -46.02 -8.02 10.51
CA VAL B 121 -46.07 -6.56 10.64
C VAL B 121 -44.66 -6.04 10.90
N CYS B 122 -44.35 -4.90 10.31
CA CYS B 122 -43.09 -4.22 10.56
C CYS B 122 -43.29 -2.72 10.42
N ILE B 123 -42.63 -1.95 11.27
CA ILE B 123 -42.63 -0.50 11.22
C ILE B 123 -41.17 -0.08 11.30
N TYR B 124 -40.71 0.74 10.35
CA TYR B 124 -39.32 1.18 10.35
C TYR B 124 -39.20 2.63 9.92
N ALA B 125 -38.12 3.27 10.39
CA ALA B 125 -37.89 4.70 10.19
C ALA B 125 -37.00 5.02 8.97
N THR B 126 -37.38 6.10 8.29
CA THR B 126 -36.56 6.77 7.29
C THR B 126 -36.65 8.28 7.47
N ARG B 127 -35.79 8.98 6.72
CA ARG B 127 -35.80 10.45 6.69
C ARG B 127 -37.20 11.00 6.43
N GLU B 128 -38.00 10.34 5.59
CA GLU B 128 -39.28 10.87 5.15
C GLU B 128 -40.46 10.41 6.01
N GLY B 129 -40.22 9.62 7.04
CA GLY B 129 -41.27 9.14 7.90
C GLY B 129 -41.04 7.69 8.24
N ASP B 130 -42.10 7.07 8.75
CA ASP B 130 -42.05 5.69 9.21
C ASP B 130 -42.94 4.84 8.31
N TYR B 131 -42.38 3.74 7.82
CA TYR B 131 -43.11 2.80 6.96
C TYR B 131 -43.77 1.70 7.76
N VAL B 132 -44.97 1.35 7.39
CA VAL B 132 -45.69 0.26 8.01
C VAL B 132 -45.92 -0.79 6.94
N LEU B 133 -45.55 -2.03 7.25
CA LEU B 133 -45.60 -3.15 6.32
C LEU B 133 -46.52 -4.21 6.89
N PHE B 134 -47.35 -4.79 6.02
CA PHE B 134 -48.24 -5.85 6.44
C PHE B 134 -48.27 -6.95 5.40
N HIS B 135 -48.34 -8.19 5.88
CA HIS B 135 -48.37 -9.29 4.94
C HIS B 135 -48.99 -10.52 5.58
N HIS B 136 -49.97 -11.11 4.91
CA HIS B 136 -50.58 -12.36 5.33
C HIS B 136 -49.82 -13.58 4.79
N GLU B 137 -49.50 -14.49 5.70
CA GLU B 137 -48.69 -15.65 5.35
C GLU B 137 -47.41 -15.67 6.16
N ALA B 149 -45.91 -7.72 -0.38
CA ALA B 149 -46.20 -7.11 0.90
C ALA B 149 -46.80 -5.70 0.78
N GLN B 150 -47.81 -5.39 1.59
CA GLN B 150 -48.40 -4.07 1.64
C GLN B 150 -47.56 -3.10 2.47
N LYS B 151 -47.55 -1.84 2.05
CA LYS B 151 -46.63 -0.83 2.56
C LYS B 151 -47.31 0.54 2.55
N LEU B 152 -47.13 1.25 3.65
CA LEU B 152 -47.79 2.52 3.89
C LEU B 152 -46.76 3.45 4.54
N LEU B 153 -46.61 4.67 4.04
CA LEU B 153 -45.75 5.66 4.67
C LEU B 153 -46.56 6.58 5.57
N VAL B 154 -46.19 6.65 6.86
CA VAL B 154 -46.66 7.71 7.73
C VAL B 154 -45.60 8.81 7.71
N GLY B 155 -45.95 9.94 7.11
CA GLY B 155 -45.01 11.04 7.00
C GLY B 155 -44.63 11.66 8.34
N VAL B 156 -43.51 12.38 8.31
CA VAL B 156 -42.97 13.02 9.49
C VAL B 156 -44.02 13.96 10.08
N ASP B 157 -44.43 13.65 11.31
CA ASP B 157 -45.35 14.42 12.14
C ASP B 157 -46.79 14.31 11.64
N GLU B 158 -47.11 13.22 10.97
CA GLU B 158 -48.45 12.92 10.51
C GLU B 158 -49.01 11.77 11.36
N LYS B 159 -50.29 11.46 11.18
CA LYS B 159 -50.93 10.38 11.90
C LYS B 159 -51.25 9.21 10.99
N LEU B 160 -51.30 8.01 11.56
CA LEU B 160 -51.79 6.85 10.82
C LEU B 160 -53.32 6.86 10.79
N ASN B 161 -53.85 6.99 9.59
CA ASN B 161 -55.30 7.01 9.34
C ASN B 161 -55.84 5.59 9.47
N PRO B 162 -56.53 5.25 10.56
CA PRO B 162 -56.98 3.86 10.72
C PRO B 162 -57.84 3.35 9.57
N GLU B 163 -58.28 4.22 8.65
CA GLU B 163 -58.90 3.78 7.41
C GLU B 163 -57.90 3.64 6.26
N ASP B 164 -56.72 4.26 6.36
CA ASP B 164 -55.63 3.88 5.47
C ASP B 164 -55.12 2.46 5.79
N ILE B 165 -55.11 2.09 7.08
CA ILE B 165 -54.79 0.71 7.45
C ILE B 165 -55.78 -0.25 6.78
N LYS B 166 -57.08 0.04 6.90
CA LYS B 166 -58.10 -0.87 6.40
C LYS B 166 -58.11 -0.88 4.87
N LYS B 167 -57.86 0.27 4.26
CA LYS B 167 -57.92 0.41 2.82
C LYS B 167 -56.63 0.03 2.08
N HIS B 168 -55.45 0.23 2.67
CA HIS B 168 -54.16 -0.06 2.00
C HIS B 168 -53.40 -1.25 2.56
N LEU B 169 -53.27 -1.39 3.87
CA LEU B 169 -52.49 -2.50 4.40
C LEU B 169 -53.28 -3.81 4.38
N LEU B 170 -54.57 -3.76 4.71
CA LEU B 170 -55.38 -4.95 4.93
C LEU B 170 -56.23 -5.35 3.72
N VAL B 171 -55.87 -4.94 2.50
CA VAL B 171 -56.69 -5.20 1.30
C VAL B 171 -56.95 -6.69 1.12
N HIS B 172 -55.96 -7.53 1.40
CA HIS B 172 -56.09 -8.96 1.18
C HIS B 172 -56.33 -9.75 2.48
N ALA B 173 -56.71 -9.06 3.58
CA ALA B 173 -56.83 -9.80 4.83
C ALA B 173 -58.25 -10.36 5.01
N PRO B 174 -58.38 -11.47 5.72
CA PRO B 174 -59.71 -12.08 5.93
C PRO B 174 -60.68 -11.11 6.61
N GLU B 175 -61.87 -11.00 6.01
CA GLU B 175 -62.76 -9.89 6.35
C GLU B 175 -63.08 -9.87 7.85
N ASP B 176 -63.21 -11.05 8.46
CA ASP B 176 -63.56 -11.19 9.88
C ASP B 176 -62.43 -10.82 10.83
N LYS B 177 -61.21 -10.61 10.33
CA LYS B 177 -60.06 -10.24 11.14
C LYS B 177 -59.66 -8.77 11.00
N LYS B 178 -60.26 -8.03 10.06
CA LYS B 178 -59.78 -6.69 9.73
C LYS B 178 -59.86 -5.72 10.90
N GLU B 179 -60.93 -5.80 11.70
CA GLU B 179 -61.09 -4.80 12.76
C GLU B 179 -60.08 -5.00 13.89
N ILE B 180 -59.82 -6.25 14.29
CA ILE B 180 -58.82 -6.50 15.32
C ILE B 180 -57.42 -6.23 14.79
N LEU B 181 -57.17 -6.55 13.52
CA LEU B 181 -55.87 -6.25 12.94
C LEU B 181 -55.62 -4.76 12.90
N ALA B 182 -56.64 -3.99 12.49
CA ALA B 182 -56.52 -2.54 12.37
C ALA B 182 -56.30 -1.90 13.74
N SER B 183 -57.06 -2.36 14.72
CA SER B 183 -56.86 -1.91 16.09
C SER B 183 -55.44 -2.21 16.58
N PHE B 184 -54.99 -3.46 16.42
CA PHE B 184 -53.63 -3.77 16.84
C PHE B 184 -52.62 -2.85 16.16
N ILE B 185 -52.73 -2.67 14.83
CA ILE B 185 -51.71 -1.92 14.10
C ILE B 185 -51.67 -0.45 14.54
N SER B 186 -52.84 0.17 14.70
CA SER B 186 -52.88 1.55 15.24
C SER B 186 -52.22 1.61 16.62
N GLY B 187 -52.61 0.73 17.54
CA GLY B 187 -51.97 0.74 18.85
C GLY B 187 -50.48 0.52 18.74
N LEU B 188 -50.05 -0.42 17.90
CA LEU B 188 -48.64 -0.69 17.71
C LEU B 188 -47.89 0.54 17.23
N PHE B 189 -48.51 1.33 16.36
CA PHE B 189 -47.82 2.48 15.80
C PHE B 189 -47.72 3.61 16.81
N ASN B 190 -48.78 3.87 17.56
CA ASN B 190 -48.67 4.85 18.63
C ASN B 190 -47.65 4.42 19.67
N PHE B 191 -47.59 3.12 19.95
CA PHE B 191 -46.57 2.60 20.86
C PHE B 191 -45.16 2.79 20.30
N TYR B 192 -44.98 2.61 18.98
CA TYR B 192 -43.66 2.75 18.33
C TYR B 192 -43.15 4.18 18.40
N GLU B 193 -44.02 5.15 18.13
CA GLU B 193 -43.61 6.56 18.15
C GLU B 193 -43.35 7.01 19.58
N ASP B 194 -44.26 6.65 20.51
CA ASP B 194 -44.19 7.16 21.87
C ASP B 194 -42.89 6.73 22.56
N LEU B 195 -42.43 5.50 22.31
CA LEU B 195 -41.22 4.99 22.94
C LEU B 195 -39.97 5.10 22.07
N TYR B 196 -40.04 5.88 21.00
CA TYR B 196 -38.90 6.26 20.18
C TYR B 196 -38.22 5.04 19.59
N PHE B 197 -39.03 4.16 19.04
CA PHE B 197 -38.55 3.04 18.24
C PHE B 197 -38.09 3.52 16.85
N THR B 198 -37.14 2.80 16.29
CA THR B 198 -36.76 2.99 14.89
C THR B 198 -36.97 1.75 14.03
N TYR B 199 -37.21 0.61 14.64
CA TYR B 199 -37.44 -0.63 13.92
C TYR B 199 -38.24 -1.50 14.85
N LEU B 200 -39.33 -2.07 14.34
CA LEU B 200 -40.20 -2.94 15.11
C LEU B 200 -40.79 -3.96 14.15
N GLU B 201 -40.49 -5.24 14.36
CA GLU B 201 -40.94 -6.33 13.50
C GLU B 201 -41.56 -7.42 14.34
N ILE B 202 -42.76 -7.85 13.99
CA ILE B 202 -43.42 -8.99 14.63
C ILE B 202 -43.71 -10.00 13.53
N ASN B 203 -43.18 -11.21 13.70
CA ASN B 203 -43.11 -12.17 12.62
C ASN B 203 -42.98 -13.59 13.16
N PRO B 204 -44.12 -14.26 13.41
CA PRO B 204 -45.48 -13.83 13.14
C PRO B 204 -46.22 -13.15 14.30
N LEU B 205 -47.11 -12.27 13.90
CA LEU B 205 -48.27 -11.95 14.71
C LEU B 205 -49.27 -13.08 14.51
N VAL B 206 -49.77 -13.68 15.59
CA VAL B 206 -50.82 -14.67 15.46
C VAL B 206 -52.14 -14.07 15.90
N VAL B 207 -53.16 -14.23 15.07
CA VAL B 207 -54.50 -13.75 15.38
C VAL B 207 -55.44 -14.94 15.34
N THR B 208 -55.96 -15.34 16.50
CA THR B 208 -56.95 -16.40 16.59
C THR B 208 -58.29 -15.84 17.04
N LYS B 209 -59.25 -16.75 17.20
CA LYS B 209 -60.55 -16.40 17.77
C LYS B 209 -60.40 -15.77 19.14
N ASP B 210 -59.38 -16.17 19.90
CA ASP B 210 -59.15 -15.70 21.26
C ASP B 210 -58.33 -14.42 21.34
N GLY B 211 -57.94 -13.83 20.21
CA GLY B 211 -57.21 -12.57 20.23
C GLY B 211 -55.89 -12.56 19.47
N VAL B 212 -54.99 -11.67 19.90
CA VAL B 212 -53.72 -11.37 19.23
C VAL B 212 -52.60 -11.93 20.09
N TYR B 213 -51.68 -12.67 19.48
CA TYR B 213 -50.47 -13.18 20.12
C TYR B 213 -49.24 -12.64 19.40
N VAL B 214 -48.26 -12.18 20.18
CA VAL B 214 -47.00 -11.69 19.64
C VAL B 214 -45.99 -12.82 19.80
N LEU B 215 -45.72 -13.57 18.72
CA LEU B 215 -44.89 -14.76 18.84
C LEU B 215 -43.41 -14.45 18.75
N ASP B 216 -43.05 -13.44 17.97
CA ASP B 216 -41.65 -13.08 17.82
C ASP B 216 -41.54 -11.59 17.61
N LEU B 217 -40.53 -10.98 18.23
CA LEU B 217 -40.36 -9.55 18.19
C LEU B 217 -38.89 -9.23 18.00
N ALA B 218 -38.57 -8.40 17.01
CA ALA B 218 -37.27 -7.78 16.86
C ALA B 218 -37.47 -6.26 16.81
N ALA B 219 -36.56 -5.52 17.46
CA ALA B 219 -36.78 -4.08 17.57
C ALA B 219 -35.48 -3.35 17.83
N LYS B 220 -35.50 -2.06 17.48
CA LYS B 220 -34.45 -1.10 17.75
C LYS B 220 -35.06 0.21 18.24
N VAL B 221 -34.45 0.80 19.29
CA VAL B 221 -34.89 2.10 19.84
C VAL B 221 -33.77 3.10 19.64
N ASP B 222 -34.16 4.37 19.50
CA ASP B 222 -33.21 5.49 19.39
C ASP B 222 -32.65 5.82 20.77
N ALA B 223 -31.42 5.35 21.07
CA ALA B 223 -30.91 5.47 22.43
C ALA B 223 -30.64 6.91 22.85
N THR B 224 -30.51 7.84 21.91
CA THR B 224 -30.32 9.22 22.33
C THR B 224 -31.55 9.81 22.96
N ALA B 225 -32.69 9.13 22.87
CA ALA B 225 -33.93 9.64 23.44
C ALA B 225 -34.14 9.23 24.91
N ASP B 226 -33.09 8.79 25.61
CA ASP B 226 -33.25 8.32 26.98
C ASP B 226 -33.82 9.42 27.87
N TYR B 227 -33.33 10.66 27.74
CA TYR B 227 -33.86 11.77 28.53
C TYR B 227 -35.36 12.03 28.34
N ILE B 228 -36.00 11.45 27.33
CA ILE B 228 -37.44 11.59 27.12
C ILE B 228 -38.20 10.36 27.62
N CYS B 229 -37.60 9.18 27.46
CA CYS B 229 -38.25 7.90 27.66
C CYS B 229 -37.80 7.17 28.92
N LYS B 230 -36.94 7.77 29.75
CA LYS B 230 -36.53 7.19 31.03
C LYS B 230 -37.65 6.41 31.70
N VAL B 231 -38.74 7.10 32.03
CA VAL B 231 -39.76 6.49 32.88
C VAL B 231 -40.22 5.18 32.27
N LYS B 232 -40.55 5.22 30.99
CA LYS B 232 -41.12 4.07 30.30
C LYS B 232 -40.05 3.01 30.02
N TRP B 233 -38.86 3.43 29.68
CA TRP B 233 -37.84 2.45 29.38
C TRP B 233 -37.37 1.76 30.64
N GLY B 234 -37.30 2.49 31.75
CA GLY B 234 -36.70 1.88 32.93
C GLY B 234 -35.25 1.53 32.69
N ASP B 235 -34.82 0.38 33.24
CA ASP B 235 -33.42 -0.01 33.23
C ASP B 235 -33.16 -0.86 31.98
N ILE B 236 -33.26 -0.20 30.85
CA ILE B 236 -33.34 -0.92 29.59
C ILE B 236 -31.92 -1.33 29.21
N GLU B 237 -31.76 -2.57 28.77
CA GLU B 237 -30.44 -3.07 28.37
C GLU B 237 -30.36 -3.15 26.85
N PHE B 238 -29.20 -2.80 26.32
CA PHE B 238 -28.89 -2.86 24.90
C PHE B 238 -27.89 -3.98 24.68
N PRO B 239 -28.34 -5.19 24.34
CA PRO B 239 -27.42 -6.31 24.25
C PRO B 239 -26.41 -6.09 23.12
N PRO B 240 -25.22 -6.64 23.25
CA PRO B 240 -24.30 -6.71 22.09
C PRO B 240 -24.81 -7.69 21.06
N PRO B 241 -24.31 -7.62 19.84
CA PRO B 241 -24.66 -8.60 18.83
C PRO B 241 -24.14 -9.98 19.21
N PHE B 242 -24.82 -10.97 18.68
CA PHE B 242 -24.47 -12.35 18.99
C PHE B 242 -23.04 -12.61 18.54
N GLY B 243 -22.26 -13.20 19.42
CA GLY B 243 -20.87 -13.42 19.14
C GLY B 243 -19.96 -12.43 19.82
N ARG B 244 -20.50 -11.38 20.44
CA ARG B 244 -19.71 -10.56 21.34
C ARG B 244 -20.31 -10.67 22.73
N GLU B 245 -19.53 -10.23 23.69
CA GLU B 245 -19.96 -10.19 25.06
C GLU B 245 -20.06 -8.74 25.50
N ALA B 246 -20.86 -8.52 26.51
CA ALA B 246 -20.91 -7.21 27.15
C ALA B 246 -19.90 -7.17 28.29
N TYR B 247 -19.28 -6.01 28.49
CA TYR B 247 -18.18 -5.93 29.41
C TYR B 247 -18.45 -4.79 30.39
N PRO B 248 -18.08 -4.94 31.68
CA PRO B 248 -18.32 -3.87 32.65
C PRO B 248 -17.60 -2.56 32.34
N GLU B 249 -16.45 -2.62 31.69
CA GLU B 249 -15.72 -1.42 31.32
C GLU B 249 -16.44 -0.65 30.22
N GLU B 250 -17.17 -1.37 29.37
CA GLU B 250 -18.01 -0.70 28.39
C GLU B 250 -19.12 0.07 29.09
N ALA B 251 -19.75 -0.55 30.08
CA ALA B 251 -20.82 0.14 30.80
C ALA B 251 -20.27 1.34 31.54
N TYR B 252 -19.04 1.21 32.07
CA TYR B 252 -18.38 2.34 32.74
C TYR B 252 -18.22 3.50 31.78
N ILE B 253 -17.72 3.23 30.55
CA ILE B 253 -17.55 4.32 29.61
C ILE B 253 -18.90 4.91 29.24
N ALA B 254 -19.90 4.06 29.06
CA ALA B 254 -21.26 4.54 28.80
C ALA B 254 -21.71 5.50 29.89
N ASP B 255 -21.46 5.12 31.16
CA ASP B 255 -21.72 6.01 32.28
C ASP B 255 -20.95 7.33 32.19
N LEU B 256 -19.65 7.30 31.82
CA LEU B 256 -18.97 8.59 31.69
C LEU B 256 -19.55 9.41 30.55
N ASP B 257 -20.04 8.75 29.51
CA ASP B 257 -20.54 9.53 28.38
C ASP B 257 -21.83 10.26 28.77
N ALA B 258 -22.65 9.62 29.62
CA ALA B 258 -23.91 10.22 30.06
C ALA B 258 -23.69 11.47 30.88
N LYS B 259 -22.57 11.53 31.58
CA LYS B 259 -22.19 12.66 32.42
C LYS B 259 -21.40 13.68 31.65
N SER B 260 -21.50 13.68 30.32
CA SER B 260 -20.62 14.47 29.46
C SER B 260 -21.36 15.09 28.28
N GLY B 261 -21.08 16.38 28.03
CA GLY B 261 -21.36 16.92 26.71
C GLY B 261 -20.43 16.35 25.67
N ALA B 262 -19.21 16.02 26.07
CA ALA B 262 -18.28 15.34 25.21
C ALA B 262 -18.78 13.93 24.93
N SER B 263 -18.25 13.35 23.86
CA SER B 263 -18.59 12.00 23.42
C SER B 263 -17.47 11.01 23.80
N LEU B 264 -17.85 9.88 24.38
CA LEU B 264 -16.87 8.93 24.91
C LEU B 264 -17.44 7.55 24.71
N LYS B 265 -16.83 6.77 23.84
CA LYS B 265 -17.37 5.50 23.37
C LYS B 265 -16.29 4.42 23.42
N LEU B 266 -16.75 3.19 23.64
CA LEU B 266 -15.84 2.04 23.72
C LEU B 266 -16.60 0.75 23.46
N THR B 267 -16.09 -0.02 22.52
CA THR B 267 -16.49 -1.38 22.26
C THR B 267 -15.24 -2.24 22.29
N LEU B 268 -15.25 -3.31 23.08
CA LEU B 268 -14.17 -4.28 23.08
C LEU B 268 -14.44 -5.34 22.03
N LEU B 269 -13.48 -5.52 21.12
CA LEU B 269 -13.62 -6.49 20.05
C LEU B 269 -12.96 -7.81 20.42
N ASN B 270 -11.70 -7.76 20.83
CA ASN B 270 -10.95 -8.94 21.27
C ASN B 270 -10.09 -8.52 22.44
N PRO B 271 -10.57 -8.70 23.66
CA PRO B 271 -9.78 -8.29 24.83
C PRO B 271 -8.39 -8.89 24.90
N LYS B 272 -8.13 -9.96 24.19
CA LYS B 272 -6.77 -10.52 24.20
C LYS B 272 -5.90 -10.01 23.08
N GLY B 273 -6.45 -9.17 22.19
CA GLY B 273 -5.65 -8.63 21.11
C GLY B 273 -4.48 -7.80 21.61
N ARG B 274 -3.46 -7.70 20.77
CA ARG B 274 -2.32 -6.87 21.12
C ARG B 274 -2.34 -5.50 20.46
N ILE B 275 -3.35 -5.17 19.64
CA ILE B 275 -3.48 -3.81 19.09
C ILE B 275 -4.62 -3.08 19.78
N TRP B 276 -4.27 -2.01 20.47
CA TRP B 276 -5.20 -1.18 21.22
C TRP B 276 -5.14 0.23 20.68
N THR B 277 -6.30 0.91 20.64
CA THR B 277 -6.39 2.30 20.16
C THR B 277 -7.07 3.20 21.17
N MET B 278 -6.62 4.44 21.18
CA MET B 278 -7.23 5.52 21.93
C MET B 278 -7.22 6.72 20.97
N VAL B 279 -8.20 6.76 20.06
CA VAL B 279 -8.23 7.75 18.99
C VAL B 279 -9.34 8.79 19.20
N ALA B 280 -8.99 10.05 18.94
CA ALA B 280 -9.91 11.17 19.05
C ALA B 280 -10.71 11.33 17.75
N GLY B 281 -12.02 11.46 17.87
CA GLY B 281 -12.91 11.63 16.73
C GLY B 281 -13.59 10.37 16.25
N GLY B 282 -14.89 10.46 15.96
CA GLY B 282 -15.58 9.31 15.37
C GLY B 282 -15.10 9.00 13.96
N GLY B 283 -14.67 10.02 13.22
CA GLY B 283 -14.16 9.85 11.87
C GLY B 283 -12.76 9.24 11.86
N ALA B 284 -11.82 9.88 12.57
CA ALA B 284 -10.46 9.39 12.64
C ALA B 284 -10.40 7.97 13.19
N SER B 285 -11.20 7.65 14.20
CA SER B 285 -11.08 6.34 14.80
C SER B 285 -11.48 5.26 13.81
N VAL B 286 -12.46 5.54 12.98
CA VAL B 286 -12.76 4.62 11.89
C VAL B 286 -11.60 4.52 10.88
N VAL B 287 -10.92 5.64 10.56
CA VAL B 287 -9.82 5.60 9.59
C VAL B 287 -8.62 4.83 10.16
N TYR B 288 -8.25 5.07 11.43
CA TYR B 288 -7.19 4.29 12.02
C TYR B 288 -7.56 2.80 12.02
N SER B 289 -8.82 2.48 12.30
CA SER B 289 -9.24 1.08 12.27
C SER B 289 -9.10 0.49 10.88
N ASP B 290 -9.49 1.26 9.85
CA ASP B 290 -9.40 0.84 8.45
C ASP B 290 -7.96 0.53 8.06
N THR B 291 -7.05 1.47 8.36
CA THR B 291 -5.63 1.29 8.11
C THR B 291 -5.11 0.03 8.81
N ILE B 292 -5.44 -0.13 10.10
CA ILE B 292 -5.07 -1.34 10.82
C ILE B 292 -5.58 -2.55 10.07
N GLY B 293 -6.81 -2.47 9.57
CA GLY B 293 -7.36 -3.57 8.81
C GLY B 293 -6.61 -3.85 7.51
N ASP B 294 -6.10 -2.79 6.86
CA ASP B 294 -5.41 -2.99 5.57
C ASP B 294 -4.06 -3.68 5.75
N LEU B 295 -3.48 -3.58 6.94
CA LEU B 295 -2.19 -4.19 7.25
C LEU B 295 -2.34 -5.57 7.89
N GLY B 296 -3.51 -6.19 7.75
CA GLY B 296 -3.75 -7.53 8.25
C GLY B 296 -3.94 -7.62 9.75
N GLY B 297 -4.07 -6.50 10.46
CA GLY B 297 -4.14 -6.47 11.91
C GLY B 297 -5.48 -6.73 12.57
N VAL B 298 -6.58 -6.93 11.82
CA VAL B 298 -7.91 -6.96 12.40
C VAL B 298 -8.04 -8.03 13.49
N ASN B 299 -7.41 -9.20 13.28
CA ASN B 299 -7.60 -10.30 14.21
C ASN B 299 -7.07 -9.98 15.59
N GLU B 300 -6.10 -9.07 15.66
CA GLU B 300 -5.50 -8.62 16.90
C GLU B 300 -6.05 -7.29 17.38
N LEU B 301 -7.04 -6.72 16.68
CA LEU B 301 -7.56 -5.42 17.05
C LEU B 301 -8.47 -5.60 18.24
N ALA B 302 -8.11 -5.00 19.36
CA ALA B 302 -8.80 -5.29 20.61
C ALA B 302 -10.02 -4.42 20.86
N ASN B 303 -10.03 -3.19 20.33
CA ASN B 303 -11.13 -2.29 20.65
C ASN B 303 -11.42 -1.37 19.47
N TYR B 304 -12.64 -0.84 19.48
CA TYR B 304 -13.03 0.36 18.76
C TYR B 304 -13.59 1.37 19.75
N GLY B 305 -13.21 2.63 19.57
CA GLY B 305 -13.89 3.67 20.32
C GLY B 305 -13.32 5.02 20.00
N GLU B 306 -13.87 6.01 20.65
CA GLU B 306 -13.39 7.34 20.38
C GLU B 306 -13.76 8.24 21.53
N TYR B 307 -13.05 9.35 21.61
CA TYR B 307 -13.45 10.48 22.43
C TYR B 307 -13.40 11.72 21.54
N SER B 308 -14.33 12.64 21.77
CA SER B 308 -14.39 13.86 20.97
C SER B 308 -15.24 14.91 21.69
N GLY B 309 -15.32 16.09 21.07
CA GLY B 309 -16.11 17.17 21.65
C GLY B 309 -15.46 17.78 22.88
N ALA B 310 -14.15 17.75 22.95
CA ALA B 310 -13.43 18.45 23.99
C ALA B 310 -13.72 17.94 25.42
N PRO B 311 -13.48 16.65 25.72
CA PRO B 311 -13.57 16.18 27.11
C PRO B 311 -12.56 16.89 28.00
N SER B 312 -12.83 16.86 29.31
CA SER B 312 -11.91 17.45 30.27
C SER B 312 -10.71 16.55 30.54
N GLU B 313 -9.68 17.13 31.20
CA GLU B 313 -8.56 16.35 31.71
C GLU B 313 -9.04 15.12 32.45
N GLN B 314 -10.02 15.29 33.36
CA GLN B 314 -10.46 14.20 34.23
C GLN B 314 -11.22 13.12 33.47
N GLN B 315 -12.13 13.53 32.58
CA GLN B 315 -12.83 12.58 31.72
C GLN B 315 -11.84 11.78 30.89
N THR B 316 -10.85 12.43 30.32
CA THR B 316 -9.85 11.74 29.51
C THR B 316 -9.02 10.79 30.37
N TYR B 317 -8.68 11.22 31.58
CA TYR B 317 -7.99 10.32 32.52
C TYR B 317 -8.80 9.06 32.73
N ASP B 318 -10.11 9.20 32.97
CA ASP B 318 -10.99 8.09 33.30
C ASP B 318 -11.22 7.15 32.12
N TYR B 319 -11.31 7.73 30.92
CA TYR B 319 -11.33 6.96 29.69
C TYR B 319 -10.01 6.23 29.49
N ALA B 320 -8.89 6.95 29.59
CA ALA B 320 -7.57 6.38 29.36
C ALA B 320 -7.27 5.23 30.32
N LYS B 321 -7.57 5.39 31.62
CA LYS B 321 -7.19 4.36 32.58
C LYS B 321 -8.01 3.10 32.34
N THR B 322 -9.20 3.24 31.77
CA THR B 322 -10.01 2.09 31.42
C THR B 322 -9.32 1.25 30.33
N ILE B 323 -8.81 1.91 29.29
CA ILE B 323 -8.03 1.21 28.26
C ILE B 323 -6.81 0.53 28.87
N LEU B 324 -6.07 1.25 29.73
CA LEU B 324 -4.78 0.75 30.20
C LEU B 324 -4.98 -0.47 31.07
N SER B 325 -6.01 -0.42 31.92
CA SER B 325 -6.39 -1.58 32.70
C SER B 325 -6.72 -2.76 31.78
N LEU B 326 -7.51 -2.53 30.73
CA LEU B 326 -7.94 -3.63 29.87
C LEU B 326 -6.76 -4.29 29.14
N MET B 327 -5.70 -3.54 28.84
CA MET B 327 -4.65 -4.10 28.04
C MET B 327 -3.55 -4.72 28.89
N THR B 328 -3.68 -4.65 30.23
CA THR B 328 -2.71 -5.22 31.17
C THR B 328 -3.35 -6.33 32.00
N ARG B 329 -4.31 -7.05 31.42
CA ARG B 329 -4.91 -8.19 32.10
C ARG B 329 -4.08 -9.45 31.92
N GLU B 330 -3.59 -9.68 30.72
CA GLU B 330 -2.72 -10.82 30.44
C GLU B 330 -1.65 -10.42 29.43
N LYS B 331 -0.59 -11.20 29.40
CA LYS B 331 0.57 -10.90 28.57
C LYS B 331 0.43 -11.48 27.17
N HIS B 332 1.03 -10.80 26.26
CA HIS B 332 1.14 -11.35 24.92
C HIS B 332 2.61 -11.64 24.64
N PRO B 333 2.95 -12.75 23.96
CA PRO B 333 4.36 -13.00 23.61
C PRO B 333 5.06 -11.83 22.93
N ASP B 334 4.34 -11.10 22.08
CA ASP B 334 4.98 -10.11 21.23
C ASP B 334 4.82 -8.70 21.77
N GLY B 335 4.43 -8.59 23.04
CA GLY B 335 4.12 -7.31 23.61
C GLY B 335 2.82 -6.83 23.03
N LYS B 336 2.51 -5.56 23.33
CA LYS B 336 1.32 -4.90 22.81
C LYS B 336 1.70 -3.48 22.38
N ILE B 337 0.87 -2.89 21.52
CA ILE B 337 1.04 -1.51 21.09
C ILE B 337 -0.24 -0.72 21.39
N LEU B 338 -0.07 0.53 21.78
CA LEU B 338 -1.17 1.46 22.00
C LEU B 338 -1.03 2.59 21.01
N ILE B 339 -2.06 2.75 20.17
CA ILE B 339 -2.09 3.79 19.15
C ILE B 339 -2.94 4.93 19.69
N ILE B 340 -2.31 6.05 20.03
CA ILE B 340 -2.96 7.25 20.54
C ILE B 340 -2.99 8.29 19.42
N GLY B 341 -4.05 8.28 18.63
CA GLY B 341 -4.09 9.00 17.38
C GLY B 341 -5.25 9.99 17.29
N GLY B 342 -5.33 10.62 16.12
CA GLY B 342 -6.42 11.52 15.84
C GLY B 342 -6.07 12.46 14.70
N SER B 343 -7.09 13.21 14.27
CA SER B 343 -6.93 14.29 13.30
C SER B 343 -6.33 15.50 13.99
N ILE B 344 -6.16 16.55 13.20
CA ILE B 344 -5.89 17.87 13.77
C ILE B 344 -7.20 18.39 14.38
N ALA B 345 -7.30 18.44 15.70
CA ALA B 345 -8.55 18.86 16.32
C ALA B 345 -8.89 20.30 15.94
N ASN B 346 -10.20 20.57 15.86
CA ASN B 346 -10.71 21.92 15.80
C ASN B 346 -10.78 22.56 17.19
N PHE B 347 -11.12 21.76 18.19
CA PHE B 347 -11.79 22.30 19.35
C PHE B 347 -11.31 21.62 20.63
N THR B 348 -11.19 20.30 20.64
CA THR B 348 -10.63 19.58 21.78
C THR B 348 -9.25 20.12 22.14
N ASN B 349 -9.02 20.35 23.45
CA ASN B 349 -7.74 20.88 23.93
C ASN B 349 -6.74 19.74 24.10
N VAL B 350 -5.72 19.73 23.25
CA VAL B 350 -4.80 18.61 23.25
C VAL B 350 -3.97 18.58 24.53
N ALA B 351 -3.59 19.75 25.05
CA ALA B 351 -2.83 19.79 26.29
C ALA B 351 -3.61 19.13 27.41
N ALA B 352 -4.88 19.50 27.55
CA ALA B 352 -5.71 19.02 28.64
C ALA B 352 -6.00 17.53 28.50
N THR B 353 -6.39 17.09 27.31
CA THR B 353 -6.67 15.67 27.12
C THR B 353 -5.40 14.82 27.27
N PHE B 354 -4.26 15.32 26.75
CA PHE B 354 -3.03 14.54 26.80
C PHE B 354 -2.42 14.52 28.19
N LYS B 355 -2.63 15.56 28.98
CA LYS B 355 -2.27 15.49 30.39
C LYS B 355 -3.11 14.46 31.12
N GLY B 356 -4.39 14.34 30.80
CA GLY B 356 -5.18 13.27 31.39
C GLY B 356 -4.62 11.88 31.09
N ILE B 357 -4.29 11.64 29.82
CA ILE B 357 -3.74 10.36 29.38
C ILE B 357 -2.40 10.08 30.05
N VAL B 358 -1.55 11.10 30.08
CA VAL B 358 -0.25 11.00 30.72
C VAL B 358 -0.42 10.60 32.18
N ARG B 359 -1.38 11.20 32.87
CA ARG B 359 -1.69 10.85 34.24
C ARG B 359 -2.10 9.38 34.36
N ALA B 360 -2.94 8.89 33.45
CA ALA B 360 -3.28 7.47 33.49
C ALA B 360 -2.06 6.61 33.22
N ILE B 361 -1.17 7.07 32.34
CA ILE B 361 0.01 6.28 32.00
C ILE B 361 0.91 6.15 33.22
N ARG B 362 1.16 7.25 33.93
CA ARG B 362 1.93 7.20 35.18
C ARG B 362 1.27 6.25 36.15
N ASP B 363 -0.04 6.40 36.38
CA ASP B 363 -0.73 5.56 37.34
C ASP B 363 -0.73 4.08 36.94
N TYR B 364 -0.42 3.78 35.69
CA TYR B 364 -0.37 2.39 35.22
C TYR B 364 1.02 2.01 34.72
N GLN B 365 2.06 2.76 35.08
CA GLN B 365 3.36 2.55 34.43
C GLN B 365 3.96 1.19 34.77
N GLY B 366 3.80 0.71 36.02
CA GLY B 366 4.23 -0.63 36.36
C GLY B 366 3.65 -1.71 35.46
N PRO B 367 2.32 -1.77 35.40
CA PRO B 367 1.69 -2.77 34.50
C PRO B 367 2.07 -2.64 33.02
N LEU B 368 2.37 -1.42 32.54
CA LEU B 368 2.66 -1.19 31.11
C LEU B 368 4.04 -1.70 30.74
N LYS B 369 5.03 -1.43 31.60
CA LYS B 369 6.35 -2.04 31.47
C LYS B 369 6.26 -3.57 31.60
N GLU B 370 5.42 -4.07 32.51
CA GLU B 370 5.28 -5.51 32.72
C GLU B 370 4.70 -6.20 31.49
N HIS B 371 3.80 -5.53 30.78
CA HIS B 371 3.18 -6.13 29.61
C HIS B 371 3.84 -5.72 28.29
N GLU B 372 4.93 -4.97 28.32
CA GLU B 372 5.73 -4.76 27.12
C GLU B 372 4.92 -4.02 26.06
N VAL B 373 4.41 -2.86 26.47
CA VAL B 373 3.54 -2.02 25.65
C VAL B 373 4.41 -0.92 25.02
N THR B 374 4.32 -0.79 23.71
CA THR B 374 4.91 0.34 23.01
C THR B 374 3.79 1.28 22.59
N ILE B 375 4.03 2.58 22.72
CA ILE B 375 2.97 3.56 22.49
C ILE B 375 3.37 4.43 21.30
N PHE B 376 2.39 4.68 20.42
CA PHE B 376 2.58 5.51 19.23
C PHE B 376 1.55 6.62 19.26
N VAL B 377 2.02 7.87 19.14
CA VAL B 377 1.19 9.07 19.30
C VAL B 377 1.29 9.90 18.01
N ARG B 378 0.15 10.38 17.53
CA ARG B 378 0.10 11.39 16.47
C ARG B 378 -1.11 12.27 16.75
N ARG B 379 -0.86 13.57 16.91
CA ARG B 379 -1.97 14.47 17.18
C ARG B 379 -1.65 15.90 16.75
N GLY B 380 -2.70 16.60 16.32
CA GLY B 380 -2.68 18.04 16.24
C GLY B 380 -3.96 18.60 16.85
N GLY B 381 -3.95 19.93 16.98
CA GLY B 381 -5.09 20.62 17.55
C GLY B 381 -4.67 21.72 18.50
N PRO B 382 -5.65 22.33 19.17
CA PRO B 382 -5.35 23.41 20.12
C PRO B 382 -4.39 22.98 21.23
N ASN B 383 -3.30 23.73 21.34
CA ASN B 383 -2.26 23.50 22.33
C ASN B 383 -1.57 22.16 22.09
N TYR B 384 -1.49 21.73 20.84
CA TYR B 384 -0.98 20.38 20.60
C TYR B 384 0.50 20.26 20.84
N GLN B 385 1.23 21.39 20.99
CA GLN B 385 2.67 21.28 21.15
C GLN B 385 3.03 20.89 22.57
N GLU B 386 2.31 21.45 23.55
CA GLU B 386 2.44 21.02 24.94
C GLU B 386 1.97 19.59 25.12
N GLY B 387 0.82 19.24 24.57
CA GLY B 387 0.36 17.86 24.66
C GLY B 387 1.44 16.86 24.27
N LEU B 388 2.09 17.09 23.12
CA LEU B 388 3.15 16.19 22.65
C LEU B 388 4.37 16.28 23.53
N ARG B 389 4.60 17.44 24.15
CA ARG B 389 5.75 17.59 25.04
C ARG B 389 5.54 16.78 26.31
N VAL B 390 4.35 16.84 26.90
CA VAL B 390 4.13 16.07 28.13
C VAL B 390 4.07 14.58 27.82
N MET B 391 3.66 14.19 26.58
CA MET B 391 3.71 12.77 26.20
C MET B 391 5.14 12.27 26.08
N GLY B 392 6.01 13.03 25.43
CA GLY B 392 7.39 12.61 25.39
C GLY B 392 8.01 12.63 26.77
N GLU B 393 7.60 13.59 27.59
CA GLU B 393 8.01 13.66 28.99
C GLU B 393 7.75 12.34 29.71
N VAL B 394 6.51 11.85 29.70
CA VAL B 394 6.22 10.66 30.49
C VAL B 394 6.93 9.44 29.93
N GLY B 395 7.30 9.46 28.66
CA GLY B 395 8.06 8.36 28.11
C GLY B 395 9.47 8.36 28.66
N LYS B 396 10.04 9.56 28.86
CA LYS B 396 11.38 9.64 29.45
C LYS B 396 11.35 9.28 30.92
N THR B 397 10.37 9.81 31.68
CA THR B 397 10.34 9.57 33.13
C THR B 397 9.95 8.13 33.48
N THR B 398 9.02 7.50 32.76
CA THR B 398 8.70 6.12 33.12
C THR B 398 9.65 5.08 32.54
N GLY B 399 10.40 5.41 31.49
CA GLY B 399 11.08 4.41 30.70
C GLY B 399 10.20 3.63 29.73
N ILE B 400 8.91 3.95 29.59
CA ILE B 400 8.06 3.27 28.59
C ILE B 400 8.40 3.83 27.21
N PRO B 401 8.59 2.98 26.19
CA PRO B 401 8.77 3.48 24.81
C PRO B 401 7.51 4.11 24.24
N ILE B 402 7.62 5.41 23.97
CA ILE B 402 6.55 6.22 23.40
C ILE B 402 7.10 7.02 22.22
N HIS B 403 6.53 6.82 21.03
CA HIS B 403 6.94 7.51 19.80
C HIS B 403 5.88 8.53 19.41
N VAL B 404 6.29 9.78 19.44
CA VAL B 404 5.45 10.96 19.38
C VAL B 404 5.64 11.65 18.05
N PHE B 405 4.53 11.99 17.41
CA PHE B 405 4.57 12.60 16.07
C PHE B 405 3.46 13.66 15.97
N GLY B 406 3.76 14.75 15.27
CA GLY B 406 2.83 15.85 15.12
C GLY B 406 2.14 15.99 13.77
N THR B 407 1.83 17.24 13.39
CA THR B 407 1.01 17.53 12.21
C THR B 407 1.74 17.24 10.90
N GLU B 408 3.07 17.40 10.88
CA GLU B 408 3.89 17.11 9.71
C GLU B 408 3.97 15.61 9.38
N THR B 409 3.41 14.76 10.23
CA THR B 409 3.28 13.32 9.96
C THR B 409 1.86 12.99 9.57
N HIS B 410 1.71 12.16 8.52
CA HIS B 410 0.36 11.86 8.05
C HIS B 410 -0.44 11.10 9.11
N MET B 411 -1.73 11.45 9.22
CA MET B 411 -2.59 10.96 10.29
C MET B 411 -2.31 9.52 10.68
N THR B 412 -2.31 8.63 9.69
CA THR B 412 -2.30 7.20 9.93
C THR B 412 -0.90 6.59 9.86
N ALA B 413 0.15 7.43 9.72
CA ALA B 413 1.48 6.88 9.49
C ALA B 413 1.95 6.05 10.68
N ILE B 414 1.49 6.41 11.88
CA ILE B 414 1.94 5.63 13.01
C ILE B 414 1.45 4.18 12.95
N VAL B 415 0.42 3.88 12.21
CA VAL B 415 -0.07 2.51 12.14
C VAL B 415 0.97 1.60 11.47
N GLY B 416 1.47 2.04 10.32
CA GLY B 416 2.44 1.23 9.61
C GLY B 416 3.74 1.09 10.38
N MET B 417 4.19 2.17 11.05
CA MET B 417 5.31 2.08 11.95
C MET B 417 5.07 0.99 13.00
N ALA B 418 3.86 0.92 13.55
CA ALA B 418 3.61 0.06 14.69
C ALA B 418 3.38 -1.39 14.27
N LEU B 419 2.85 -1.62 13.06
CA LEU B 419 2.52 -2.98 12.64
C LEU B 419 3.54 -3.58 11.68
N GLY B 420 4.50 -2.79 11.17
CA GLY B 420 5.50 -3.28 10.20
C GLY B 420 6.53 -4.24 10.79
N HIS B 421 6.72 -4.20 12.11
CA HIS B 421 7.43 -5.26 12.79
C HIS B 421 7.02 -5.20 14.26
N ARG B 422 7.29 -6.30 14.96
CA ARG B 422 7.11 -6.33 16.41
C ARG B 422 8.21 -5.49 17.04
N PRO B 423 7.87 -4.50 17.88
CA PRO B 423 8.92 -3.71 18.51
C PRO B 423 9.92 -4.61 19.25
N ILE B 424 11.19 -4.24 19.12
CA ILE B 424 12.32 -5.06 19.57
C ILE B 424 12.35 -5.06 21.09
N PRO B 425 12.18 -6.20 21.76
CA PRO B 425 12.21 -6.18 23.22
C PRO B 425 13.52 -5.61 23.76
N ASN B 426 13.44 -5.01 24.94
CA ASN B 426 14.63 -4.51 25.63
C ASN B 426 15.17 -5.58 26.59
N LEU B 485 -37.05 19.29 -5.48
CA LEU B 485 -36.03 19.12 -6.52
C LEU B 485 -35.23 20.41 -6.74
N GLN B 486 -35.80 21.58 -6.42
CA GLN B 486 -35.04 22.82 -6.46
C GLN B 486 -34.26 22.96 -5.16
N GLY B 487 -32.97 23.21 -5.28
CA GLY B 487 -32.13 23.36 -4.11
C GLY B 487 -32.34 24.68 -3.41
N LYS B 488 -31.86 24.74 -2.17
CA LYS B 488 -32.23 25.85 -1.29
C LYS B 488 -31.49 27.13 -1.63
N SER B 489 -30.22 27.02 -2.03
CA SER B 489 -29.34 28.17 -2.18
C SER B 489 -27.95 27.71 -2.55
N THR B 490 -27.29 28.44 -3.46
CA THR B 490 -25.96 28.01 -3.91
C THR B 490 -24.83 28.57 -3.03
N THR B 491 -24.91 29.83 -2.65
CA THR B 491 -23.92 30.50 -1.81
C THR B 491 -24.55 30.69 -0.42
N LEU B 492 -23.92 30.11 0.62
CA LEU B 492 -24.41 30.22 1.98
C LEU B 492 -23.75 31.38 2.73
N PHE B 493 -22.46 31.59 2.47
CA PHE B 493 -21.59 32.48 3.23
C PHE B 493 -20.76 33.33 2.27
N SER B 494 -20.33 34.48 2.79
CA SER B 494 -19.53 35.45 2.05
C SER B 494 -18.81 36.33 3.06
N ARG B 495 -17.99 37.25 2.54
CA ARG B 495 -17.33 38.27 3.37
C ARG B 495 -18.33 39.22 4.02
N HIS B 496 -19.57 39.21 3.58
CA HIS B 496 -20.59 40.06 4.19
C HIS B 496 -21.48 39.31 5.19
N THR B 497 -21.28 38.00 5.35
CA THR B 497 -22.17 37.24 6.23
C THR B 497 -22.12 37.84 7.63
N LYS B 498 -23.29 38.07 8.21
CA LYS B 498 -23.41 38.40 9.63
C LYS B 498 -24.21 37.31 10.33
N ALA B 499 -23.72 36.90 11.52
CA ALA B 499 -24.34 35.81 12.27
C ALA B 499 -24.78 36.24 13.66
N ILE B 500 -25.81 35.56 14.14
CA ILE B 500 -26.14 35.48 15.55
C ILE B 500 -25.66 34.13 16.10
N VAL B 501 -25.13 34.12 17.32
CA VAL B 501 -24.73 32.89 18.01
C VAL B 501 -25.67 32.69 19.20
N TRP B 502 -26.34 31.54 19.20
CA TRP B 502 -27.11 31.07 20.34
C TRP B 502 -26.17 30.31 21.28
N GLY B 503 -26.04 30.80 22.49
CA GLY B 503 -25.29 30.14 23.55
C GLY B 503 -24.33 31.08 24.23
N MET B 504 -23.77 30.59 25.32
CA MET B 504 -22.68 31.24 26.04
C MET B 504 -21.39 30.65 25.49
N GLN B 505 -20.81 31.31 24.49
CA GLN B 505 -19.73 30.72 23.69
C GLN B 505 -18.68 31.76 23.37
N THR B 506 -18.24 32.46 24.41
CA THR B 506 -17.30 33.56 24.23
C THR B 506 -16.05 33.12 23.45
N ARG B 507 -15.57 31.92 23.72
CA ARG B 507 -14.32 31.44 23.11
C ARG B 507 -14.49 31.18 21.63
N ALA B 508 -15.61 30.57 21.24
CA ALA B 508 -15.82 30.26 19.83
C ALA B 508 -16.09 31.54 19.06
N VAL B 509 -16.76 32.50 19.71
CA VAL B 509 -16.99 33.78 19.08
C VAL B 509 -15.69 34.53 18.93
N GLN B 510 -14.84 34.53 19.96
CA GLN B 510 -13.55 35.19 19.79
C GLN B 510 -12.74 34.55 18.65
N GLY B 511 -12.77 33.22 18.55
CA GLY B 511 -12.06 32.54 17.49
C GLY B 511 -12.61 32.86 16.13
N MET B 512 -13.91 33.11 16.03
CA MET B 512 -14.44 33.57 14.74
C MET B 512 -13.92 34.96 14.42
N LEU B 513 -13.87 35.84 15.43
CA LEU B 513 -13.41 37.21 15.17
C LEU B 513 -11.94 37.22 14.80
N ASP B 514 -11.12 36.43 15.50
CA ASP B 514 -9.70 36.36 15.13
C ASP B 514 -9.55 35.95 13.67
N PHE B 515 -10.28 34.90 13.27
CA PHE B 515 -10.31 34.49 11.87
C PHE B 515 -10.73 35.65 10.98
N ASP B 516 -11.81 36.34 11.36
CA ASP B 516 -12.29 37.46 10.56
C ASP B 516 -11.22 38.50 10.34
N TYR B 517 -10.46 38.81 11.40
CA TYR B 517 -9.42 39.83 11.30
C TYR B 517 -8.30 39.42 10.32
N VAL B 518 -7.74 38.22 10.48
CA VAL B 518 -6.66 37.81 9.58
C VAL B 518 -7.17 37.55 8.16
N CYS B 519 -8.46 37.31 7.99
CA CYS B 519 -9.04 37.34 6.66
C CYS B 519 -9.23 38.76 6.11
N SER B 520 -8.84 39.78 6.88
CA SER B 520 -9.04 41.18 6.47
C SER B 520 -10.48 41.48 6.11
N ARG B 521 -11.43 40.94 6.89
CA ARG B 521 -12.81 41.38 6.79
C ARG B 521 -12.90 42.79 7.30
N ASP B 522 -13.88 43.55 6.78
CA ASP B 522 -14.07 44.89 7.31
C ASP B 522 -14.79 44.87 8.64
N GLU B 523 -15.58 43.84 8.90
CA GLU B 523 -16.49 43.83 10.03
C GLU B 523 -16.52 42.45 10.67
N PRO B 524 -16.67 42.37 11.99
CA PRO B 524 -16.81 41.07 12.63
C PRO B 524 -17.99 40.30 12.05
N SER B 525 -17.87 38.96 12.03
CA SER B 525 -18.91 38.13 11.44
C SER B 525 -20.07 37.88 12.39
N VAL B 526 -19.89 38.13 13.68
CA VAL B 526 -20.92 37.92 14.69
C VAL B 526 -21.51 39.28 15.07
N ALA B 527 -22.79 39.47 14.81
CA ALA B 527 -23.46 40.73 15.10
C ALA B 527 -24.12 40.75 16.46
N ALA B 528 -24.54 39.59 16.95
CA ALA B 528 -25.29 39.52 18.20
C ALA B 528 -25.21 38.10 18.73
N MET B 529 -25.62 37.96 19.97
CA MET B 529 -25.79 36.64 20.57
C MET B 529 -27.14 36.60 21.25
N VAL B 530 -27.67 35.40 21.34
CA VAL B 530 -28.88 35.10 22.10
C VAL B 530 -28.53 34.12 23.19
N TYR B 531 -29.01 34.38 24.40
CA TYR B 531 -28.87 33.47 25.54
C TYR B 531 -30.02 33.72 26.50
N PRO B 532 -31.04 32.87 26.49
CA PRO B 532 -32.28 33.20 27.21
C PRO B 532 -32.18 33.06 28.72
N PHE B 533 -31.06 32.57 29.26
CA PHE B 533 -30.89 32.35 30.68
C PHE B 533 -30.08 33.44 31.36
N THR B 534 -29.78 34.51 30.64
CA THR B 534 -29.21 35.72 31.23
C THR B 534 -30.00 36.88 30.66
N GLY B 535 -29.90 38.03 31.29
CA GLY B 535 -30.54 39.22 30.75
C GLY B 535 -29.72 39.86 29.65
N ASP B 536 -30.32 40.82 28.97
CA ASP B 536 -29.60 41.60 27.99
C ASP B 536 -28.36 42.19 28.62
N HIS B 537 -27.29 42.28 27.84
CA HIS B 537 -26.06 42.91 28.30
C HIS B 537 -25.12 42.96 27.11
N LYS B 538 -24.05 43.71 27.27
CA LYS B 538 -23.01 43.75 26.28
C LYS B 538 -21.88 42.85 26.73
N GLN B 539 -21.18 42.25 25.76
CA GLN B 539 -20.09 41.34 26.04
C GLN B 539 -18.88 41.83 25.30
N LYS B 540 -17.75 41.96 26.02
CA LYS B 540 -16.51 42.44 25.44
C LYS B 540 -15.86 41.37 24.58
N PHE B 541 -15.34 41.80 23.43
CA PHE B 541 -14.55 40.96 22.57
C PHE B 541 -13.41 41.83 22.04
N TYR B 542 -12.41 41.19 21.46
CA TYR B 542 -11.34 41.89 20.79
C TYR B 542 -11.48 41.79 19.28
N TRP B 543 -11.21 42.90 18.59
CA TRP B 543 -11.20 42.98 17.13
C TRP B 543 -9.80 43.43 16.72
N GLY B 544 -8.95 42.49 16.35
CA GLY B 544 -7.53 42.79 16.33
C GLY B 544 -7.06 43.04 17.76
N HIS B 545 -6.67 44.29 18.07
CA HIS B 545 -6.31 44.66 19.42
C HIS B 545 -7.28 45.64 20.06
N LYS B 546 -8.26 46.13 19.30
CA LYS B 546 -9.28 47.01 19.81
C LYS B 546 -10.34 46.21 20.58
N GLU B 547 -10.74 46.72 21.72
CA GLU B 547 -11.86 46.17 22.44
C GLU B 547 -13.13 46.64 21.76
N ILE B 548 -14.10 45.73 21.63
CA ILE B 548 -15.37 46.00 21.00
C ILE B 548 -16.46 45.36 21.85
N LEU B 549 -17.71 45.72 21.54
CA LEU B 549 -18.85 45.19 22.26
C LEU B 549 -19.78 44.49 21.28
N ILE B 550 -20.33 43.36 21.70
CA ILE B 550 -21.29 42.62 20.88
C ILE B 550 -22.53 42.40 21.74
N PRO B 551 -23.71 42.74 21.27
CA PRO B 551 -24.90 42.64 22.13
C PRO B 551 -25.29 41.20 22.40
N VAL B 552 -25.77 40.95 23.62
CA VAL B 552 -26.34 39.67 24.00
C VAL B 552 -27.77 39.91 24.43
N PHE B 553 -28.69 39.12 23.88
CA PHE B 553 -30.13 39.26 24.07
C PHE B 553 -30.69 38.04 24.77
N LYS B 554 -31.55 38.28 25.75
CA LYS B 554 -32.30 37.18 26.32
C LYS B 554 -33.29 36.63 25.32
N ASN B 555 -33.88 37.50 24.51
CA ASN B 555 -35.00 37.16 23.64
C ASN B 555 -34.58 37.15 22.19
N MET B 556 -34.85 36.03 21.51
CA MET B 556 -34.51 35.94 20.11
C MET B 556 -35.25 36.98 19.29
N ALA B 557 -36.51 37.24 19.63
CA ALA B 557 -37.25 38.30 18.96
C ALA B 557 -36.47 39.61 18.97
N ASP B 558 -35.89 39.97 20.13
CA ASP B 558 -35.14 41.22 20.21
C ASP B 558 -33.94 41.21 19.29
N ALA B 559 -33.17 40.12 19.27
CA ALA B 559 -31.95 40.06 18.47
C ALA B 559 -32.24 40.19 16.97
N MET B 560 -33.33 39.57 16.52
CA MET B 560 -33.71 39.58 15.11
C MET B 560 -34.15 40.97 14.66
N ARG B 561 -35.04 41.62 15.41
CA ARG B 561 -35.61 42.88 14.94
C ARG B 561 -34.57 43.98 14.95
N LYS B 562 -33.52 43.84 15.77
CA LYS B 562 -32.45 44.84 15.79
C LYS B 562 -31.31 44.53 14.85
N HIS B 563 -31.34 43.40 14.17
CA HIS B 563 -30.27 43.01 13.23
C HIS B 563 -30.87 42.32 12.01
N PRO B 564 -31.61 43.08 11.19
CA PRO B 564 -32.11 42.51 9.94
C PRO B 564 -30.98 42.12 9.01
N GLU B 565 -29.80 42.66 9.18
CA GLU B 565 -28.68 42.26 8.34
C GLU B 565 -28.30 40.78 8.53
N VAL B 566 -28.74 40.14 9.61
CA VAL B 566 -28.17 38.84 9.96
C VAL B 566 -28.85 37.77 9.14
N ASP B 567 -28.06 36.90 8.50
CA ASP B 567 -28.63 35.80 7.74
C ASP B 567 -28.21 34.41 8.19
N VAL B 568 -27.29 34.28 9.14
CA VAL B 568 -26.90 32.99 9.68
C VAL B 568 -27.10 32.94 11.20
N LEU B 569 -27.62 31.82 11.69
CA LEU B 569 -27.57 31.54 13.12
C LEU B 569 -26.77 30.27 13.42
N ILE B 570 -25.84 30.38 14.35
CA ILE B 570 -25.05 29.25 14.83
C ILE B 570 -25.61 28.84 16.18
N ASN B 571 -26.16 27.64 16.25
CA ASN B 571 -26.83 27.20 17.46
C ASN B 571 -25.92 26.28 18.26
N PHE B 572 -25.48 26.74 19.43
CA PHE B 572 -24.71 25.94 20.36
C PHE B 572 -25.56 25.40 21.52
N ALA B 573 -26.88 25.51 21.45
CA ALA B 573 -27.74 24.97 22.48
C ALA B 573 -27.35 23.54 22.80
N SER B 574 -27.64 23.13 24.04
CA SER B 574 -27.50 21.75 24.46
C SER B 574 -28.50 20.87 23.74
N LEU B 575 -28.22 19.56 23.70
CA LEU B 575 -29.13 18.67 23.02
C LEU B 575 -30.55 18.79 23.57
N ARG B 576 -30.71 19.11 24.86
CA ARG B 576 -32.07 19.16 25.42
C ARG B 576 -32.86 20.36 24.92
N SER B 577 -32.17 21.45 24.59
CA SER B 577 -32.83 22.67 24.15
C SER B 577 -32.64 22.97 22.65
N ALA B 578 -31.85 22.15 21.93
CA ALA B 578 -31.50 22.47 20.55
C ALA B 578 -32.72 22.46 19.64
N TYR B 579 -33.62 21.53 19.88
CA TYR B 579 -34.75 21.36 18.99
C TYR B 579 -35.61 22.62 18.98
N ASP B 580 -35.98 23.11 20.16
CA ASP B 580 -36.87 24.26 20.27
C ASP B 580 -36.19 25.54 19.81
N SER B 581 -34.91 25.72 20.14
CA SER B 581 -34.27 26.94 19.67
C SER B 581 -34.15 26.93 18.14
N THR B 582 -34.05 25.75 17.50
CA THR B 582 -33.94 25.71 16.03
C THR B 582 -35.30 25.92 15.37
N MET B 583 -36.33 25.28 15.89
CA MET B 583 -37.67 25.54 15.34
C MET B 583 -38.05 27.01 15.51
N GLU B 584 -37.67 27.62 16.63
CA GLU B 584 -37.96 29.02 16.85
C GLU B 584 -37.20 29.91 15.87
N THR B 585 -35.90 29.64 15.66
CA THR B 585 -35.13 30.37 14.63
C THR B 585 -35.86 30.36 13.30
N MET B 586 -36.53 29.27 13.00
CA MET B 586 -37.10 29.09 11.68
C MET B 586 -38.41 29.84 11.49
N ASN B 587 -38.89 30.55 12.52
CA ASN B 587 -39.92 31.58 12.38
C ASN B 587 -39.38 32.92 11.89
N TYR B 588 -38.07 33.07 11.73
CA TYR B 588 -37.42 34.31 11.25
C TYR B 588 -36.84 34.08 9.85
N ALA B 589 -37.66 34.44 8.85
CA ALA B 589 -37.31 34.28 7.44
C ALA B 589 -36.00 34.94 7.09
N GLN B 590 -35.53 35.91 7.87
CA GLN B 590 -34.25 36.53 7.58
C GLN B 590 -33.08 35.55 7.74
N ILE B 591 -33.21 34.52 8.56
CA ILE B 591 -32.16 33.53 8.74
C ILE B 591 -32.33 32.48 7.67
N ARG B 592 -31.30 32.32 6.85
CA ARG B 592 -31.32 31.41 5.72
C ARG B 592 -30.46 30.15 5.94
N THR B 593 -29.49 30.20 6.84
CA THR B 593 -28.64 29.05 7.18
C THR B 593 -28.53 28.94 8.69
N ILE B 594 -28.75 27.73 9.21
CA ILE B 594 -28.58 27.38 10.63
C ILE B 594 -27.55 26.26 10.77
N ALA B 595 -26.53 26.47 11.59
CA ALA B 595 -25.63 25.40 12.01
C ALA B 595 -26.09 24.85 13.37
N ILE B 596 -26.34 23.54 13.43
CA ILE B 596 -26.79 22.92 14.67
C ILE B 596 -25.63 22.09 15.20
N ILE B 597 -25.02 22.53 16.31
CA ILE B 597 -23.75 21.95 16.76
C ILE B 597 -23.96 20.65 17.51
N ALA B 598 -24.98 20.59 18.36
CA ALA B 598 -25.11 19.55 19.36
C ALA B 598 -25.22 18.15 18.75
N GLU B 599 -24.47 17.22 19.32
CA GLU B 599 -24.69 15.80 19.13
C GLU B 599 -25.71 15.25 20.11
N GLY B 600 -26.42 14.22 19.69
CA GLY B 600 -27.35 13.54 20.55
C GLY B 600 -28.80 13.95 20.41
N ILE B 601 -29.17 14.64 19.35
CA ILE B 601 -30.59 14.96 19.17
C ILE B 601 -31.30 13.73 18.63
N PRO B 602 -32.39 13.26 19.25
CA PRO B 602 -33.11 12.11 18.70
C PRO B 602 -33.50 12.27 17.23
N GLU B 603 -33.35 11.16 16.50
CA GLU B 603 -33.53 11.19 15.07
C GLU B 603 -34.92 11.66 14.70
N ALA B 604 -35.93 11.25 15.49
CA ALA B 604 -37.30 11.70 15.25
C ALA B 604 -37.46 13.21 15.42
N LEU B 605 -36.67 13.81 16.33
CA LEU B 605 -36.72 15.24 16.47
C LEU B 605 -36.02 15.93 15.31
N THR B 606 -34.87 15.41 14.86
CA THR B 606 -34.19 16.02 13.72
C THR B 606 -35.02 15.91 12.43
N ARG B 607 -35.76 14.82 12.26
CA ARG B 607 -36.63 14.68 11.10
C ARG B 607 -37.65 15.83 11.02
N LYS B 608 -38.29 16.14 12.17
CA LYS B 608 -39.16 17.33 12.31
C LYS B 608 -38.44 18.64 11.99
N LEU B 609 -37.15 18.76 12.33
CA LEU B 609 -36.43 19.99 11.96
C LEU B 609 -36.24 20.07 10.47
N ILE B 610 -35.91 18.92 9.88
CA ILE B 610 -35.63 18.86 8.48
C ILE B 610 -36.89 19.22 7.73
N LYS B 611 -38.04 18.76 8.24
CA LYS B 611 -39.31 19.03 7.57
C LYS B 611 -39.61 20.53 7.53
N LYS B 612 -39.58 21.20 8.69
CA LYS B 612 -39.79 22.65 8.66
C LYS B 612 -38.73 23.34 7.80
N ALA B 613 -37.49 22.86 7.86
CA ALA B 613 -36.44 23.56 7.13
C ALA B 613 -36.69 23.51 5.65
N ASP B 614 -37.12 22.35 5.16
CA ASP B 614 -37.46 22.14 3.77
C ASP B 614 -38.69 22.97 3.38
N GLN B 615 -39.67 23.07 4.27
CA GLN B 615 -40.82 23.95 4.04
C GLN B 615 -40.43 25.43 3.95
N LYS B 616 -39.39 25.89 4.68
CA LYS B 616 -38.98 27.31 4.68
C LYS B 616 -37.84 27.63 3.72
N GLY B 617 -37.24 26.65 3.06
CA GLY B 617 -36.04 26.95 2.32
C GLY B 617 -34.79 27.25 3.11
N VAL B 618 -34.70 26.81 4.35
CA VAL B 618 -33.57 27.12 5.21
C VAL B 618 -32.54 25.99 5.10
N THR B 619 -31.28 26.33 4.86
CA THR B 619 -30.22 25.31 4.85
C THR B 619 -29.83 24.99 6.29
N ILE B 620 -29.94 23.71 6.68
CA ILE B 620 -29.44 23.22 7.98
C ILE B 620 -28.12 22.49 7.77
N ILE B 621 -27.08 22.97 8.45
CA ILE B 621 -25.80 22.28 8.58
C ILE B 621 -25.76 21.65 9.97
N GLY B 622 -25.76 20.32 10.02
CA GLY B 622 -25.83 19.58 11.26
C GLY B 622 -27.09 18.73 11.30
N PRO B 623 -27.43 18.19 12.48
CA PRO B 623 -26.73 18.30 13.77
C PRO B 623 -25.40 17.56 13.93
N ALA B 624 -24.94 17.53 15.19
CA ALA B 624 -23.70 16.86 15.58
C ALA B 624 -22.54 17.25 14.64
N THR B 625 -22.22 18.55 14.61
CA THR B 625 -21.08 18.99 13.81
C THR B 625 -20.38 20.18 14.46
N VAL B 626 -19.13 20.41 14.02
CA VAL B 626 -18.41 21.64 14.32
C VAL B 626 -18.79 22.73 13.32
N GLY B 627 -19.26 22.34 12.14
CA GLY B 627 -19.78 23.30 11.17
C GLY B 627 -19.10 23.24 9.82
N GLY B 628 -18.10 24.09 9.62
CA GLY B 628 -17.58 24.29 8.27
C GLY B 628 -16.87 25.63 8.19
N ILE B 629 -16.26 25.87 7.02
CA ILE B 629 -15.34 27.00 6.90
C ILE B 629 -15.27 27.48 5.44
N LYS B 630 -15.14 28.80 5.27
CA LYS B 630 -14.97 29.39 3.94
C LYS B 630 -13.84 30.41 4.03
N PRO B 631 -12.62 30.00 3.68
CA PRO B 631 -11.44 30.89 3.82
C PRO B 631 -11.65 32.23 3.13
N GLY B 632 -11.28 33.30 3.84
CA GLY B 632 -11.51 34.65 3.37
C GLY B 632 -12.84 35.24 3.80
N CYS B 633 -13.79 34.42 4.25
CA CYS B 633 -15.18 34.85 4.31
C CYS B 633 -15.82 34.62 5.69
N PHE B 634 -15.91 33.39 6.16
CA PHE B 634 -16.72 33.07 7.33
C PHE B 634 -16.38 31.69 7.86
N LYS B 635 -16.46 31.51 9.18
CA LYS B 635 -16.34 30.14 9.67
C LYS B 635 -17.33 29.92 10.79
N ILE B 636 -17.82 28.69 10.89
CA ILE B 636 -18.82 28.33 11.86
C ILE B 636 -18.15 27.99 13.18
N GLY B 637 -18.30 28.86 14.17
CA GLY B 637 -17.93 28.52 15.52
C GLY B 637 -16.48 28.11 15.60
N ASN B 638 -16.23 26.92 16.15
CA ASN B 638 -14.90 26.39 16.38
C ASN B 638 -14.25 25.75 15.14
N THR B 639 -14.87 25.75 13.96
CA THR B 639 -14.21 25.10 12.82
C THR B 639 -12.84 25.70 12.58
N GLY B 640 -11.86 24.84 12.29
CA GLY B 640 -10.51 25.30 12.04
C GLY B 640 -9.74 25.77 13.25
N GLY B 641 -10.40 25.99 14.37
CA GLY B 641 -9.67 26.14 15.62
C GLY B 641 -8.95 27.47 15.75
N MET B 642 -7.76 27.41 16.35
CA MET B 642 -7.04 28.60 16.76
C MET B 642 -6.30 29.23 15.57
N LEU B 643 -5.68 30.37 15.87
CA LEU B 643 -5.02 31.18 14.85
C LEU B 643 -3.89 30.41 14.18
N ASP B 644 -3.09 29.68 14.96
CA ASP B 644 -1.90 29.06 14.36
C ASP B 644 -2.29 28.01 13.33
N ASN B 645 -3.41 27.31 13.55
CA ASN B 645 -3.88 26.35 12.53
C ASN B 645 -4.48 27.07 11.33
N ILE B 646 -5.18 28.19 11.56
CA ILE B 646 -5.71 28.97 10.45
C ILE B 646 -4.56 29.44 9.55
N LEU B 647 -3.44 29.88 10.12
CA LEU B 647 -2.31 30.26 9.29
C LEU B 647 -1.68 29.04 8.63
N ALA B 648 -1.32 28.03 9.44
CA ALA B 648 -0.73 26.78 8.97
C ALA B 648 -1.44 26.22 7.73
N SER B 649 -2.73 26.01 7.81
CA SER B 649 -3.44 25.50 6.64
C SER B 649 -3.89 26.62 5.71
N LYS B 650 -3.41 27.86 5.91
CA LYS B 650 -3.65 28.96 4.97
C LYS B 650 -5.14 29.20 4.71
N LEU B 651 -5.95 29.04 5.75
CA LEU B 651 -7.39 29.21 5.64
C LEU B 651 -7.84 30.67 5.69
N TYR B 652 -6.93 31.64 5.58
CA TYR B 652 -7.29 33.05 5.60
C TYR B 652 -7.55 33.60 4.19
N ARG B 653 -7.25 32.82 3.16
CA ARG B 653 -7.52 33.22 1.78
C ARG B 653 -7.98 31.97 1.04
N PRO B 654 -8.70 32.13 -0.06
CA PRO B 654 -9.23 30.98 -0.78
C PRO B 654 -8.27 30.34 -1.78
N GLY B 655 -8.49 29.04 -2.02
CA GLY B 655 -7.95 28.34 -3.16
C GLY B 655 -9.09 27.81 -4.00
N SER B 656 -8.93 26.65 -4.64
CA SER B 656 -9.89 26.15 -5.63
C SER B 656 -10.61 24.85 -5.27
N VAL B 657 -10.36 24.28 -4.09
CA VAL B 657 -10.83 22.94 -3.75
C VAL B 657 -11.95 23.04 -2.73
N ALA B 658 -13.08 22.44 -3.04
CA ALA B 658 -14.21 22.43 -2.15
C ALA B 658 -14.36 21.01 -1.63
N TYR B 659 -14.73 20.87 -0.34
CA TYR B 659 -14.97 19.55 0.21
C TYR B 659 -16.22 19.50 1.10
N VAL B 660 -16.64 18.27 1.33
CA VAL B 660 -17.65 17.96 2.30
C VAL B 660 -17.31 16.61 2.96
N SER B 661 -17.42 16.56 4.29
CA SER B 661 -17.29 15.33 5.06
C SER B 661 -18.45 15.19 6.03
N ARG B 662 -18.63 13.99 6.58
CA ARG B 662 -19.51 13.88 7.75
C ARG B 662 -18.79 14.42 8.98
N SER B 663 -17.51 14.09 9.14
CA SER B 663 -16.77 14.32 10.38
C SER B 663 -16.16 15.71 10.48
N GLY B 664 -16.22 16.30 11.68
CA GLY B 664 -15.62 17.60 11.96
C GLY B 664 -14.12 17.54 12.12
N GLY B 665 -13.62 16.57 12.88
CA GLY B 665 -12.17 16.46 13.07
C GLY B 665 -11.45 16.20 11.77
N MET B 666 -11.99 15.30 10.94
CA MET B 666 -11.41 14.97 9.65
C MET B 666 -11.52 16.10 8.64
N SER B 667 -12.49 17.03 8.77
CA SER B 667 -12.53 18.21 7.89
C SER B 667 -11.36 19.12 8.17
N ASN B 668 -10.87 19.15 9.41
CA ASN B 668 -9.64 19.91 9.67
C ASN B 668 -8.41 19.18 9.17
N GLU B 669 -8.50 17.86 9.06
CA GLU B 669 -7.43 17.09 8.46
C GLU B 669 -7.46 17.31 6.96
N LEU B 670 -8.66 17.33 6.37
CA LEU B 670 -8.74 17.77 4.98
C LEU B 670 -8.17 19.17 4.82
N ASN B 671 -8.51 20.11 5.71
CA ASN B 671 -7.94 21.45 5.60
C ASN B 671 -6.44 21.37 5.45
N ASN B 672 -5.80 20.57 6.31
CA ASN B 672 -4.34 20.44 6.31
C ASN B 672 -3.84 19.79 5.02
N ILE B 673 -4.46 18.68 4.64
CA ILE B 673 -4.05 17.91 3.45
C ILE B 673 -4.21 18.77 2.20
N ILE B 674 -5.36 19.46 2.08
CA ILE B 674 -5.65 20.30 0.93
C ILE B 674 -4.74 21.52 0.90
N SER B 675 -4.39 22.08 2.07
CA SER B 675 -3.46 23.22 2.03
C SER B 675 -2.07 22.78 1.59
N ARG B 676 -1.72 21.51 1.82
CA ARG B 676 -0.38 21.08 1.44
C ARG B 676 -0.29 20.72 -0.03
N THR B 677 -1.39 20.30 -0.66
CA THR B 677 -1.37 19.72 -2.00
C THR B 677 -2.01 20.57 -3.10
N THR B 678 -2.59 21.74 -2.78
CA THR B 678 -3.29 22.50 -3.74
C THR B 678 -3.09 23.99 -3.46
N ASP B 679 -3.79 24.84 -4.24
CA ASP B 679 -3.87 26.25 -3.84
C ASP B 679 -4.56 26.44 -2.48
N GLY B 680 -5.31 25.44 -1.99
CA GLY B 680 -5.95 25.50 -0.69
C GLY B 680 -7.46 25.36 -0.82
N VAL B 681 -8.12 25.46 0.33
CA VAL B 681 -9.55 25.21 0.45
C VAL B 681 -10.35 26.42 -0.04
N TYR B 682 -11.40 26.19 -0.83
CA TYR B 682 -12.37 27.24 -1.16
C TYR B 682 -13.52 27.23 -0.19
N GLU B 683 -14.09 26.05 0.04
CA GLU B 683 -15.13 25.91 1.04
C GLU B 683 -15.10 24.48 1.54
N GLY B 684 -15.24 24.32 2.85
CA GLY B 684 -15.53 23.03 3.44
C GLY B 684 -16.75 23.04 4.36
N VAL B 685 -17.49 21.96 4.32
CA VAL B 685 -18.63 21.70 5.18
C VAL B 685 -18.51 20.30 5.76
N ALA B 686 -18.81 20.18 7.04
CA ALA B 686 -19.03 18.90 7.68
C ALA B 686 -20.51 18.82 7.99
N ILE B 687 -21.18 17.84 7.38
CA ILE B 687 -22.62 17.73 7.53
C ILE B 687 -23.02 17.06 8.83
N GLY B 688 -22.07 16.48 9.54
CA GLY B 688 -22.31 15.87 10.84
C GLY B 688 -22.61 14.38 10.77
N GLY B 689 -22.55 13.72 11.95
CA GLY B 689 -22.55 12.27 12.05
C GLY B 689 -23.91 11.61 12.16
N ASP B 690 -24.97 12.41 12.24
CA ASP B 690 -26.26 11.86 12.59
C ASP B 690 -26.87 11.10 11.41
N ARG B 691 -27.91 10.31 11.71
CA ARG B 691 -28.46 9.46 10.68
C ARG B 691 -29.14 10.27 9.57
N TYR B 692 -29.77 11.39 9.93
CA TYR B 692 -30.52 12.24 9.00
C TYR B 692 -29.94 13.63 9.10
N PRO B 693 -28.88 13.93 8.33
CA PRO B 693 -28.28 15.26 8.39
C PRO B 693 -29.17 16.29 7.74
N GLY B 694 -29.04 17.53 8.22
CA GLY B 694 -29.91 18.60 7.76
C GLY B 694 -29.69 18.91 6.30
N SER B 695 -28.46 18.81 5.86
CA SER B 695 -28.10 18.91 4.45
C SER B 695 -27.16 17.75 4.14
N THR B 696 -27.35 17.13 2.98
CA THR B 696 -26.64 15.93 2.56
C THR B 696 -25.40 16.25 1.71
N PHE B 697 -24.62 15.19 1.42
CA PHE B 697 -23.46 15.29 0.55
C PHE B 697 -23.85 15.95 -0.77
N MET B 698 -24.83 15.36 -1.42
CA MET B 698 -25.29 15.86 -2.71
C MET B 698 -25.75 17.31 -2.66
N ASP B 699 -26.46 17.74 -1.61
CA ASP B 699 -26.82 19.15 -1.53
C ASP B 699 -25.59 20.02 -1.72
N HIS B 700 -24.56 19.70 -1.01
CA HIS B 700 -23.37 20.52 -1.06
C HIS B 700 -22.57 20.33 -2.33
N VAL B 701 -22.55 19.11 -2.89
CA VAL B 701 -21.76 18.91 -4.10
C VAL B 701 -22.38 19.69 -5.24
N LEU B 702 -23.72 19.82 -5.24
CA LEU B 702 -24.44 20.62 -6.22
C LEU B 702 -24.07 22.10 -6.11
N ARG B 703 -24.10 22.65 -4.89
CA ARG B 703 -23.60 24.01 -4.68
C ARG B 703 -22.20 24.18 -5.27
N TYR B 704 -21.31 23.23 -4.98
CA TYR B 704 -19.94 23.39 -5.47
C TYR B 704 -19.88 23.33 -6.99
N GLN B 705 -20.70 22.47 -7.61
CA GLN B 705 -20.77 22.41 -9.06
C GLN B 705 -21.19 23.75 -9.67
N ASP B 706 -22.13 24.44 -9.01
CA ASP B 706 -22.68 25.70 -9.50
C ASP B 706 -21.92 26.91 -9.01
N THR B 707 -20.72 26.72 -8.48
CA THR B 707 -19.91 27.80 -7.92
C THR B 707 -18.68 27.99 -8.78
N PRO B 708 -18.58 29.11 -9.50
CA PRO B 708 -17.48 29.26 -10.47
C PRO B 708 -16.08 29.10 -9.91
N GLY B 709 -15.80 29.68 -8.76
CA GLY B 709 -14.44 29.63 -8.21
C GLY B 709 -14.03 28.25 -7.72
N VAL B 710 -14.96 27.31 -7.60
CA VAL B 710 -14.65 25.90 -7.30
C VAL B 710 -14.26 25.19 -8.58
N LYS B 711 -13.07 24.57 -8.59
CA LYS B 711 -12.59 23.81 -9.74
C LYS B 711 -12.44 22.30 -9.49
N MET B 712 -12.38 21.83 -8.23
CA MET B 712 -12.43 20.40 -7.95
C MET B 712 -13.06 20.23 -6.59
N ILE B 713 -13.68 19.08 -6.39
CA ILE B 713 -14.48 18.77 -5.22
C ILE B 713 -13.99 17.47 -4.55
N VAL B 714 -13.84 17.50 -3.23
CA VAL B 714 -13.36 16.35 -2.45
C VAL B 714 -14.47 15.95 -1.47
N VAL B 715 -14.95 14.72 -1.58
CA VAL B 715 -15.97 14.16 -0.70
C VAL B 715 -15.31 13.08 0.19
N LEU B 716 -15.45 13.22 1.52
CA LEU B 716 -15.03 12.17 2.47
C LEU B 716 -16.29 11.49 3.00
N GLY B 717 -16.64 10.36 2.36
CA GLY B 717 -17.84 9.64 2.68
C GLY B 717 -17.58 8.56 3.71
N GLU B 718 -18.56 7.67 3.86
CA GLU B 718 -18.59 6.83 5.04
C GLU B 718 -19.55 5.67 4.83
N ILE B 719 -19.20 4.52 5.42
CA ILE B 719 -20.09 3.38 5.44
C ILE B 719 -21.47 3.83 5.89
N GLY B 720 -22.51 3.24 5.30
CA GLY B 720 -23.86 3.49 5.78
C GLY B 720 -24.70 4.43 4.92
N GLY B 721 -25.90 3.99 4.58
CA GLY B 721 -26.77 4.77 3.72
C GLY B 721 -26.32 4.68 2.30
N THR B 722 -27.06 5.34 1.41
CA THR B 722 -26.76 5.29 -0.03
C THR B 722 -26.61 6.66 -0.64
N GLU B 723 -26.28 7.67 0.16
CA GLU B 723 -26.19 9.02 -0.37
C GLU B 723 -25.20 9.10 -1.53
N GLU B 724 -24.03 8.51 -1.37
CA GLU B 724 -22.95 8.68 -2.34
C GLU B 724 -23.34 8.21 -3.73
N TYR B 725 -24.28 7.27 -3.85
CA TYR B 725 -24.76 6.86 -5.17
C TYR B 725 -25.47 7.98 -5.93
N LYS B 726 -25.91 9.04 -5.24
CA LYS B 726 -26.46 10.22 -5.92
C LYS B 726 -25.37 11.01 -6.62
N ILE B 727 -24.15 10.98 -6.09
CA ILE B 727 -23.03 11.51 -6.85
C ILE B 727 -22.88 10.73 -8.14
N CYS B 728 -22.77 9.40 -8.05
CA CYS B 728 -22.67 8.60 -9.26
C CYS B 728 -23.74 9.01 -10.29
N ARG B 729 -25.00 9.14 -9.86
CA ARG B 729 -26.06 9.46 -10.83
C ARG B 729 -25.89 10.87 -11.39
N GLY B 730 -25.62 11.85 -10.54
CA GLY B 730 -25.32 13.20 -11.04
C GLY B 730 -24.26 13.25 -12.11
N ILE B 731 -23.25 12.39 -12.03
CA ILE B 731 -22.24 12.38 -13.09
C ILE B 731 -22.82 11.78 -14.36
N LYS B 732 -23.50 10.64 -14.25
CA LYS B 732 -24.05 9.97 -15.41
C LYS B 732 -25.12 10.81 -16.10
N GLU B 733 -25.86 11.60 -15.33
CA GLU B 733 -26.89 12.43 -15.91
C GLU B 733 -26.34 13.73 -16.48
N GLY B 734 -25.07 14.01 -16.32
CA GLY B 734 -24.59 15.29 -16.74
C GLY B 734 -24.78 16.46 -15.80
N ARG B 735 -25.25 16.26 -14.56
CA ARG B 735 -25.41 17.36 -13.61
C ARG B 735 -24.09 17.72 -12.93
N LEU B 736 -23.26 16.72 -12.64
CA LEU B 736 -21.93 16.93 -12.06
C LEU B 736 -20.85 16.75 -13.11
N THR B 737 -19.89 17.68 -13.17
CA THR B 737 -18.91 17.68 -14.24
C THR B 737 -17.54 18.10 -13.81
N LYS B 738 -17.40 18.83 -12.71
CA LYS B 738 -16.06 19.10 -12.24
C LYS B 738 -15.45 17.81 -11.75
N PRO B 739 -14.16 17.79 -11.53
CA PRO B 739 -13.51 16.60 -10.99
C PRO B 739 -13.85 16.42 -9.51
N ILE B 740 -14.30 15.22 -9.17
CA ILE B 740 -14.61 14.83 -7.80
C ILE B 740 -13.61 13.75 -7.37
N VAL B 741 -12.96 13.98 -6.23
CA VAL B 741 -12.17 12.98 -5.51
C VAL B 741 -13.00 12.52 -4.32
N CYS B 742 -13.08 11.21 -4.12
CA CYS B 742 -13.88 10.64 -3.04
C CYS B 742 -13.24 9.37 -2.45
N TRP B 743 -13.28 9.28 -1.10
CA TRP B 743 -12.95 8.07 -0.33
C TRP B 743 -14.05 7.85 0.70
N CYS B 744 -14.62 6.63 0.75
CA CYS B 744 -15.55 6.24 1.79
C CYS B 744 -14.85 5.45 2.91
N ILE B 745 -14.91 5.96 4.14
CA ILE B 745 -14.25 5.31 5.27
C ILE B 745 -15.18 4.22 5.82
N GLY B 746 -14.58 3.29 6.57
CA GLY B 746 -15.28 2.12 7.10
C GLY B 746 -15.07 0.80 6.35
N THR B 747 -14.00 0.67 5.55
CA THR B 747 -13.75 -0.57 4.85
C THR B 747 -13.44 -1.74 5.78
N CYS B 748 -13.02 -1.49 7.02
CA CYS B 748 -12.74 -2.59 7.95
C CYS B 748 -14.00 -3.30 8.40
N ALA B 749 -15.17 -2.65 8.29
CA ALA B 749 -16.38 -3.16 8.93
C ALA B 749 -16.72 -4.56 8.46
N THR B 750 -16.39 -4.89 7.21
CA THR B 750 -16.70 -6.21 6.66
C THR B 750 -15.77 -7.29 7.22
N MET B 751 -14.60 -6.90 7.74
CA MET B 751 -13.62 -7.83 8.27
C MET B 751 -13.98 -8.34 9.65
N PHE B 752 -14.97 -7.74 10.29
CA PHE B 752 -15.37 -8.17 11.61
C PHE B 752 -16.34 -9.35 11.52
N SER B 753 -16.29 -10.21 12.53
CA SER B 753 -17.22 -11.34 12.62
C SER B 753 -18.60 -10.93 13.11
N SER B 754 -18.70 -9.84 13.89
CA SER B 754 -19.95 -9.22 14.30
C SER B 754 -19.98 -7.80 13.79
N GLU B 755 -21.19 -7.28 13.55
CA GLU B 755 -21.31 -5.88 13.16
C GLU B 755 -20.80 -4.97 14.28
N VAL B 756 -20.20 -3.86 13.92
CA VAL B 756 -19.69 -2.91 14.90
C VAL B 756 -20.29 -1.54 14.62
N GLN B 757 -20.98 -0.99 15.61
CA GLN B 757 -21.54 0.36 15.52
C GLN B 757 -20.43 1.36 15.77
N PHE B 758 -20.08 2.13 14.74
CA PHE B 758 -19.02 3.12 14.86
C PHE B 758 -19.54 4.36 15.61
N GLY B 759 -18.67 5.37 15.74
CA GLY B 759 -19.05 6.58 16.46
C GLY B 759 -20.27 7.28 15.86
N HIS B 760 -20.27 7.51 14.54
CA HIS B 760 -21.33 8.30 13.94
C HIS B 760 -22.63 7.48 13.89
N ALA B 761 -23.72 8.09 14.30
CA ALA B 761 -24.98 7.38 14.34
C ALA B 761 -25.35 6.81 12.97
N GLY B 762 -25.03 7.52 11.88
CA GLY B 762 -25.35 7.03 10.56
C GLY B 762 -24.56 5.82 10.09
N ALA B 763 -23.47 5.46 10.78
CA ALA B 763 -22.48 4.55 10.19
C ALA B 763 -22.86 3.07 10.30
N CYS B 764 -24.15 2.77 10.17
CA CYS B 764 -24.67 1.41 10.21
C CYS B 764 -25.06 1.03 8.79
N ALA B 765 -24.48 -0.08 8.29
CA ALA B 765 -24.73 -0.55 6.93
C ALA B 765 -25.86 -1.57 6.92
N ASN B 766 -27.00 -1.20 6.34
CA ASN B 766 -28.20 -2.03 6.33
C ASN B 766 -28.37 -2.89 5.08
N GLN B 767 -27.62 -2.64 4.01
CA GLN B 767 -27.61 -3.56 2.87
C GLN B 767 -26.20 -3.59 2.28
N ALA B 768 -25.98 -4.55 1.37
CA ALA B 768 -24.65 -4.75 0.80
C ALA B 768 -24.12 -3.50 0.12
N SER B 769 -25.01 -2.65 -0.39
CA SER B 769 -24.56 -1.48 -1.11
C SER B 769 -24.09 -0.37 -0.19
N GLU B 770 -24.38 -0.46 1.10
CA GLU B 770 -24.04 0.57 2.08
C GLU B 770 -22.64 0.44 2.64
N THR B 771 -21.88 -0.59 2.25
CA THR B 771 -20.51 -0.76 2.73
C THR B 771 -19.58 0.25 2.05
N ALA B 772 -18.55 0.68 2.78
CA ALA B 772 -17.55 1.56 2.19
C ALA B 772 -16.96 0.94 0.93
N VAL B 773 -16.73 -0.37 0.94
CA VAL B 773 -16.09 -1.02 -0.19
C VAL B 773 -16.99 -0.98 -1.41
N ALA B 774 -18.29 -1.26 -1.24
CA ALA B 774 -19.19 -1.21 -2.38
C ALA B 774 -19.27 0.21 -2.95
N LYS B 775 -19.37 1.20 -2.06
CA LYS B 775 -19.52 2.57 -2.51
C LYS B 775 -18.27 3.04 -3.24
N ASN B 776 -17.09 2.82 -2.65
CA ASN B 776 -15.85 3.15 -3.35
C ASN B 776 -15.78 2.51 -4.73
N GLN B 777 -16.26 1.27 -4.86
CA GLN B 777 -16.20 0.62 -6.16
C GLN B 777 -17.18 1.27 -7.14
N ALA B 778 -18.42 1.55 -6.70
CA ALA B 778 -19.39 2.16 -7.60
C ALA B 778 -18.94 3.54 -8.02
N LEU B 779 -18.42 4.32 -7.09
CA LEU B 779 -17.97 5.66 -7.40
C LEU B 779 -16.85 5.63 -8.44
N LYS B 780 -15.90 4.69 -8.31
CA LYS B 780 -14.77 4.66 -9.24
C LYS B 780 -15.23 4.31 -10.66
N GLU B 781 -16.16 3.36 -10.78
CA GLU B 781 -16.71 3.03 -12.09
C GLU B 781 -17.45 4.20 -12.75
N ALA B 782 -18.11 5.05 -11.96
CA ALA B 782 -18.78 6.23 -12.51
C ALA B 782 -17.82 7.37 -12.86
N GLY B 783 -16.51 7.19 -12.68
CA GLY B 783 -15.55 8.21 -13.04
C GLY B 783 -15.08 9.10 -11.92
N VAL B 784 -15.49 8.84 -10.68
CA VAL B 784 -14.93 9.54 -9.54
C VAL B 784 -13.50 9.10 -9.31
N PHE B 785 -12.64 10.03 -8.90
CA PHE B 785 -11.27 9.69 -8.57
C PHE B 785 -11.19 9.17 -7.13
N VAL B 786 -10.86 7.89 -6.99
CA VAL B 786 -10.92 7.18 -5.71
C VAL B 786 -9.53 6.64 -5.43
N PRO B 787 -8.88 6.97 -4.30
CA PRO B 787 -7.60 6.36 -3.98
C PRO B 787 -7.81 4.94 -3.46
N ARG B 788 -6.69 4.23 -3.27
CA ARG B 788 -6.75 2.87 -2.77
C ARG B 788 -7.14 2.82 -1.31
N SER B 789 -6.83 3.87 -0.57
CA SER B 789 -7.09 3.94 0.86
C SER B 789 -6.92 5.38 1.28
N PHE B 790 -7.37 5.68 2.50
CA PHE B 790 -7.26 7.04 2.97
C PHE B 790 -5.83 7.54 2.95
N ASP B 791 -4.82 6.68 3.28
CA ASP B 791 -3.48 7.33 3.34
C ASP B 791 -2.92 7.63 1.89
N GLU B 792 -3.69 7.42 0.83
CA GLU B 792 -3.37 7.87 -0.53
C GLU B 792 -4.37 8.90 -1.05
N LEU B 793 -5.20 9.47 -0.21
CA LEU B 793 -6.09 10.54 -0.66
C LEU B 793 -5.31 11.80 -0.97
N GLY B 794 -4.38 12.15 -0.11
CA GLY B 794 -3.54 13.32 -0.35
C GLY B 794 -2.78 13.24 -1.66
N GLU B 795 -2.29 12.05 -2.00
CA GLU B 795 -1.61 11.85 -3.28
C GLU B 795 -2.58 12.13 -4.45
N ILE B 796 -3.76 11.49 -4.46
CA ILE B 796 -4.64 11.67 -5.61
C ILE B 796 -5.14 13.12 -5.70
N ILE B 797 -5.38 13.77 -4.57
CA ILE B 797 -5.81 15.17 -4.61
C ILE B 797 -4.74 16.02 -5.27
N GLN B 798 -3.49 15.72 -4.97
CA GLN B 798 -2.40 16.48 -5.55
C GLN B 798 -2.34 16.26 -7.05
N SER B 799 -2.52 15.03 -7.51
CA SER B 799 -2.29 14.74 -8.92
C SER B 799 -3.40 15.34 -9.77
N VAL B 800 -4.64 15.30 -9.27
CA VAL B 800 -5.74 15.91 -9.98
C VAL B 800 -5.54 17.42 -10.08
N TYR B 801 -5.19 18.04 -8.96
CA TYR B 801 -4.90 19.47 -8.95
C TYR B 801 -3.83 19.82 -9.98
N GLU B 802 -2.80 18.97 -10.06
CA GLU B 802 -1.71 19.21 -10.97
C GLU B 802 -2.17 19.13 -12.42
N ASP B 803 -3.13 18.25 -12.74
CA ASP B 803 -3.70 18.20 -14.07
C ASP B 803 -4.41 19.50 -14.41
N LEU B 804 -5.17 20.04 -13.46
CA LEU B 804 -5.95 21.25 -13.74
C LEU B 804 -5.05 22.47 -13.85
N VAL B 805 -3.97 22.50 -13.07
CA VAL B 805 -3.00 23.55 -13.31
C VAL B 805 -2.42 23.39 -14.72
N ALA B 806 -2.05 22.16 -15.09
CA ALA B 806 -1.43 21.93 -16.40
C ALA B 806 -2.41 22.22 -17.51
N ASN B 807 -3.69 22.11 -17.24
CA ASN B 807 -4.69 22.34 -18.28
C ASN B 807 -5.19 23.78 -18.31
N GLY B 808 -4.65 24.68 -17.51
CA GLY B 808 -5.12 26.04 -17.50
C GLY B 808 -6.34 26.33 -16.67
N VAL B 809 -6.98 25.29 -16.11
CA VAL B 809 -8.18 25.48 -15.29
C VAL B 809 -7.88 26.20 -13.98
N ILE B 810 -6.73 25.94 -13.38
CA ILE B 810 -6.34 26.61 -12.15
C ILE B 810 -5.05 27.38 -12.42
N VAL B 811 -5.05 28.64 -12.04
CA VAL B 811 -3.92 29.54 -12.23
C VAL B 811 -3.51 30.05 -10.85
N PRO B 812 -2.48 29.47 -10.24
CA PRO B 812 -2.13 29.84 -8.85
C PRO B 812 -1.53 31.23 -8.75
N ALA B 813 -1.42 31.69 -7.50
CA ALA B 813 -0.93 33.02 -7.15
C ALA B 813 0.44 32.92 -6.46
C 7A2 C . 22.54 6.24 -12.18
O 7A2 C . 22.89 7.07 -13.05
C1 7A2 C . 23.19 4.87 -12.05
C2 7A2 C . 24.72 4.93 -11.88
C3 7A2 C . 25.01 6.04 -10.87
C4 7A2 C . 25.40 3.63 -11.35
C5 7A2 C . 26.91 3.84 -11.32
O1 7A2 C . 21.63 6.47 -11.34
O2 7A2 C . 25.30 5.28 -13.12
O3 7A2 C . 25.65 7.00 -11.36
O4 7A2 C . 24.62 5.97 -9.68
O5 7A2 C . 25.12 2.56 -12.24
O6 7A2 C . 27.47 4.77 -10.67
O7 7A2 C . 27.53 3.01 -11.99
H2 7A2 C . 22.73 4.36 -11.20
H3 7A2 C . 22.95 4.26 -12.91
H 7A2 C . 25.00 3.40 -10.35
H4 7A2 C . 24.58 5.45 -13.78
H6 7A2 C . 25.19 1.72 -11.72
P PO4 D . 22.90 -0.19 -11.04
O1 PO4 D . 23.82 -1.27 -10.52
O2 PO4 D . 22.87 -0.23 -12.57
O3 PO4 D . 23.42 1.17 -10.66
O4 PO4 D . 21.54 -0.32 -10.42
NA NA E . 28.10 -0.33 -23.31
C 7A2 F . -11.06 15.92 17.99
O 7A2 F . -10.20 15.64 17.10
C1 7A2 F . -12.50 15.82 17.53
C2 7A2 F . -13.32 17.12 17.63
C3 7A2 F . -12.40 18.25 17.18
C4 7A2 F . -14.58 17.16 16.71
C5 7A2 F . -15.23 18.52 16.91
O1 7A2 F . -10.74 16.25 19.15
O2 7A2 F . -13.62 17.31 19.01
O3 7A2 F . -12.09 19.03 18.12
O4 7A2 F . -12.02 18.38 15.99
O5 7A2 F . -15.59 16.20 16.98
O6 7A2 F . -16.25 18.63 17.63
O7 7A2 F . -14.67 19.47 16.29
H2 7A2 F . -12.98 15.03 18.09
H3 7A2 F . -12.52 15.47 16.49
H 7A2 F . -14.25 17.03 15.69
H4 7A2 F . -13.05 16.70 19.55
H6 7A2 F . -16.18 16.15 16.18
P PO4 G . -16.08 13.43 14.44
O1 PO4 G . -15.14 12.62 13.58
O2 PO4 G . -15.33 14.74 14.62
O3 PO4 G . -16.41 12.79 15.79
O4 PO4 G . -17.44 13.66 13.80
NA NA H . -22.51 12.48 25.87
#